data_2YEV
#
_entry.id   2YEV
#
_cell.length_a   127.250
_cell.length_b   76.030
_cell.length_c   300.267
_cell.angle_alpha   90.00
_cell.angle_beta   92.21
_cell.angle_gamma   90.00
#
_symmetry.space_group_name_H-M   'I 1 2 1'
#
loop_
_entity.id
_entity.type
_entity.pdbx_description
1 polymer 'CYTOCHROME C OXIDASE POLYPEPTIDE I+III'
2 polymer 'CYTOCHROME C OXIDASE SUBUNIT 2'
3 polymer 'CAA3-TYPE CYTOCHROME OXIDASE SUBUNIT IV'
4 non-polymer '(1R,4S,6R)-6-({[2-(ACETYLAMINO)-2-DEOXY-ALPHA-D-GLUCOPYRANOSYL]OXY}METHYL)-4-HYDROXY-1-{[(15-METHYLHEXADECANOYL)OXY]METHYL}-4-OXIDO-7-OXO-3,5-DIOXA-8-AZA-4-PHOSPHAHEPTACOS-1-YL 15-METHYLHEXADECANOATE'
5 non-polymer HEME-AS
6 non-polymer 'COPPER (II) ION'
7 non-polymer '(2R)-3-HYDROXYPROPANE-1,2-DIYL DIHEXADECANOATE'
8 non-polymer '(2R)-2,3-DIHYDROXYPROPYL (7Z)-TETRADEC-7-ENOATE'
9 non-polymer 'MAGNESIUM ION'
10 non-polymer 'DINUCLEAR COPPER ION'
11 non-polymer 'HEME C'
12 non-polymer '1,3-DIHYDROXYPROPAN-2-YL (Z)-TETRADEC-7-ENOATE'
13 non-polymer 'CHLORIDE ION'
14 water water
#
loop_
_entity_poly.entity_id
_entity_poly.type
_entity_poly.pdbx_seq_one_letter_code
_entity_poly.pdbx_strand_id
1 'polypeptide(L)'
;MAITAKPKAGVWAVLWDLLTTVDHKKIGLMYTATAFFAFALAGVFSLLIRTQLAVPNNQFLTGEQYNQILTLHGATMLFF
FIIQAGLTGFGNFVVPLMLGARDVALPRVNAFSYWAFLGAIVLALMSYFFPGGAPSVGWTFYYPFSAQSESGVDFYLAAI
LLLGFSSLLGNANFVATIYNLRAQGMSLWKMPIYVWSVFAASVLNLFSLAGLTAATLLVLLERKIGLSWFNPAVGGDPVL
FQQFFWFYSHPTVYVMLLPYLGILAEVASTFARKPLFGYRQMVWAQMGIVVLGTMVWAHHMFTVGESTLFQIAFAFFTAL
IAVPTGVKLFNIIGTLWGGKLQMKTPLYWVLGFIFNFLLGGITGVMLSMTPLDYQFHDSYFVVAHFHNVLMAGSGFGAFA
GLYYWWPKMTGRMYDERLGRLHFWLFLVGYLLTFLPQYALGYLGMPRRYYTYNADIAGWPELNLLSTIGAYILGLGGLVW
IYTMWKSLRSGPKAPDNPWGGYTLEWLTASPPKAHNFDVKLPTEFPSERPLYDWKKKGVELKPEDPAHIHLPNSSFWPFY
SAATLFAFFVAVAALPVPNVWMWVFLALFAYGLVRWALEDEYSHPVEHHTVTGKSNAWMGMAWFIVSEVGLFAILIAGYL
YLRLSGAATPPEERPALWLALLNTFLLVSSSFTVHFAHHDLRRGRFNPFRFGLLVTIILGVLFFLVQSWEFYQFYHHSSW
QENLWTAAFFTIVGLHGLHVVIGGFGLILAYLQALRGKITLHNHGTLEAASMYWHLVDAVWLVIVTIFYVW
;
A,D
2 'polypeptide(L)'
;MQRSFAALGLWGLSLAQEAHRVAITHPGGSFNQEVAFLFPWVYFFSFLIFLVVAGSLAYVTWKFRARPEDQEEPPQIHGN
DRLEVVWTLIPLAIVFVLFGLTAKALIQVNRPIPGAMKVEVTGYQFWWDFHYPELGLRNSNELVLPAGVPVELEITSKDV
IHSFWVPGLAGKRDAIPGQTTRISFEPKEPGLYYGFCAELCGASHARMLFRVVVLPKEEFDRFVEAAKASPAPVADERGQ
QVFQQNCAACHGVARSMPPAVIGPELGLWGNRTSLGAGIVENTPENLKAWIRDPAGMKPGVKMPGFPQLSEEDLDALVRY
LEGLKVEGFDFGALPKF
;
B,E
3 'polypeptide(L)' (FME)VYIALFALGAALVTLFFYLILNPRVLTTEGETFDLRFVLFMLLLILLAAGTVALMLLIGKAHHLL C,F
#
# COMPACT_ATOMS: atom_id res chain seq x y z
N TRP A 12 -31.26 -10.86 -50.06
CA TRP A 12 -31.67 -11.86 -49.07
C TRP A 12 -31.42 -13.28 -49.58
N ALA A 13 -31.64 -13.50 -50.88
CA ALA A 13 -31.49 -14.81 -51.48
C ALA A 13 -30.06 -15.33 -51.40
N VAL A 14 -29.10 -14.42 -51.55
CA VAL A 14 -27.70 -14.81 -51.49
C VAL A 14 -27.27 -15.09 -50.05
N LEU A 15 -27.93 -14.42 -49.11
CA LEU A 15 -27.61 -14.61 -47.70
C LEU A 15 -28.07 -15.97 -47.21
N TRP A 16 -29.31 -16.33 -47.56
CA TRP A 16 -29.88 -17.61 -47.14
C TRP A 16 -29.09 -18.76 -47.75
N ASP A 17 -28.56 -18.55 -48.94
CA ASP A 17 -27.73 -19.55 -49.59
C ASP A 17 -26.42 -19.75 -48.81
N LEU A 18 -25.78 -18.65 -48.42
CA LEU A 18 -24.52 -18.73 -47.69
C LEU A 18 -24.71 -19.30 -46.28
N LEU A 19 -25.82 -18.95 -45.64
CA LEU A 19 -26.11 -19.41 -44.29
C LEU A 19 -26.36 -20.91 -44.23
N THR A 20 -26.66 -21.51 -45.37
CA THR A 20 -27.10 -22.90 -45.42
C THR A 20 -26.23 -23.80 -46.30
N THR A 21 -25.25 -23.21 -46.97
CA THR A 21 -24.45 -23.97 -47.92
C THR A 21 -23.55 -25.00 -47.24
N VAL A 22 -23.28 -26.10 -47.93
CA VAL A 22 -22.30 -27.07 -47.48
C VAL A 22 -21.29 -27.35 -48.59
N ASP A 23 -21.37 -26.56 -49.66
CA ASP A 23 -20.42 -26.66 -50.76
C ASP A 23 -19.05 -26.18 -50.28
N HIS A 24 -18.05 -27.06 -50.37
CA HIS A 24 -16.71 -26.74 -49.90
C HIS A 24 -16.11 -25.52 -50.60
N LYS A 25 -16.56 -25.24 -51.82
CA LYS A 25 -16.02 -24.11 -52.58
C LYS A 25 -16.51 -22.78 -51.99
N LYS A 26 -17.78 -22.71 -51.64
CA LYS A 26 -18.33 -21.51 -51.01
C LYS A 26 -17.80 -21.30 -49.59
N ILE A 27 -17.72 -22.38 -48.83
CA ILE A 27 -17.11 -22.32 -47.51
C ILE A 27 -15.67 -21.83 -47.65
N GLY A 28 -14.96 -22.34 -48.65
CA GLY A 28 -13.58 -21.94 -48.88
C GLY A 28 -13.45 -20.46 -49.20
N LEU A 29 -14.40 -19.96 -49.98
CA LEU A 29 -14.40 -18.55 -50.37
C LEU A 29 -14.69 -17.69 -49.16
N MET A 30 -15.57 -18.16 -48.30
CA MET A 30 -15.91 -17.42 -47.10
C MET A 30 -14.71 -17.33 -46.14
N TYR A 31 -14.02 -18.45 -45.94
CA TYR A 31 -12.81 -18.45 -45.12
C TYR A 31 -11.79 -17.47 -45.70
N THR A 32 -11.55 -17.62 -46.99
CA THR A 32 -10.55 -16.82 -47.69
C THR A 32 -10.84 -15.33 -47.57
N ALA A 33 -12.07 -14.94 -47.88
CA ALA A 33 -12.45 -13.54 -47.79
C ALA A 33 -12.36 -13.01 -46.37
N THR A 34 -12.75 -13.84 -45.39
CA THR A 34 -12.73 -13.42 -43.99
C THR A 34 -11.29 -13.27 -43.51
N ALA A 35 -10.47 -14.26 -43.82
CA ALA A 35 -9.05 -14.22 -43.49
C ALA A 35 -8.34 -12.98 -44.03
N PHE A 36 -8.55 -12.71 -45.30
CA PHE A 36 -7.89 -11.56 -45.92
C PHE A 36 -8.46 -10.25 -45.43
N PHE A 37 -9.73 -10.25 -45.06
CA PHE A 37 -10.30 -9.09 -44.40
C PHE A 37 -9.57 -8.89 -43.07
N ALA A 38 -9.34 -9.99 -42.35
CA ALA A 38 -8.64 -9.90 -41.07
C ALA A 38 -7.26 -9.27 -41.25
N PHE A 39 -6.55 -9.69 -42.29
CA PHE A 39 -5.24 -9.13 -42.59
C PHE A 39 -5.32 -7.62 -42.82
N ALA A 40 -6.35 -7.18 -43.53
CA ALA A 40 -6.51 -5.76 -43.81
C ALA A 40 -6.81 -4.98 -42.53
N LEU A 41 -7.71 -5.53 -41.72
CA LEU A 41 -8.07 -4.92 -40.45
C LEU A 41 -6.84 -4.79 -39.53
N ALA A 42 -6.11 -5.89 -39.35
CA ALA A 42 -4.92 -5.89 -38.51
C ALA A 42 -3.78 -5.08 -39.13
N GLY A 43 -3.82 -4.89 -40.44
CA GLY A 43 -2.82 -4.08 -41.13
C GLY A 43 -3.02 -2.61 -40.81
N VAL A 44 -4.28 -2.20 -40.77
CA VAL A 44 -4.59 -0.87 -40.32
C VAL A 44 -4.11 -0.67 -38.88
N PHE A 45 -4.33 -1.65 -38.01
CA PHE A 45 -3.86 -1.58 -36.63
C PHE A 45 -2.35 -1.33 -36.59
N SER A 46 -1.63 -1.99 -37.49
CA SER A 46 -0.18 -1.85 -37.54
C SER A 46 0.22 -0.44 -37.98
N LEU A 47 -0.66 0.22 -38.74
CA LEU A 47 -0.41 1.60 -39.16
C LEU A 47 -0.59 2.55 -37.99
N LEU A 48 -1.55 2.26 -37.12
CA LEU A 48 -1.69 3.04 -35.90
C LEU A 48 -0.46 2.86 -35.01
N ILE A 49 0.00 1.62 -34.89
CA ILE A 49 1.19 1.32 -34.10
C ILE A 49 2.40 2.07 -34.62
N ARG A 50 2.66 1.98 -35.91
CA ARG A 50 3.87 2.58 -36.47
C ARG A 50 3.82 4.11 -36.49
N THR A 51 2.61 4.65 -36.54
CA THR A 51 2.44 6.09 -36.42
C THR A 51 2.86 6.57 -35.03
N GLN A 52 2.39 5.87 -34.01
CA GLN A 52 2.78 6.17 -32.64
C GLN A 52 4.30 6.12 -32.48
N LEU A 53 4.93 5.16 -33.14
CA LEU A 53 6.37 4.91 -32.98
C LEU A 53 7.26 5.76 -33.88
N ALA A 54 6.66 6.57 -34.76
CA ALA A 54 7.43 7.31 -35.75
C ALA A 54 8.47 8.25 -35.14
N VAL A 55 8.16 8.79 -33.96
CA VAL A 55 9.09 9.65 -33.23
C VAL A 55 9.02 9.32 -31.74
N PRO A 56 10.06 9.69 -31.00
CA PRO A 56 10.12 9.49 -29.54
C PRO A 56 9.08 10.31 -28.81
N ASN A 57 8.59 9.82 -27.68
CA ASN A 57 7.73 10.61 -26.80
C ASN A 57 6.44 11.04 -27.48
N ASN A 58 5.91 10.19 -28.36
CA ASN A 58 4.70 10.52 -29.08
C ASN A 58 3.45 10.31 -28.24
N GLN A 59 2.40 11.05 -28.55
CA GLN A 59 1.15 11.01 -27.77
C GLN A 59 -0.05 10.63 -28.63
N PHE A 60 0.21 9.95 -29.75
CA PHE A 60 -0.84 9.55 -30.67
C PHE A 60 -1.63 8.33 -30.14
N LEU A 61 -0.91 7.33 -29.64
CA LEU A 61 -1.52 6.11 -29.15
C LEU A 61 -0.70 5.61 -27.97
N THR A 62 -1.26 5.68 -26.77
CA THR A 62 -0.45 5.46 -25.59
C THR A 62 -1.01 4.46 -24.59
N GLY A 63 -0.12 4.00 -23.72
CA GLY A 63 -0.45 3.14 -22.61
C GLY A 63 -1.36 1.98 -22.94
N GLU A 64 -2.44 1.88 -22.17
CA GLU A 64 -3.40 0.79 -22.30
C GLU A 64 -3.97 0.71 -23.71
N GLN A 65 -4.24 1.87 -24.30
CA GLN A 65 -4.83 1.92 -25.63
C GLN A 65 -3.87 1.31 -26.65
N TYR A 66 -2.59 1.64 -26.52
CA TYR A 66 -1.59 1.07 -27.39
C TYR A 66 -1.52 -0.44 -27.20
N ASN A 67 -1.45 -0.88 -25.95
CA ASN A 67 -1.36 -2.30 -25.65
C ASN A 67 -2.57 -3.05 -26.17
N GLN A 68 -3.71 -2.37 -26.25
CA GLN A 68 -4.91 -2.98 -26.81
C GLN A 68 -4.77 -3.18 -28.32
N ILE A 69 -4.40 -2.11 -29.04
CA ILE A 69 -4.19 -2.21 -30.47
C ILE A 69 -3.13 -3.26 -30.78
N LEU A 70 -2.02 -3.23 -30.04
CA LEU A 70 -0.96 -4.23 -30.18
C LEU A 70 -1.51 -5.66 -30.09
N THR A 71 -2.26 -5.94 -29.02
CA THR A 71 -2.80 -7.27 -28.80
C THR A 71 -3.74 -7.67 -29.93
N LEU A 72 -4.61 -6.76 -30.34
CA LEU A 72 -5.50 -7.04 -31.46
C LEU A 72 -4.73 -7.25 -32.74
N HIS A 73 -3.66 -6.48 -32.97
CA HIS A 73 -2.87 -6.63 -34.18
C HIS A 73 -2.36 -8.05 -34.29
N GLY A 74 -1.69 -8.52 -33.23
CA GLY A 74 -1.03 -9.82 -33.26
C GLY A 74 -1.98 -10.99 -33.29
N ALA A 75 -3.02 -10.96 -32.46
CA ALA A 75 -3.96 -12.07 -32.39
C ALA A 75 -4.77 -12.21 -33.67
N THR A 76 -5.18 -11.07 -34.24
CA THR A 76 -5.94 -11.08 -35.48
C THR A 76 -5.11 -11.65 -36.62
N MET A 77 -3.86 -11.19 -36.75
CA MET A 77 -2.96 -11.72 -37.78
C MET A 77 -2.73 -13.22 -37.62
N LEU A 78 -2.46 -13.68 -36.40
CA LEU A 78 -2.11 -15.08 -36.18
C LEU A 78 -3.30 -16.01 -36.25
N PHE A 79 -4.36 -15.67 -35.52
CA PHE A 79 -5.51 -16.56 -35.39
C PHE A 79 -6.57 -16.41 -36.48
N PHE A 80 -6.68 -15.23 -37.08
CA PHE A 80 -7.79 -14.96 -38.00
C PHE A 80 -7.34 -14.80 -39.45
N PHE A 81 -6.04 -14.65 -39.67
CA PHE A 81 -5.52 -14.50 -41.03
C PHE A 81 -4.59 -15.64 -41.47
N ILE A 82 -3.35 -15.62 -41.00
CA ILE A 82 -2.31 -16.42 -41.64
C ILE A 82 -2.54 -17.92 -41.55
N ILE A 83 -3.16 -18.38 -40.47
CA ILE A 83 -3.33 -19.80 -40.23
C ILE A 83 -4.64 -20.27 -40.86
N GLN A 84 -5.32 -19.35 -41.54
CA GLN A 84 -6.61 -19.59 -42.18
C GLN A 84 -6.51 -19.56 -43.70
N ALA A 85 -5.94 -18.47 -44.23
CA ALA A 85 -5.91 -18.23 -45.67
C ALA A 85 -5.39 -19.43 -46.50
N GLY A 86 -4.17 -19.85 -46.20
CA GLY A 86 -3.53 -20.91 -46.95
C GLY A 86 -3.95 -22.31 -46.54
N LEU A 87 -4.75 -22.40 -45.48
CA LEU A 87 -5.17 -23.70 -44.98
C LEU A 87 -6.68 -23.88 -45.12
N THR A 88 -7.48 -23.19 -44.30
CA THR A 88 -8.93 -23.33 -44.38
C THR A 88 -9.54 -22.64 -45.62
N GLY A 89 -8.85 -21.62 -46.11
CA GLY A 89 -9.33 -20.87 -47.27
C GLY A 89 -9.08 -21.61 -48.56
N PHE A 90 -7.87 -21.46 -49.09
CA PHE A 90 -7.49 -22.18 -50.30
C PHE A 90 -7.74 -23.69 -50.15
N GLY A 91 -7.40 -24.25 -48.99
CA GLY A 91 -7.52 -25.68 -48.75
C GLY A 91 -8.92 -26.24 -48.95
N ASN A 92 -9.92 -25.60 -48.34
CA ASN A 92 -11.29 -26.07 -48.49
C ASN A 92 -11.75 -26.02 -49.93
N PHE A 93 -11.31 -24.99 -50.65
CA PHE A 93 -11.67 -24.81 -52.03
C PHE A 93 -10.95 -25.80 -52.95
N VAL A 94 -9.63 -25.89 -52.78
CA VAL A 94 -8.77 -26.56 -53.74
C VAL A 94 -8.52 -28.05 -53.46
N VAL A 95 -8.38 -28.42 -52.19
CA VAL A 95 -8.01 -29.79 -51.84
C VAL A 95 -8.92 -30.88 -52.44
N PRO A 96 -10.24 -30.72 -52.30
CA PRO A 96 -11.12 -31.77 -52.89
C PRO A 96 -10.96 -31.81 -54.40
N LEU A 97 -10.75 -30.66 -55.03
CA LEU A 97 -10.51 -30.62 -56.47
C LEU A 97 -9.23 -31.37 -56.85
N MET A 98 -8.15 -31.07 -56.13
CA MET A 98 -6.87 -31.75 -56.36
C MET A 98 -6.98 -33.26 -56.18
N LEU A 99 -7.85 -33.67 -55.26
CA LEU A 99 -8.06 -35.09 -54.98
C LEU A 99 -8.99 -35.70 -56.01
N GLY A 100 -9.62 -34.85 -56.81
CA GLY A 100 -10.60 -35.32 -57.78
C GLY A 100 -11.88 -35.78 -57.10
N ALA A 101 -12.27 -35.10 -56.03
CA ALA A 101 -13.49 -35.43 -55.30
C ALA A 101 -14.58 -34.41 -55.54
N ARG A 102 -15.80 -34.74 -55.13
CA ARG A 102 -16.96 -33.89 -55.36
C ARG A 102 -17.34 -33.05 -54.14
N ASP A 103 -16.74 -33.37 -52.99
CA ASP A 103 -16.91 -32.55 -51.79
CA ASP A 103 -16.95 -32.60 -51.77
C ASP A 103 -15.97 -33.06 -50.71
N VAL A 104 -16.10 -32.54 -49.49
CA VAL A 104 -15.27 -32.98 -48.37
C VAL A 104 -15.92 -34.15 -47.67
N ALA A 105 -15.21 -34.79 -46.75
CA ALA A 105 -15.74 -35.93 -46.01
C ALA A 105 -16.96 -35.57 -45.19
N LEU A 106 -16.95 -34.37 -44.61
CA LEU A 106 -18.00 -33.97 -43.67
C LEU A 106 -18.50 -32.56 -43.97
N PRO A 107 -19.40 -32.42 -44.96
CA PRO A 107 -19.86 -31.12 -45.46
C PRO A 107 -20.56 -30.23 -44.44
N ARG A 108 -21.37 -30.81 -43.56
CA ARG A 108 -22.05 -29.99 -42.55
C ARG A 108 -21.10 -29.58 -41.43
N VAL A 109 -20.19 -30.47 -41.06
CA VAL A 109 -19.17 -30.16 -40.06
C VAL A 109 -18.27 -29.05 -40.59
N ASN A 110 -17.92 -29.14 -41.87
CA ASN A 110 -17.14 -28.11 -42.53
C ASN A 110 -17.80 -26.73 -42.47
N ALA A 111 -19.11 -26.67 -42.70
CA ALA A 111 -19.81 -25.38 -42.63
C ALA A 111 -19.80 -24.86 -41.21
N PHE A 112 -20.06 -25.76 -40.26
CA PHE A 112 -20.05 -25.38 -38.85
C PHE A 112 -18.72 -24.75 -38.48
N SER A 113 -17.63 -25.32 -39.00
CA SER A 113 -16.31 -24.82 -38.68
C SER A 113 -16.13 -23.39 -39.15
N TYR A 114 -16.69 -23.05 -40.32
CA TYR A 114 -16.59 -21.65 -40.76
C TYR A 114 -17.34 -20.70 -39.82
N TRP A 115 -18.58 -21.04 -39.49
CA TRP A 115 -19.39 -20.15 -38.66
C TRP A 115 -18.82 -19.99 -37.25
N ALA A 116 -18.19 -21.03 -36.71
CA ALA A 116 -17.53 -20.93 -35.41
C ALA A 116 -16.34 -19.99 -35.52
N PHE A 117 -15.64 -20.04 -36.66
CA PHE A 117 -14.52 -19.14 -36.94
C PHE A 117 -15.00 -17.68 -36.92
N LEU A 118 -16.05 -17.38 -37.65
CA LEU A 118 -16.63 -16.04 -37.64
C LEU A 118 -17.05 -15.67 -36.22
N GLY A 119 -17.64 -16.61 -35.52
CA GLY A 119 -18.04 -16.40 -34.13
C GLY A 119 -16.87 -15.99 -33.25
N ALA A 120 -15.75 -16.69 -33.39
CA ALA A 120 -14.56 -16.37 -32.62
C ALA A 120 -14.11 -14.93 -32.87
N ILE A 121 -14.13 -14.52 -34.14
CA ILE A 121 -13.70 -13.17 -34.50
C ILE A 121 -14.61 -12.14 -33.84
N VAL A 122 -15.91 -12.45 -33.82
CA VAL A 122 -16.87 -11.54 -33.21
C VAL A 122 -16.63 -11.45 -31.69
N LEU A 123 -16.43 -12.58 -31.04
CA LEU A 123 -16.11 -12.60 -29.61
C LEU A 123 -14.91 -11.71 -29.30
N ALA A 124 -13.84 -11.84 -30.08
CA ALA A 124 -12.61 -11.11 -29.81
C ALA A 124 -12.81 -9.61 -29.95
N LEU A 125 -13.48 -9.20 -31.03
CA LEU A 125 -13.61 -7.78 -31.34
C LEU A 125 -14.69 -7.09 -30.52
N MET A 126 -15.73 -7.83 -30.12
CA MET A 126 -16.84 -7.22 -29.40
C MET A 126 -16.39 -6.77 -28.01
N SER A 127 -15.26 -7.29 -27.55
CA SER A 127 -14.69 -6.86 -26.28
C SER A 127 -14.63 -5.33 -26.23
N TYR A 128 -14.54 -4.73 -27.41
CA TYR A 128 -14.50 -3.27 -27.53
C TYR A 128 -15.67 -2.58 -26.83
N PHE A 129 -16.83 -3.22 -26.82
CA PHE A 129 -18.05 -2.60 -26.29
C PHE A 129 -18.29 -2.85 -24.81
N PHE A 130 -17.43 -3.64 -24.18
CA PHE A 130 -17.61 -3.98 -22.78
C PHE A 130 -16.62 -3.24 -21.89
N PRO A 131 -16.88 -3.20 -20.56
CA PRO A 131 -15.99 -2.48 -19.64
C PRO A 131 -14.60 -3.08 -19.69
N GLY A 132 -13.57 -2.27 -19.82
CA GLY A 132 -12.22 -2.78 -19.98
C GLY A 132 -11.80 -2.91 -21.42
N GLY A 133 -12.78 -2.88 -22.34
CA GLY A 133 -12.48 -2.92 -23.77
C GLY A 133 -11.68 -4.15 -24.20
N ALA A 134 -10.91 -3.98 -25.27
CA ALA A 134 -10.12 -5.07 -25.83
C ALA A 134 -9.08 -5.56 -24.84
N PRO A 135 -8.74 -6.86 -24.92
CA PRO A 135 -7.59 -7.38 -24.15
C PRO A 135 -6.35 -6.52 -24.41
N SER A 136 -5.52 -6.36 -23.39
CA SER A 136 -4.32 -5.54 -23.49
C SER A 136 -3.08 -6.26 -22.97
N VAL A 137 -3.11 -7.59 -22.97
CA VAL A 137 -2.07 -8.36 -22.31
C VAL A 137 -1.09 -9.02 -23.27
N GLY A 138 -1.14 -8.61 -24.54
CA GLY A 138 -0.35 -9.23 -25.57
C GLY A 138 -1.03 -10.49 -26.03
N TRP A 139 -0.72 -10.97 -27.23
CA TRP A 139 -1.38 -12.16 -27.75
C TRP A 139 -1.05 -13.38 -26.89
N THR A 140 0.04 -13.26 -26.12
CA THR A 140 0.54 -14.36 -25.31
C THR A 140 -0.11 -14.45 -23.93
N PHE A 141 -0.82 -13.40 -23.55
CA PHE A 141 -1.50 -13.32 -22.25
C PHE A 141 -0.81 -13.99 -21.06
N TYR A 142 0.44 -13.61 -20.80
CA TYR A 142 1.22 -14.19 -19.70
C TYR A 142 0.56 -14.07 -18.33
N TYR A 143 0.69 -15.14 -17.56
CA TYR A 143 0.23 -15.18 -16.17
C TYR A 143 1.32 -14.64 -15.26
N PRO A 144 0.94 -13.98 -14.13
CA PRO A 144 -0.42 -13.72 -13.66
C PRO A 144 -1.00 -12.42 -14.18
N PHE A 145 -0.21 -11.72 -15.00
CA PHE A 145 -0.67 -10.49 -15.63
C PHE A 145 -2.07 -10.64 -16.27
N SER A 146 -2.27 -11.70 -17.06
CA SER A 146 -3.57 -11.91 -17.71
C SER A 146 -4.68 -12.30 -16.75
N ALA A 147 -4.32 -12.83 -15.59
CA ALA A 147 -5.32 -13.20 -14.60
C ALA A 147 -5.80 -11.96 -13.85
N GLN A 148 -4.97 -10.93 -13.81
CA GLN A 148 -5.28 -9.72 -13.06
C GLN A 148 -5.88 -8.62 -13.90
N SER A 149 -5.65 -8.64 -15.21
CA SER A 149 -6.08 -7.54 -16.06
C SER A 149 -7.58 -7.26 -15.99
N GLU A 150 -7.92 -5.98 -16.02
CA GLU A 150 -9.32 -5.59 -16.13
C GLU A 150 -9.75 -5.46 -17.60
N SER A 151 -8.80 -5.65 -18.53
CA SER A 151 -9.08 -5.60 -19.97
C SER A 151 -9.90 -6.82 -20.39
N GLY A 152 -10.41 -6.81 -21.62
CA GLY A 152 -11.31 -7.85 -22.09
C GLY A 152 -10.69 -9.22 -22.32
N VAL A 153 -9.88 -9.67 -21.37
CA VAL A 153 -9.24 -10.99 -21.43
C VAL A 153 -10.23 -12.14 -21.62
N ASP A 154 -11.31 -12.13 -20.86
CA ASP A 154 -12.37 -13.15 -20.98
C ASP A 154 -12.91 -13.35 -22.41
N PHE A 155 -13.11 -12.26 -23.15
CA PHE A 155 -13.55 -12.34 -24.54
C PHE A 155 -12.47 -12.96 -25.41
N TYR A 156 -11.22 -12.58 -25.14
CA TYR A 156 -10.09 -13.13 -25.88
C TYR A 156 -9.98 -14.64 -25.65
N LEU A 157 -10.12 -15.04 -24.39
CA LEU A 157 -10.05 -16.45 -24.05
C LEU A 157 -11.22 -17.27 -24.61
N ALA A 158 -12.43 -16.74 -24.47
CA ALA A 158 -13.60 -17.40 -25.06
C ALA A 158 -13.37 -17.58 -26.56
N ALA A 159 -12.89 -16.50 -27.20
CA ALA A 159 -12.67 -16.50 -28.64
C ALA A 159 -11.71 -17.62 -29.04
N ILE A 160 -10.62 -17.76 -28.28
CA ILE A 160 -9.65 -18.81 -28.53
C ILE A 160 -10.29 -20.19 -28.43
N LEU A 161 -11.14 -20.38 -27.41
CA LEU A 161 -11.76 -21.67 -27.20
C LEU A 161 -12.76 -22.00 -28.30
N LEU A 162 -13.58 -21.03 -28.66
CA LEU A 162 -14.53 -21.22 -29.76
C LEU A 162 -13.77 -21.52 -31.04
N LEU A 163 -12.72 -20.74 -31.30
CA LEU A 163 -11.88 -20.95 -32.47
C LEU A 163 -11.29 -22.37 -32.51
N GLY A 164 -10.91 -22.90 -31.35
CA GLY A 164 -10.38 -24.24 -31.25
C GLY A 164 -11.30 -25.30 -31.85
N PHE A 165 -12.61 -25.16 -31.62
CA PHE A 165 -13.58 -26.06 -32.23
C PHE A 165 -13.56 -25.99 -33.74
N SER A 166 -13.52 -24.77 -34.26
CA SER A 166 -13.39 -24.58 -35.70
C SER A 166 -12.18 -25.33 -36.27
N SER A 167 -11.02 -25.09 -35.67
CA SER A 167 -9.76 -25.66 -36.17
C SER A 167 -9.74 -27.18 -36.15
N LEU A 168 -9.99 -27.75 -34.98
CA LEU A 168 -9.96 -29.19 -34.80
C LEU A 168 -10.91 -29.90 -35.74
N LEU A 169 -12.16 -29.46 -35.77
CA LEU A 169 -13.14 -30.05 -36.68
C LEU A 169 -12.67 -29.89 -38.14
N GLY A 170 -12.13 -28.71 -38.45
CA GLY A 170 -11.62 -28.43 -39.79
C GLY A 170 -10.47 -29.36 -40.16
N ASN A 171 -9.55 -29.53 -39.21
CA ASN A 171 -8.40 -30.41 -39.43
C ASN A 171 -8.83 -31.86 -39.64
N ALA A 172 -9.67 -32.35 -38.74
CA ALA A 172 -10.20 -33.70 -38.85
C ALA A 172 -10.92 -33.88 -40.20
N ASN A 173 -11.67 -32.86 -40.61
CA ASN A 173 -12.33 -32.91 -41.92
C ASN A 173 -11.32 -33.04 -43.07
N PHE A 174 -10.25 -32.26 -43.04
CA PHE A 174 -9.21 -32.34 -44.06
C PHE A 174 -8.58 -33.73 -44.17
N VAL A 175 -8.19 -34.30 -43.03
CA VAL A 175 -7.50 -35.58 -43.06
C VAL A 175 -8.43 -36.69 -43.51
N ALA A 176 -9.68 -36.63 -43.08
CA ALA A 176 -10.67 -37.63 -43.47
C ALA A 176 -10.92 -37.52 -44.97
N THR A 177 -10.92 -36.29 -45.48
CA THR A 177 -11.11 -36.07 -46.90
C THR A 177 -9.96 -36.66 -47.69
N ILE A 178 -8.74 -36.46 -47.20
CA ILE A 178 -7.56 -36.96 -47.86
C ILE A 178 -7.47 -38.49 -47.86
N TYR A 179 -7.85 -39.10 -46.74
CA TYR A 179 -7.78 -40.55 -46.62
C TYR A 179 -8.89 -41.22 -47.40
N ASN A 180 -10.09 -40.65 -47.36
CA ASN A 180 -11.29 -41.31 -47.86
C ASN A 180 -11.76 -40.96 -49.26
N LEU A 181 -11.37 -39.80 -49.77
CA LEU A 181 -11.98 -39.30 -51.01
C LEU A 181 -11.07 -39.17 -52.23
N ARG A 182 -9.79 -39.50 -52.06
CA ARG A 182 -8.86 -39.56 -53.18
C ARG A 182 -9.48 -40.33 -54.35
N ALA A 183 -9.37 -39.75 -55.54
CA ALA A 183 -9.78 -40.43 -56.76
C ALA A 183 -9.19 -41.83 -56.80
N GLN A 184 -10.03 -42.80 -57.16
CA GLN A 184 -9.59 -44.19 -57.30
C GLN A 184 -8.33 -44.26 -58.16
N GLY A 185 -7.31 -44.94 -57.66
CA GLY A 185 -6.06 -45.09 -58.39
C GLY A 185 -4.98 -44.12 -57.94
N MET A 186 -5.36 -43.10 -57.18
CA MET A 186 -4.41 -42.12 -56.68
C MET A 186 -3.98 -42.49 -55.26
N SER A 187 -2.77 -43.02 -55.12
CA SER A 187 -2.22 -43.31 -53.80
C SER A 187 -1.78 -42.00 -53.16
N LEU A 188 -1.59 -42.02 -51.84
CA LEU A 188 -1.08 -40.85 -51.13
C LEU A 188 0.14 -40.28 -51.84
N TRP A 189 0.98 -41.16 -52.39
CA TRP A 189 2.23 -40.72 -53.01
C TRP A 189 2.08 -40.25 -54.45
N LYS A 190 0.84 -39.98 -54.86
CA LYS A 190 0.58 -39.34 -56.15
C LYS A 190 -0.21 -38.05 -55.97
N MET A 191 -0.45 -37.68 -54.72
CA MET A 191 -1.16 -36.44 -54.41
C MET A 191 -0.26 -35.24 -54.70
N PRO A 192 -0.87 -34.10 -55.03
CA PRO A 192 -0.12 -32.84 -55.16
C PRO A 192 0.57 -32.49 -53.84
N ILE A 193 1.75 -31.87 -53.91
CA ILE A 193 2.52 -31.56 -52.72
C ILE A 193 1.74 -30.68 -51.75
N TYR A 194 0.89 -29.80 -52.26
CA TYR A 194 0.06 -28.95 -51.41
C TYR A 194 -0.89 -29.77 -50.51
N VAL A 195 -1.44 -30.85 -51.04
CA VAL A 195 -2.33 -31.69 -50.24
C VAL A 195 -1.56 -32.35 -49.09
N TRP A 196 -0.33 -32.77 -49.37
CA TRP A 196 0.56 -33.31 -48.33
C TRP A 196 0.78 -32.27 -47.25
N SER A 197 0.99 -31.03 -47.67
CA SER A 197 1.30 -29.99 -46.69
C SER A 197 0.08 -29.65 -45.85
N VAL A 198 -1.10 -29.69 -46.45
CA VAL A 198 -2.33 -29.51 -45.69
C VAL A 198 -2.53 -30.69 -44.73
N PHE A 199 -2.11 -31.86 -45.17
CA PHE A 199 -2.17 -33.07 -44.37
C PHE A 199 -1.29 -32.91 -43.12
N ALA A 200 -0.04 -32.57 -43.37
CA ALA A 200 0.96 -32.36 -42.31
C ALA A 200 0.52 -31.26 -41.35
N ALA A 201 0.05 -30.13 -41.88
CA ALA A 201 -0.38 -29.03 -41.03
C ALA A 201 -1.52 -29.46 -40.12
N SER A 202 -2.52 -30.14 -40.70
CA SER A 202 -3.67 -30.60 -39.95
C SER A 202 -3.32 -31.58 -38.81
N VAL A 203 -2.42 -32.52 -39.09
CA VAL A 203 -2.04 -33.49 -38.07
C VAL A 203 -1.33 -32.79 -36.91
N LEU A 204 -0.35 -31.94 -37.24
CA LEU A 204 0.38 -31.19 -36.25
C LEU A 204 -0.58 -30.36 -35.40
N ASN A 205 -1.52 -29.69 -36.05
CA ASN A 205 -2.45 -28.83 -35.34
C ASN A 205 -3.38 -29.63 -34.42
N LEU A 206 -3.86 -30.78 -34.87
CA LEU A 206 -4.73 -31.63 -34.07
C LEU A 206 -4.08 -32.02 -32.74
N PHE A 207 -2.82 -32.41 -32.80
CA PHE A 207 -2.16 -32.92 -31.62
C PHE A 207 -1.72 -31.80 -30.68
N SER A 208 -1.24 -30.69 -31.23
CA SER A 208 -0.57 -29.70 -30.38
C SER A 208 -1.46 -28.62 -29.79
N LEU A 209 -2.64 -28.39 -30.38
CA LEU A 209 -3.53 -27.31 -29.92
C LEU A 209 -3.82 -27.42 -28.42
N ALA A 210 -3.77 -28.65 -27.93
CA ALA A 210 -3.89 -28.95 -26.50
C ALA A 210 -3.18 -27.94 -25.58
N GLY A 211 -1.94 -27.62 -25.89
CA GLY A 211 -1.19 -26.65 -25.08
C GLY A 211 -1.91 -25.33 -24.88
N LEU A 212 -2.46 -24.80 -25.96
CA LEU A 212 -3.19 -23.54 -25.93
C LEU A 212 -4.55 -23.72 -25.27
N THR A 213 -5.20 -24.83 -25.58
CA THR A 213 -6.51 -25.10 -24.98
C THR A 213 -6.34 -25.12 -23.47
N ALA A 214 -5.33 -25.83 -23.00
CA ALA A 214 -5.00 -25.90 -21.57
C ALA A 214 -4.66 -24.52 -20.97
N ALA A 215 -3.77 -23.77 -21.61
CA ALA A 215 -3.35 -22.49 -21.04
C ALA A 215 -4.55 -21.55 -20.96
N THR A 216 -5.33 -21.55 -22.03
CA THR A 216 -6.51 -20.70 -22.15
C THR A 216 -7.59 -21.09 -21.14
N LEU A 217 -7.94 -22.38 -21.09
CA LEU A 217 -8.95 -22.85 -20.16
C LEU A 217 -8.56 -22.55 -18.71
N LEU A 218 -7.29 -22.75 -18.39
CA LEU A 218 -6.84 -22.60 -17.00
C LEU A 218 -6.82 -21.14 -16.54
N VAL A 219 -6.48 -20.22 -17.43
CA VAL A 219 -6.54 -18.81 -17.06
C VAL A 219 -7.99 -18.36 -16.89
N LEU A 220 -8.86 -18.86 -17.78
CA LEU A 220 -10.28 -18.54 -17.72
C LEU A 220 -10.92 -19.06 -16.43
N LEU A 221 -10.64 -20.32 -16.10
CA LEU A 221 -11.15 -20.90 -14.86
C LEU A 221 -10.69 -20.11 -13.65
N GLU A 222 -9.46 -19.62 -13.69
CA GLU A 222 -8.93 -18.86 -12.58
C GLU A 222 -9.64 -17.51 -12.44
N ARG A 223 -9.82 -16.82 -13.56
CA ARG A 223 -10.52 -15.55 -13.54
C ARG A 223 -11.99 -15.70 -13.11
N LYS A 224 -12.62 -16.80 -13.49
CA LYS A 224 -14.05 -16.98 -13.25
C LYS A 224 -14.41 -17.68 -11.93
N ILE A 225 -13.62 -18.66 -11.51
CA ILE A 225 -13.96 -19.43 -10.31
C ILE A 225 -12.79 -19.66 -9.34
N GLY A 226 -11.68 -18.97 -9.60
CA GLY A 226 -10.54 -18.96 -8.67
C GLY A 226 -9.73 -20.24 -8.64
N LEU A 227 -9.95 -21.10 -9.62
CA LEU A 227 -9.19 -22.34 -9.69
C LEU A 227 -7.87 -22.11 -10.43
N SER A 228 -6.74 -22.35 -9.76
CA SER A 228 -5.44 -22.01 -10.35
C SER A 228 -4.39 -23.12 -10.29
N TRP A 229 -3.69 -23.34 -11.39
CA TRP A 229 -2.52 -24.23 -11.40
C TRP A 229 -1.23 -23.44 -11.28
N PHE A 230 -1.34 -22.11 -11.28
CA PHE A 230 -0.17 -21.25 -11.54
C PHE A 230 0.20 -20.34 -10.37
N ASN A 231 -0.74 -20.18 -9.44
CA ASN A 231 -0.57 -19.33 -8.28
C ASN A 231 0.48 -19.82 -7.27
N PRO A 232 1.57 -19.06 -7.12
CA PRO A 232 2.69 -19.44 -6.25
C PRO A 232 2.25 -19.61 -4.79
N ALA A 233 1.18 -18.95 -4.39
CA ALA A 233 0.71 -19.05 -3.01
C ALA A 233 0.22 -20.44 -2.63
N VAL A 234 -0.15 -21.27 -3.60
CA VAL A 234 -0.52 -22.64 -3.28
C VAL A 234 0.51 -23.63 -3.83
N GLY A 235 1.64 -23.11 -4.27
CA GLY A 235 2.70 -23.94 -4.81
C GLY A 235 2.56 -24.13 -6.30
N GLY A 236 1.61 -23.42 -6.91
CA GLY A 236 1.50 -23.42 -8.36
C GLY A 236 2.72 -22.78 -9.02
N ASP A 237 2.90 -23.04 -10.31
CA ASP A 237 4.08 -22.57 -11.03
C ASP A 237 3.70 -21.63 -12.18
N PRO A 238 3.94 -20.32 -12.01
CA PRO A 238 3.59 -19.35 -13.06
C PRO A 238 4.23 -19.70 -14.39
N VAL A 239 5.37 -20.38 -14.34
CA VAL A 239 6.07 -20.76 -15.56
C VAL A 239 5.38 -21.93 -16.27
N LEU A 240 4.67 -22.77 -15.53
CA LEU A 240 3.90 -23.85 -16.16
C LEU A 240 2.91 -23.31 -17.22
N PHE A 241 2.40 -22.10 -17.00
CA PHE A 241 1.50 -21.49 -17.98
C PHE A 241 2.19 -21.35 -19.35
N GLN A 242 3.44 -20.90 -19.33
CA GLN A 242 4.22 -20.72 -20.52
C GLN A 242 4.54 -22.04 -21.21
N GLN A 243 4.86 -23.06 -20.41
CA GLN A 243 5.09 -24.42 -20.93
C GLN A 243 3.87 -24.88 -21.75
N PHE A 244 2.67 -24.69 -21.19
CA PHE A 244 1.44 -25.07 -21.88
C PHE A 244 1.25 -24.25 -23.13
N PHE A 245 1.30 -22.93 -22.96
CA PHE A 245 1.09 -22.01 -24.07
C PHE A 245 2.00 -22.30 -25.27
N TRP A 246 3.31 -22.34 -25.03
CA TRP A 246 4.25 -22.54 -26.13
C TRP A 246 4.23 -23.96 -26.68
N PHE A 247 3.73 -24.91 -25.89
CA PHE A 247 3.63 -26.27 -26.40
C PHE A 247 2.77 -26.30 -27.66
N TYR A 248 1.78 -25.41 -27.75
CA TYR A 248 1.09 -25.19 -29.03
C TYR A 248 1.71 -24.06 -29.84
N SER A 249 2.13 -22.99 -29.18
CA SER A 249 2.41 -21.75 -29.90
C SER A 249 3.71 -21.72 -30.67
N HIS A 250 4.60 -22.69 -30.45
CA HIS A 250 5.56 -22.93 -31.53
C HIS A 250 4.95 -23.71 -32.69
N PRO A 251 4.44 -24.94 -32.44
CA PRO A 251 3.85 -25.75 -33.51
C PRO A 251 2.93 -24.93 -34.42
N THR A 252 2.24 -23.95 -33.85
CA THR A 252 1.31 -23.17 -34.62
C THR A 252 2.00 -22.47 -35.82
N VAL A 253 3.23 -22.01 -35.63
CA VAL A 253 3.94 -21.33 -36.71
C VAL A 253 4.33 -22.31 -37.81
N TYR A 254 4.51 -23.57 -37.46
CA TYR A 254 4.81 -24.54 -38.50
C TYR A 254 3.51 -24.98 -39.17
N VAL A 255 2.43 -24.89 -38.41
CA VAL A 255 1.11 -25.07 -39.00
C VAL A 255 0.84 -23.93 -39.98
N MET A 256 1.42 -22.76 -39.71
CA MET A 256 1.29 -21.58 -40.56
C MET A 256 2.28 -21.59 -41.72
N LEU A 257 3.31 -22.44 -41.63
CA LEU A 257 4.34 -22.44 -42.66
C LEU A 257 4.10 -23.53 -43.71
N LEU A 258 3.84 -24.75 -43.25
CA LEU A 258 3.73 -25.90 -44.12
C LEU A 258 2.85 -25.69 -45.37
N PRO A 259 1.58 -25.27 -45.18
CA PRO A 259 0.72 -25.03 -46.35
C PRO A 259 1.32 -24.03 -47.34
N TYR A 260 1.98 -23.01 -46.85
CA TYR A 260 2.58 -22.05 -47.77
C TYR A 260 3.78 -22.62 -48.52
N LEU A 261 4.57 -23.45 -47.86
CA LEU A 261 5.65 -24.15 -48.56
C LEU A 261 5.06 -25.04 -49.65
N GLY A 262 3.92 -25.66 -49.35
CA GLY A 262 3.21 -26.47 -50.32
C GLY A 262 2.80 -25.63 -51.53
N ILE A 263 2.19 -24.48 -51.26
CA ILE A 263 1.83 -23.54 -52.31
C ILE A 263 3.04 -23.12 -53.13
N LEU A 264 4.13 -22.76 -52.47
CA LEU A 264 5.32 -22.34 -53.20
C LEU A 264 5.73 -23.43 -54.17
N ALA A 265 5.69 -24.67 -53.72
CA ALA A 265 6.12 -25.78 -54.57
C ALA A 265 5.18 -25.94 -55.77
N GLU A 266 3.88 -25.84 -55.54
CA GLU A 266 2.88 -25.93 -56.60
C GLU A 266 3.08 -24.85 -57.65
N VAL A 267 3.32 -23.63 -57.18
CA VAL A 267 3.50 -22.50 -58.08
C VAL A 267 4.78 -22.66 -58.89
N ALA A 268 5.84 -23.14 -58.23
CA ALA A 268 7.12 -23.35 -58.88
C ALA A 268 7.00 -24.34 -60.02
N SER A 269 6.34 -25.46 -59.76
CA SER A 269 6.13 -26.47 -60.79
C SER A 269 5.37 -25.93 -62.00
N THR A 270 4.24 -25.28 -61.74
CA THR A 270 3.39 -24.75 -62.80
C THR A 270 4.07 -23.69 -63.65
N PHE A 271 4.75 -22.75 -63.02
CA PHE A 271 5.33 -21.63 -63.77
C PHE A 271 6.74 -21.89 -64.28
N ALA A 272 7.30 -23.06 -63.96
CA ALA A 272 8.59 -23.46 -64.52
C ALA A 272 8.41 -24.56 -65.57
N ARG A 273 7.18 -25.03 -65.71
CA ARG A 273 6.84 -26.09 -66.68
C ARG A 273 7.66 -27.35 -66.40
N LYS A 274 8.01 -27.55 -65.14
CA LYS A 274 8.79 -28.70 -64.72
C LYS A 274 8.02 -29.50 -63.67
N PRO A 275 8.33 -30.79 -63.55
CA PRO A 275 7.80 -31.54 -62.41
C PRO A 275 8.50 -31.11 -61.14
N LEU A 276 7.87 -31.38 -60.00
CA LEU A 276 8.51 -31.15 -58.70
C LEU A 276 9.83 -31.89 -58.58
N PHE A 277 10.87 -31.16 -58.17
CA PHE A 277 12.18 -31.75 -57.93
C PHE A 277 12.20 -32.39 -56.53
N GLY A 278 12.50 -33.68 -56.46
CA GLY A 278 12.56 -34.37 -55.18
C GLY A 278 11.27 -34.37 -54.37
N TYR A 279 10.19 -34.81 -55.01
CA TYR A 279 8.88 -34.95 -54.38
C TYR A 279 8.90 -35.75 -53.08
N ARG A 280 9.55 -36.91 -53.09
CA ARG A 280 9.60 -37.73 -51.88
C ARG A 280 10.33 -36.99 -50.76
N GLN A 281 11.45 -36.36 -51.10
CA GLN A 281 12.20 -35.60 -50.11
C GLN A 281 11.38 -34.44 -49.56
N MET A 282 10.55 -33.81 -50.40
CA MET A 282 9.68 -32.73 -49.93
C MET A 282 8.69 -33.23 -48.87
N VAL A 283 8.15 -34.42 -49.08
CA VAL A 283 7.22 -34.99 -48.13
C VAL A 283 7.94 -35.37 -46.83
N TRP A 284 9.09 -36.00 -46.97
CA TRP A 284 9.89 -36.38 -45.80
C TRP A 284 10.27 -35.15 -44.98
N ALA A 285 10.55 -34.05 -45.67
CA ALA A 285 10.94 -32.82 -44.99
C ALA A 285 9.77 -32.25 -44.19
N GLN A 286 8.56 -32.32 -44.76
CA GLN A 286 7.38 -31.84 -44.04
C GLN A 286 7.13 -32.72 -42.83
N MET A 287 7.31 -34.03 -42.98
CA MET A 287 7.19 -34.93 -41.85
C MET A 287 8.21 -34.57 -40.78
N GLY A 288 9.44 -34.30 -41.21
CA GLY A 288 10.50 -33.92 -40.30
C GLY A 288 10.16 -32.68 -39.51
N ILE A 289 9.55 -31.70 -40.19
CA ILE A 289 9.11 -30.47 -39.56
C ILE A 289 8.00 -30.69 -38.54
N VAL A 290 7.07 -31.59 -38.87
CA VAL A 290 5.99 -31.90 -37.93
C VAL A 290 6.51 -32.47 -36.60
N VAL A 291 7.44 -33.42 -36.70
CA VAL A 291 7.98 -34.05 -35.49
C VAL A 291 8.79 -33.08 -34.63
N LEU A 292 9.79 -32.45 -35.22
CA LEU A 292 10.65 -31.53 -34.50
C LEU A 292 9.86 -30.32 -33.98
N GLY A 293 8.82 -29.95 -34.73
CA GLY A 293 7.98 -28.83 -34.37
C GLY A 293 7.32 -28.92 -32.99
N THR A 294 7.29 -30.12 -32.40
CA THR A 294 6.68 -30.29 -31.09
C THR A 294 7.72 -30.50 -29.98
N MET A 295 9.00 -30.38 -30.33
CA MET A 295 10.08 -30.66 -29.39
C MET A 295 10.93 -29.43 -29.12
N VAL A 296 10.39 -28.24 -29.41
CA VAL A 296 11.24 -27.05 -29.36
C VAL A 296 10.62 -25.88 -28.61
N TRP A 297 9.44 -26.10 -28.06
CA TRP A 297 8.62 -25.00 -27.55
C TRP A 297 9.37 -24.11 -26.56
N ALA A 298 10.27 -24.68 -25.77
CA ALA A 298 10.90 -23.92 -24.69
C ALA A 298 11.94 -22.89 -25.13
N HIS A 299 12.25 -22.82 -26.42
CA HIS A 299 13.14 -21.76 -26.88
C HIS A 299 12.45 -20.40 -26.71
N HIS A 300 11.19 -20.42 -26.28
CA HIS A 300 10.49 -19.18 -26.00
C HIS A 300 10.62 -18.80 -24.52
N MET A 301 11.39 -19.59 -23.79
CA MET A 301 11.41 -19.47 -22.33
C MET A 301 12.84 -19.48 -21.81
N PHE A 302 13.78 -19.02 -22.63
CA PHE A 302 15.21 -19.10 -22.27
C PHE A 302 15.55 -18.22 -21.06
N THR A 303 14.80 -17.14 -20.86
CA THR A 303 15.12 -16.17 -19.81
C THR A 303 14.33 -16.33 -18.51
N VAL A 304 13.60 -17.44 -18.38
CA VAL A 304 12.73 -17.61 -17.23
C VAL A 304 13.39 -18.38 -16.07
N GLY A 305 14.66 -18.71 -16.20
CA GLY A 305 15.40 -19.35 -15.12
C GLY A 305 15.29 -20.86 -14.97
N GLU A 306 14.86 -21.55 -16.02
CA GLU A 306 14.94 -23.00 -16.02
C GLU A 306 16.41 -23.41 -16.04
N SER A 307 16.69 -24.65 -15.66
CA SER A 307 18.04 -25.19 -15.65
C SER A 307 18.75 -25.04 -16.99
N THR A 308 20.07 -24.97 -16.92
CA THR A 308 20.91 -24.90 -18.11
C THR A 308 20.76 -26.11 -19.04
N LEU A 309 20.66 -27.30 -18.45
CA LEU A 309 20.50 -28.52 -19.24
C LEU A 309 19.21 -28.47 -20.06
N PHE A 310 18.11 -28.08 -19.41
CA PHE A 310 16.83 -27.84 -20.05
C PHE A 310 16.96 -26.88 -21.24
N GLN A 311 17.66 -25.77 -21.04
CA GLN A 311 17.84 -24.78 -22.09
C GLN A 311 18.67 -25.33 -23.25
N ILE A 312 19.76 -26.02 -22.90
CA ILE A 312 20.62 -26.60 -23.93
C ILE A 312 19.85 -27.60 -24.79
N ALA A 313 18.97 -28.38 -24.15
CA ALA A 313 18.15 -29.36 -24.85
C ALA A 313 17.32 -28.70 -25.95
N PHE A 314 16.72 -27.56 -25.61
CA PHE A 314 15.85 -26.88 -26.57
C PHE A 314 16.63 -26.12 -27.65
N ALA A 315 17.81 -25.64 -27.32
CA ALA A 315 18.68 -25.02 -28.33
C ALA A 315 19.05 -26.03 -29.41
N PHE A 316 19.30 -27.27 -28.99
CA PHE A 316 19.69 -28.34 -29.91
C PHE A 316 18.59 -28.69 -30.90
N PHE A 317 17.45 -29.12 -30.38
CA PHE A 317 16.34 -29.51 -31.24
C PHE A 317 15.88 -28.38 -32.15
N THR A 318 15.96 -27.14 -31.64
CA THR A 318 15.56 -25.97 -32.39
C THR A 318 16.46 -25.73 -33.58
N ALA A 319 17.77 -25.89 -33.40
CA ALA A 319 18.71 -25.72 -34.51
C ALA A 319 18.53 -26.82 -35.57
N LEU A 320 18.16 -28.03 -35.13
CA LEU A 320 17.85 -29.11 -36.07
C LEU A 320 16.73 -28.78 -37.06
N ILE A 321 15.72 -28.05 -36.60
CA ILE A 321 14.60 -27.68 -37.46
C ILE A 321 15.10 -27.11 -38.79
N ALA A 322 16.28 -26.48 -38.76
CA ALA A 322 16.83 -25.83 -39.94
C ALA A 322 17.08 -26.81 -41.09
N VAL A 323 17.35 -28.06 -40.75
CA VAL A 323 17.70 -29.06 -41.75
C VAL A 323 16.54 -29.47 -42.66
N PRO A 324 15.44 -29.96 -42.09
CA PRO A 324 14.27 -30.32 -42.91
C PRO A 324 13.76 -29.14 -43.73
N THR A 325 13.82 -27.94 -43.15
CA THR A 325 13.29 -26.76 -43.82
C THR A 325 14.18 -26.38 -45.00
N GLY A 326 15.49 -26.47 -44.80
CA GLY A 326 16.43 -26.20 -45.86
C GLY A 326 16.18 -27.12 -47.03
N VAL A 327 16.14 -28.41 -46.74
CA VAL A 327 15.88 -29.41 -47.75
C VAL A 327 14.64 -29.07 -48.56
N LYS A 328 13.58 -28.63 -47.88
CA LYS A 328 12.35 -28.26 -48.57
C LYS A 328 12.57 -27.10 -49.53
N LEU A 329 13.25 -26.05 -49.07
CA LEU A 329 13.52 -24.90 -49.91
C LEU A 329 14.42 -25.22 -51.09
N PHE A 330 15.43 -26.05 -50.84
CA PHE A 330 16.38 -26.43 -51.87
C PHE A 330 15.66 -27.17 -52.99
N ASN A 331 14.72 -28.03 -52.60
CA ASN A 331 13.93 -28.75 -53.59
C ASN A 331 12.99 -27.84 -54.35
N ILE A 332 12.50 -26.79 -53.72
CA ILE A 332 11.69 -25.80 -54.42
C ILE A 332 12.54 -25.08 -55.45
N ILE A 333 13.76 -24.73 -55.06
CA ILE A 333 14.69 -24.09 -55.98
C ILE A 333 15.07 -25.03 -57.13
N GLY A 334 15.21 -26.31 -56.80
CA GLY A 334 15.49 -27.33 -57.79
C GLY A 334 14.38 -27.46 -58.81
N THR A 335 13.14 -27.22 -58.36
CA THR A 335 11.99 -27.27 -59.24
C THR A 335 12.06 -26.16 -60.27
N LEU A 336 12.52 -24.99 -59.85
CA LEU A 336 12.66 -23.86 -60.75
C LEU A 336 13.85 -24.06 -61.70
N TRP A 337 14.89 -24.74 -61.20
CA TRP A 337 16.13 -24.89 -61.94
C TRP A 337 15.91 -25.69 -63.22
N GLY A 338 16.41 -25.17 -64.34
CA GLY A 338 16.24 -25.84 -65.63
C GLY A 338 14.87 -25.69 -66.25
N GLY A 339 14.00 -24.89 -65.62
CA GLY A 339 12.65 -24.70 -66.13
C GLY A 339 12.56 -23.65 -67.21
N LYS A 340 11.34 -23.30 -67.60
CA LYS A 340 11.10 -22.17 -68.49
C LYS A 340 10.17 -21.20 -67.76
N LEU A 341 10.76 -20.33 -66.94
CA LEU A 341 10.00 -19.54 -66.00
C LEU A 341 9.05 -18.54 -66.65
N GLN A 342 7.77 -18.72 -66.36
CA GLN A 342 6.74 -17.78 -66.78
C GLN A 342 6.58 -16.76 -65.66
N MET A 343 7.04 -15.54 -65.91
CA MET A 343 7.04 -14.49 -64.89
C MET A 343 5.66 -13.88 -64.64
N LYS A 344 4.72 -14.73 -64.26
CA LYS A 344 3.41 -14.30 -63.80
C LYS A 344 3.48 -13.92 -62.32
N THR A 345 2.50 -13.14 -61.88
CA THR A 345 2.49 -12.59 -60.53
C THR A 345 2.81 -13.63 -59.44
N PRO A 346 2.15 -14.80 -59.48
CA PRO A 346 2.36 -15.74 -58.38
C PRO A 346 3.82 -16.14 -58.21
N LEU A 347 4.57 -16.20 -59.31
CA LEU A 347 5.98 -16.57 -59.24
C LEU A 347 6.81 -15.47 -58.55
N TYR A 348 6.37 -14.23 -58.69
CA TYR A 348 7.05 -13.10 -58.03
C TYR A 348 7.01 -13.27 -56.53
N TRP A 349 5.82 -13.55 -56.03
CA TRP A 349 5.64 -13.79 -54.61
C TRP A 349 6.52 -14.94 -54.15
N VAL A 350 6.59 -16.00 -54.95
CA VAL A 350 7.43 -17.15 -54.61
C VAL A 350 8.90 -16.76 -54.46
N LEU A 351 9.42 -16.02 -55.44
CA LEU A 351 10.80 -15.55 -55.38
C LEU A 351 11.03 -14.65 -54.16
N GLY A 352 10.10 -13.74 -53.90
CA GLY A 352 10.17 -12.88 -52.74
C GLY A 352 10.21 -13.69 -51.46
N PHE A 353 9.30 -14.64 -51.33
CA PHE A 353 9.32 -15.55 -50.20
C PHE A 353 10.71 -16.13 -49.97
N ILE A 354 11.26 -16.80 -50.98
CA ILE A 354 12.50 -17.56 -50.79
C ILE A 354 13.68 -16.68 -50.44
N PHE A 355 13.90 -15.61 -51.20
CA PHE A 355 15.00 -14.71 -50.88
C PHE A 355 14.91 -14.21 -49.45
N ASN A 356 13.71 -13.81 -49.03
CA ASN A 356 13.55 -13.25 -47.69
C ASN A 356 13.59 -14.29 -46.59
N PHE A 357 13.09 -15.48 -46.87
CA PHE A 357 13.01 -16.52 -45.85
C PHE A 357 14.39 -16.95 -45.34
N LEU A 358 15.39 -16.85 -46.20
CA LEU A 358 16.77 -17.14 -45.81
C LEU A 358 17.18 -16.33 -44.59
N LEU A 359 16.95 -15.02 -44.62
CA LEU A 359 17.31 -14.17 -43.51
C LEU A 359 16.43 -14.51 -42.31
N GLY A 360 15.15 -14.71 -42.58
CA GLY A 360 14.19 -14.99 -41.53
C GLY A 360 14.54 -16.23 -40.74
N GLY A 361 14.89 -17.28 -41.46
CA GLY A 361 15.28 -18.53 -40.82
C GLY A 361 16.63 -18.44 -40.13
N ILE A 362 17.54 -17.66 -40.71
CA ILE A 362 18.86 -17.48 -40.12
C ILE A 362 18.74 -16.80 -38.75
N THR A 363 17.94 -15.74 -38.69
CA THR A 363 17.81 -14.98 -37.47
C THR A 363 17.08 -15.83 -36.45
N GLY A 364 16.17 -16.67 -36.93
CA GLY A 364 15.52 -17.65 -36.09
C GLY A 364 16.53 -18.56 -35.39
N VAL A 365 17.52 -19.03 -36.13
CA VAL A 365 18.57 -19.86 -35.55
C VAL A 365 19.44 -19.04 -34.58
N MET A 366 19.66 -17.77 -34.89
CA MET A 366 20.41 -16.91 -33.98
C MET A 366 19.72 -16.87 -32.62
N LEU A 367 18.39 -16.76 -32.65
CA LEU A 367 17.58 -16.77 -31.43
C LEU A 367 17.66 -18.10 -30.69
N SER A 368 17.92 -19.19 -31.41
CA SER A 368 18.04 -20.50 -30.74
C SER A 368 19.37 -20.59 -29.99
N MET A 369 20.31 -19.72 -30.32
CA MET A 369 21.59 -19.71 -29.61
C MET A 369 21.39 -18.98 -28.27
N THR A 370 21.15 -19.76 -27.24
CA THR A 370 20.66 -19.29 -25.95
C THR A 370 21.37 -18.06 -25.39
N PRO A 371 22.71 -18.10 -25.29
CA PRO A 371 23.41 -16.92 -24.78
C PRO A 371 23.01 -15.64 -25.52
N LEU A 372 22.99 -15.68 -26.85
CA LEU A 372 22.56 -14.51 -27.63
C LEU A 372 21.10 -14.14 -27.38
N ASP A 373 20.26 -15.14 -27.13
CA ASP A 373 18.84 -14.88 -26.91
C ASP A 373 18.61 -14.12 -25.60
N TYR A 374 19.48 -14.33 -24.63
CA TYR A 374 19.43 -13.57 -23.38
C TYR A 374 19.41 -12.08 -23.70
N GLN A 375 20.06 -11.68 -24.79
CA GLN A 375 20.03 -10.30 -25.25
C GLN A 375 18.84 -10.04 -26.15
N PHE A 376 18.62 -10.91 -27.13
CA PHE A 376 17.64 -10.67 -28.17
C PHE A 376 16.20 -10.79 -27.67
N HIS A 377 15.98 -11.63 -26.65
CA HIS A 377 14.62 -11.88 -26.18
C HIS A 377 13.85 -10.62 -25.82
N ASP A 378 12.60 -10.56 -26.27
CA ASP A 378 11.71 -9.45 -25.94
C ASP A 378 12.22 -8.12 -26.46
N SER A 379 12.97 -8.15 -27.55
CA SER A 379 13.47 -6.94 -28.21
C SER A 379 12.98 -6.95 -29.65
N TYR A 380 13.22 -5.84 -30.36
CA TYR A 380 12.81 -5.74 -31.75
C TYR A 380 13.50 -6.72 -32.70
N PHE A 381 14.62 -7.32 -32.27
CA PHE A 381 15.25 -8.35 -33.08
C PHE A 381 14.28 -9.51 -33.29
N VAL A 382 13.59 -9.91 -32.22
CA VAL A 382 12.60 -10.96 -32.31
C VAL A 382 11.45 -10.53 -33.20
N VAL A 383 10.99 -9.30 -33.00
CA VAL A 383 9.90 -8.75 -33.80
C VAL A 383 10.26 -8.78 -35.30
N ALA A 384 11.49 -8.38 -35.63
CA ALA A 384 11.94 -8.45 -37.02
C ALA A 384 11.99 -9.89 -37.52
N HIS A 385 12.53 -10.80 -36.72
CA HIS A 385 12.56 -12.19 -37.09
C HIS A 385 11.18 -12.67 -37.49
N PHE A 386 10.19 -12.47 -36.63
CA PHE A 386 8.91 -13.13 -36.90
C PHE A 386 8.07 -12.46 -38.00
N HIS A 387 8.27 -11.17 -38.23
CA HIS A 387 7.64 -10.54 -39.39
C HIS A 387 8.38 -10.97 -40.66
N ASN A 388 9.67 -11.22 -40.54
CA ASN A 388 10.46 -11.75 -41.64
C ASN A 388 9.88 -13.08 -42.13
N VAL A 389 9.46 -13.95 -41.21
CA VAL A 389 8.93 -15.26 -41.60
C VAL A 389 7.41 -15.34 -41.72
N LEU A 390 6.71 -14.40 -41.08
CA LEU A 390 5.24 -14.36 -41.13
C LEU A 390 4.70 -13.44 -42.22
N MET A 391 5.37 -12.32 -42.44
CA MET A 391 4.97 -11.32 -43.43
C MET A 391 5.62 -11.61 -44.78
N ALA A 392 6.94 -11.47 -44.85
CA ALA A 392 7.70 -11.72 -46.07
C ALA A 392 7.80 -13.21 -46.36
N GLY A 393 7.38 -14.04 -45.41
CA GLY A 393 7.36 -15.48 -45.63
C GLY A 393 5.94 -15.95 -45.91
N SER A 394 5.28 -16.49 -44.89
CA SER A 394 3.92 -16.97 -45.00
C SER A 394 2.98 -16.00 -45.73
N GLY A 395 3.04 -14.73 -45.37
CA GLY A 395 2.22 -13.71 -46.02
C GLY A 395 2.44 -13.66 -47.52
N PHE A 396 3.71 -13.65 -47.93
CA PHE A 396 4.03 -13.69 -49.35
C PHE A 396 3.47 -14.98 -49.94
N GLY A 397 3.59 -16.07 -49.19
CA GLY A 397 3.02 -17.35 -49.60
C GLY A 397 1.51 -17.25 -49.78
N ALA A 398 0.85 -16.51 -48.89
CA ALA A 398 -0.59 -16.38 -48.96
C ALA A 398 -1.02 -15.63 -50.22
N PHE A 399 -0.27 -14.59 -50.58
CA PHE A 399 -0.54 -13.84 -51.80
C PHE A 399 -0.13 -14.59 -53.05
N ALA A 400 0.89 -15.44 -52.96
CA ALA A 400 1.23 -16.32 -54.07
C ALA A 400 0.01 -17.19 -54.34
N GLY A 401 -0.56 -17.71 -53.27
CA GLY A 401 -1.73 -18.56 -53.36
C GLY A 401 -2.94 -17.80 -53.89
N LEU A 402 -3.12 -16.58 -53.41
CA LEU A 402 -4.30 -15.79 -53.79
C LEU A 402 -4.31 -15.52 -55.28
N TYR A 403 -3.17 -15.11 -55.83
CA TYR A 403 -3.08 -14.78 -57.23
C TYR A 403 -3.08 -16.05 -58.10
N TYR A 404 -2.55 -17.14 -57.56
CA TYR A 404 -2.47 -18.39 -58.29
C TYR A 404 -3.86 -18.97 -58.53
N TRP A 405 -4.65 -19.08 -57.47
CA TRP A 405 -5.99 -19.64 -57.57
C TRP A 405 -7.11 -18.62 -57.79
N TRP A 406 -6.79 -17.34 -57.84
CA TRP A 406 -7.80 -16.30 -58.08
C TRP A 406 -8.72 -16.59 -59.28
N PRO A 407 -8.12 -16.88 -60.45
CA PRO A 407 -8.97 -17.16 -61.62
C PRO A 407 -9.88 -18.36 -61.35
N LYS A 408 -9.37 -19.37 -60.65
CA LYS A 408 -10.12 -20.59 -60.37
C LYS A 408 -11.25 -20.36 -59.36
N MET A 409 -11.03 -19.46 -58.42
CA MET A 409 -12.03 -19.19 -57.40
C MET A 409 -13.07 -18.15 -57.81
N THR A 410 -12.66 -17.18 -58.63
CA THR A 410 -13.53 -16.05 -58.97
C THR A 410 -14.10 -16.13 -60.39
N GLY A 411 -13.42 -16.87 -61.27
CA GLY A 411 -13.81 -16.96 -62.66
C GLY A 411 -13.34 -15.76 -63.45
N ARG A 412 -12.48 -14.96 -62.83
CA ARG A 412 -11.97 -13.74 -63.46
C ARG A 412 -10.45 -13.72 -63.43
N MET A 413 -9.86 -13.12 -64.46
CA MET A 413 -8.43 -12.86 -64.48
C MET A 413 -8.17 -11.50 -63.84
N TYR A 414 -7.01 -11.35 -63.21
CA TYR A 414 -6.62 -10.06 -62.66
C TYR A 414 -5.59 -9.42 -63.61
N ASP A 415 -5.37 -8.12 -63.45
CA ASP A 415 -4.38 -7.42 -64.25
C ASP A 415 -2.98 -7.72 -63.72
N GLU A 416 -2.17 -8.40 -64.52
CA GLU A 416 -0.79 -8.72 -64.17
C GLU A 416 0.03 -7.50 -63.75
N ARG A 417 -0.25 -6.36 -64.37
CA ARG A 417 0.48 -5.13 -64.08
C ARG A 417 0.24 -4.67 -62.64
N LEU A 418 -1.01 -4.78 -62.19
CA LEU A 418 -1.38 -4.37 -60.85
C LEU A 418 -0.87 -5.38 -59.84
N GLY A 419 -0.94 -6.65 -60.23
CA GLY A 419 -0.43 -7.73 -59.39
C GLY A 419 1.02 -7.49 -59.06
N ARG A 420 1.79 -7.16 -60.09
CA ARG A 420 3.21 -6.90 -59.90
C ARG A 420 3.45 -5.64 -59.06
N LEU A 421 2.67 -4.59 -59.29
CA LEU A 421 2.80 -3.37 -58.51
C LEU A 421 2.56 -3.66 -57.02
N HIS A 422 1.52 -4.44 -56.75
CA HIS A 422 1.27 -4.92 -55.39
C HIS A 422 2.50 -5.58 -54.82
N PHE A 423 3.08 -6.50 -55.59
CA PHE A 423 4.25 -7.21 -55.12
C PHE A 423 5.39 -6.29 -54.74
N TRP A 424 5.81 -5.41 -55.65
CA TRP A 424 6.99 -4.60 -55.42
C TRP A 424 6.81 -3.65 -54.25
N LEU A 425 5.57 -3.18 -54.06
CA LEU A 425 5.28 -2.31 -52.93
C LEU A 425 5.39 -3.10 -51.64
N PHE A 426 4.86 -4.33 -51.63
CA PHE A 426 5.00 -5.18 -50.46
C PHE A 426 6.46 -5.56 -50.22
N LEU A 427 7.20 -5.80 -51.29
CA LEU A 427 8.63 -6.15 -51.13
C LEU A 427 9.40 -4.98 -50.54
N VAL A 428 9.33 -3.83 -51.20
CA VAL A 428 10.08 -2.66 -50.75
C VAL A 428 9.61 -2.23 -49.38
N GLY A 429 8.30 -2.17 -49.20
CA GLY A 429 7.73 -1.82 -47.91
C GLY A 429 8.21 -2.76 -46.83
N TYR A 430 8.22 -4.06 -47.12
CA TYR A 430 8.66 -5.04 -46.14
C TYR A 430 10.09 -4.74 -45.67
N LEU A 431 11.00 -4.60 -46.63
CA LEU A 431 12.40 -4.34 -46.30
C LEU A 431 12.58 -3.09 -45.44
N LEU A 432 11.89 -2.01 -45.82
CA LEU A 432 12.03 -0.73 -45.15
C LEU A 432 11.42 -0.75 -43.76
N THR A 433 10.36 -1.53 -43.57
CA THR A 433 9.71 -1.62 -42.28
C THR A 433 10.52 -2.44 -41.27
N PHE A 434 11.11 -3.55 -41.72
CA PHE A 434 11.58 -4.54 -40.77
C PHE A 434 13.10 -4.71 -40.67
N LEU A 435 13.83 -4.37 -41.73
CA LEU A 435 15.29 -4.38 -41.63
C LEU A 435 15.77 -3.45 -40.52
N PRO A 436 15.23 -2.22 -40.47
CA PRO A 436 15.57 -1.31 -39.37
C PRO A 436 15.25 -1.91 -37.99
N GLN A 437 14.24 -2.76 -37.91
CA GLN A 437 13.89 -3.34 -36.60
C GLN A 437 14.95 -4.32 -36.09
N TYR A 438 15.62 -5.04 -36.99
CA TYR A 438 16.74 -5.90 -36.58
C TYR A 438 17.79 -5.05 -35.91
N ALA A 439 18.10 -3.92 -36.53
CA ALA A 439 19.09 -2.99 -36.00
C ALA A 439 18.64 -2.45 -34.63
N LEU A 440 17.36 -2.15 -34.51
CA LEU A 440 16.81 -1.67 -33.25
C LEU A 440 17.03 -2.67 -32.11
N GLY A 441 16.93 -3.96 -32.42
CA GLY A 441 17.21 -5.00 -31.45
C GLY A 441 18.65 -4.97 -30.96
N TYR A 442 19.57 -4.79 -31.91
CA TYR A 442 20.99 -4.66 -31.58
C TYR A 442 21.22 -3.42 -30.73
N LEU A 443 20.36 -2.42 -30.91
CA LEU A 443 20.45 -1.19 -30.17
C LEU A 443 19.63 -1.22 -28.88
N GLY A 444 19.19 -2.43 -28.52
CA GLY A 444 18.54 -2.68 -27.24
C GLY A 444 17.10 -2.20 -27.09
N MET A 445 16.37 -2.02 -28.19
CA MET A 445 14.98 -1.59 -28.06
C MET A 445 14.04 -2.75 -27.71
N PRO A 446 13.45 -2.71 -26.51
CA PRO A 446 12.49 -3.74 -26.10
C PRO A 446 11.25 -3.67 -26.99
N ARG A 447 10.55 -4.78 -27.16
CA ARG A 447 9.28 -4.77 -27.87
C ARG A 447 8.13 -4.38 -26.95
N ARG A 448 6.97 -4.10 -27.53
CA ARG A 448 5.76 -3.87 -26.74
C ARG A 448 5.85 -2.59 -25.92
N TYR A 449 6.66 -1.64 -26.40
CA TYR A 449 6.80 -0.32 -25.79
C TYR A 449 5.99 0.69 -26.57
N TYR A 450 5.00 1.32 -25.96
CA TYR A 450 4.19 2.29 -26.70
C TYR A 450 5.00 3.54 -27.06
N THR A 451 6.08 3.77 -26.33
CA THR A 451 6.91 4.95 -26.57
C THR A 451 8.35 4.68 -26.15
N TYR A 452 9.26 5.58 -26.52
CA TYR A 452 10.68 5.47 -26.17
C TYR A 452 11.27 6.87 -26.09
N ASN A 453 12.38 7.02 -25.39
CA ASN A 453 12.97 8.35 -25.23
C ASN A 453 13.80 8.83 -26.44
N ALA A 454 14.17 10.10 -26.41
CA ALA A 454 14.92 10.73 -27.48
C ALA A 454 16.45 10.73 -27.26
N ASP A 455 16.90 10.24 -26.12
CA ASP A 455 18.33 10.28 -25.80
C ASP A 455 18.99 8.91 -25.92
N ILE A 456 18.47 8.10 -26.84
CA ILE A 456 19.05 6.79 -27.17
C ILE A 456 19.42 6.77 -28.65
N ALA A 457 20.71 6.69 -28.94
CA ALA A 457 21.24 6.84 -30.29
C ALA A 457 20.71 5.81 -31.28
N GLY A 458 20.28 6.29 -32.45
CA GLY A 458 19.76 5.42 -33.49
C GLY A 458 18.26 5.17 -33.47
N TRP A 459 17.65 5.16 -32.29
CA TRP A 459 16.23 4.82 -32.18
C TRP A 459 15.29 5.70 -33.03
N PRO A 460 15.43 7.03 -32.97
CA PRO A 460 14.49 7.90 -33.71
C PRO A 460 14.59 7.70 -35.21
N GLU A 461 15.81 7.59 -35.70
CA GLU A 461 16.06 7.45 -37.14
C GLU A 461 15.52 6.11 -37.65
N LEU A 462 15.87 5.02 -36.97
CA LEU A 462 15.44 3.70 -37.38
C LEU A 462 13.92 3.52 -37.26
N ASN A 463 13.34 4.05 -36.20
CA ASN A 463 11.89 4.00 -36.05
C ASN A 463 11.16 4.80 -37.13
N LEU A 464 11.73 5.92 -37.53
CA LEU A 464 11.09 6.74 -38.55
C LEU A 464 11.13 6.00 -39.90
N LEU A 465 12.28 5.44 -40.23
CA LEU A 465 12.38 4.61 -41.43
C LEU A 465 11.35 3.50 -41.43
N SER A 466 11.28 2.76 -40.32
CA SER A 466 10.33 1.66 -40.20
C SER A 466 8.91 2.14 -40.49
N THR A 467 8.54 3.29 -39.93
CA THR A 467 7.21 3.83 -40.15
C THR A 467 6.98 4.23 -41.61
N ILE A 468 8.00 4.78 -42.26
CA ILE A 468 7.87 5.08 -43.68
C ILE A 468 7.60 3.80 -44.49
N GLY A 469 8.33 2.74 -44.16
CA GLY A 469 8.11 1.44 -44.76
C GLY A 469 6.67 1.01 -44.60
N ALA A 470 6.15 1.13 -43.38
CA ALA A 470 4.81 0.65 -43.09
C ALA A 470 3.81 1.40 -43.93
N TYR A 471 4.07 2.68 -44.18
CA TYR A 471 3.16 3.46 -45.01
C TYR A 471 3.20 2.97 -46.47
N ILE A 472 4.36 2.49 -46.89
CA ILE A 472 4.50 1.98 -48.24
C ILE A 472 3.72 0.67 -48.37
N LEU A 473 3.72 -0.12 -47.31
CA LEU A 473 2.89 -1.32 -47.27
C LEU A 473 1.42 -0.91 -47.36
N GLY A 474 1.06 0.16 -46.65
CA GLY A 474 -0.26 0.71 -46.75
C GLY A 474 -0.66 0.93 -48.19
N LEU A 475 0.19 1.63 -48.95
CA LEU A 475 -0.04 1.87 -50.36
C LEU A 475 -0.23 0.56 -51.11
N GLY A 476 0.69 -0.39 -50.89
CA GLY A 476 0.55 -1.71 -51.44
C GLY A 476 -0.83 -2.30 -51.20
N GLY A 477 -1.35 -2.06 -50.00
CA GLY A 477 -2.66 -2.55 -49.63
C GLY A 477 -3.78 -1.98 -50.48
N LEU A 478 -3.74 -0.67 -50.70
CA LEU A 478 -4.68 -0.02 -51.58
C LEU A 478 -4.59 -0.61 -52.98
N VAL A 479 -3.37 -0.81 -53.48
CA VAL A 479 -3.18 -1.37 -54.81
C VAL A 479 -3.75 -2.77 -54.87
N TRP A 480 -3.56 -3.55 -53.81
CA TRP A 480 -4.12 -4.89 -53.72
C TRP A 480 -5.64 -4.89 -53.80
N ILE A 481 -6.29 -4.03 -53.02
CA ILE A 481 -7.75 -3.93 -53.02
C ILE A 481 -8.28 -3.52 -54.40
N TYR A 482 -7.66 -2.51 -54.99
CA TYR A 482 -8.05 -2.05 -56.32
C TYR A 482 -7.97 -3.19 -57.32
N THR A 483 -6.86 -3.93 -57.28
CA THR A 483 -6.61 -5.03 -58.20
C THR A 483 -7.72 -6.06 -58.17
N MET A 484 -8.14 -6.44 -56.96
CA MET A 484 -9.22 -7.40 -56.82
C MET A 484 -10.54 -6.84 -57.30
N TRP A 485 -10.81 -5.58 -56.93
CA TRP A 485 -12.04 -4.92 -57.32
C TRP A 485 -12.14 -4.87 -58.84
N LYS A 486 -11.12 -4.32 -59.48
CA LYS A 486 -11.08 -4.20 -60.92
C LYS A 486 -11.30 -5.56 -61.58
N SER A 487 -10.65 -6.59 -61.05
CA SER A 487 -10.75 -7.93 -61.62
C SER A 487 -12.19 -8.41 -61.59
N LEU A 488 -12.84 -8.22 -60.45
CA LEU A 488 -14.21 -8.71 -60.30
C LEU A 488 -15.21 -7.93 -61.16
N ARG A 489 -14.92 -6.65 -61.39
CA ARG A 489 -15.82 -5.79 -62.13
C ARG A 489 -15.65 -5.91 -63.65
N SER A 490 -14.40 -5.88 -64.12
CA SER A 490 -14.14 -5.85 -65.55
C SER A 490 -12.95 -6.71 -66.01
N GLY A 491 -12.71 -7.82 -65.31
CA GLY A 491 -11.70 -8.76 -65.73
C GLY A 491 -12.23 -9.76 -66.74
N PRO A 492 -11.38 -10.19 -67.67
CA PRO A 492 -11.87 -11.15 -68.65
C PRO A 492 -12.27 -12.45 -67.97
N LYS A 493 -13.15 -13.20 -68.63
CA LYS A 493 -13.55 -14.51 -68.17
C LYS A 493 -12.34 -15.44 -68.10
N ALA A 494 -12.20 -16.13 -66.98
CA ALA A 494 -11.09 -17.06 -66.80
C ALA A 494 -11.38 -18.40 -67.45
N PRO A 495 -10.38 -18.94 -68.15
CA PRO A 495 -10.45 -20.30 -68.69
C PRO A 495 -10.23 -21.37 -67.62
N ASP A 496 -10.47 -22.62 -67.98
CA ASP A 496 -10.30 -23.74 -67.07
C ASP A 496 -8.89 -23.81 -66.48
N ASN A 497 -7.89 -23.64 -67.33
CA ASN A 497 -6.50 -23.83 -66.93
C ASN A 497 -5.60 -22.70 -67.47
N PRO A 498 -5.71 -21.50 -66.90
CA PRO A 498 -5.01 -20.31 -67.38
C PRO A 498 -3.48 -20.41 -67.39
N TRP A 499 -2.90 -21.11 -66.42
CA TRP A 499 -1.44 -21.17 -66.27
C TRP A 499 -0.81 -22.41 -66.90
N GLY A 500 -1.62 -23.36 -67.30
CA GLY A 500 -1.12 -24.63 -67.82
C GLY A 500 -0.70 -25.58 -66.70
N GLY A 501 -1.44 -25.56 -65.59
CA GLY A 501 -1.18 -26.45 -64.47
C GLY A 501 -1.39 -27.91 -64.79
N TYR A 502 -0.86 -28.79 -63.94
CA TYR A 502 -0.88 -30.22 -64.21
C TYR A 502 -1.72 -30.99 -63.21
N THR A 503 -2.24 -30.30 -62.20
CA THR A 503 -3.00 -30.96 -61.15
C THR A 503 -4.51 -30.81 -61.39
N LEU A 504 -5.29 -31.63 -60.72
CA LEU A 504 -6.71 -31.77 -61.04
C LEU A 504 -7.60 -30.53 -60.90
N GLU A 505 -7.20 -29.56 -60.08
CA GLU A 505 -8.05 -28.38 -59.89
C GLU A 505 -8.18 -27.63 -61.19
N TRP A 506 -7.25 -27.87 -62.11
CA TRP A 506 -7.25 -27.20 -63.40
C TRP A 506 -8.06 -27.94 -64.46
N LEU A 507 -8.63 -29.08 -64.09
CA LEU A 507 -9.46 -29.87 -65.00
C LEU A 507 -10.92 -29.50 -64.87
N THR A 508 -11.20 -28.51 -64.01
CA THR A 508 -12.56 -28.06 -63.78
C THR A 508 -12.79 -26.74 -64.48
N ALA A 509 -14.03 -26.26 -64.47
CA ALA A 509 -14.35 -24.95 -65.00
C ALA A 509 -13.88 -23.87 -64.02
N SER A 510 -13.94 -22.61 -64.43
CA SER A 510 -13.57 -21.49 -63.57
C SER A 510 -14.68 -20.44 -63.47
N PRO A 511 -15.39 -20.42 -62.32
CA PRO A 511 -15.18 -21.33 -61.20
C PRO A 511 -15.82 -22.68 -61.51
N PRO A 512 -15.55 -23.69 -60.67
CA PRO A 512 -16.09 -25.02 -60.96
C PRO A 512 -17.61 -25.09 -60.82
N LYS A 513 -18.24 -25.96 -61.59
CA LYS A 513 -19.63 -26.29 -61.35
C LYS A 513 -19.77 -26.89 -59.95
N ALA A 514 -20.98 -26.88 -59.40
CA ALA A 514 -21.21 -27.33 -58.03
C ALA A 514 -20.60 -28.70 -57.75
N HIS A 515 -20.70 -29.61 -58.71
CA HIS A 515 -20.17 -30.96 -58.55
C HIS A 515 -18.71 -31.13 -59.02
N ASN A 516 -18.08 -30.03 -59.43
CA ASN A 516 -16.63 -30.00 -59.68
C ASN A 516 -16.16 -30.58 -61.01
N PHE A 517 -16.43 -31.87 -61.23
CA PHE A 517 -15.97 -32.55 -62.43
C PHE A 517 -17.13 -33.04 -63.32
N ASP A 518 -17.16 -32.53 -64.54
CA ASP A 518 -18.15 -32.96 -65.54
C ASP A 518 -17.71 -34.27 -66.20
N VAL A 519 -16.46 -34.65 -65.99
CA VAL A 519 -15.91 -35.82 -66.65
C VAL A 519 -15.61 -36.96 -65.68
N LYS A 520 -15.48 -38.16 -66.23
CA LYS A 520 -15.09 -39.34 -65.48
C LYS A 520 -13.57 -39.43 -65.48
N LEU A 521 -12.98 -39.53 -64.29
CA LEU A 521 -11.53 -39.55 -64.18
C LEU A 521 -10.98 -40.95 -64.45
N PRO A 522 -9.85 -41.01 -65.19
CA PRO A 522 -9.12 -42.28 -65.33
C PRO A 522 -8.66 -42.79 -63.96
N THR A 523 -8.40 -44.09 -63.86
CA THR A 523 -7.99 -44.70 -62.60
C THR A 523 -6.49 -45.00 -62.56
N GLU A 524 -5.75 -44.41 -63.50
CA GLU A 524 -4.32 -44.59 -63.59
C GLU A 524 -3.59 -43.26 -63.31
N PHE A 525 -2.77 -43.23 -62.26
CA PHE A 525 -1.98 -42.06 -61.90
C PHE A 525 -0.51 -42.43 -61.80
N PRO A 526 0.22 -42.27 -62.91
CA PRO A 526 1.66 -42.55 -62.96
C PRO A 526 2.49 -41.58 -62.12
N SER A 527 1.98 -40.37 -61.89
CA SER A 527 2.71 -39.37 -61.13
C SER A 527 1.77 -38.37 -60.46
N GLU A 528 2.33 -37.31 -59.87
CA GLU A 528 1.52 -36.32 -59.19
C GLU A 528 1.10 -35.20 -60.14
N ARG A 529 1.30 -35.43 -61.45
CA ARG A 529 0.82 -34.51 -62.49
C ARG A 529 -0.09 -35.22 -63.49
N PRO A 530 -1.30 -35.58 -63.06
CA PRO A 530 -2.23 -36.32 -63.92
C PRO A 530 -2.53 -35.63 -65.25
N LEU A 531 -2.72 -34.32 -65.26
CA LEU A 531 -3.02 -33.62 -66.51
C LEU A 531 -1.87 -33.76 -67.51
N TYR A 532 -0.66 -33.97 -67.00
CA TYR A 532 0.48 -34.12 -67.88
C TYR A 532 0.54 -35.53 -68.48
N ASP A 533 0.30 -36.53 -67.64
CA ASP A 533 0.42 -37.93 -68.02
C ASP A 533 -0.69 -38.35 -68.98
N TRP A 534 -1.89 -37.83 -68.72
CA TRP A 534 -3.07 -38.16 -69.49
C TRP A 534 -3.02 -37.54 -70.88
N LYS A 535 -2.55 -36.30 -70.97
CA LYS A 535 -2.42 -35.62 -72.25
C LYS A 535 -1.42 -36.36 -73.14
N LYS A 536 -0.40 -36.93 -72.50
CA LYS A 536 0.65 -37.66 -73.19
C LYS A 536 0.09 -38.92 -73.86
N LYS A 537 -0.75 -39.66 -73.15
CA LYS A 537 -1.33 -40.89 -73.69
C LYS A 537 -2.46 -40.64 -74.69
N GLY A 538 -2.84 -39.39 -74.90
CA GLY A 538 -4.01 -39.09 -75.70
C GLY A 538 -5.28 -39.64 -75.08
N VAL A 539 -5.25 -39.82 -73.77
CA VAL A 539 -6.44 -40.26 -73.04
C VAL A 539 -7.60 -39.31 -73.29
N GLU A 540 -8.68 -39.84 -73.86
CA GLU A 540 -9.90 -39.05 -74.03
C GLU A 540 -10.85 -39.31 -72.87
N LEU A 541 -11.35 -38.23 -72.28
CA LEU A 541 -12.13 -38.33 -71.06
C LEU A 541 -13.61 -38.41 -71.36
N LYS A 542 -14.29 -39.38 -70.76
CA LYS A 542 -15.71 -39.57 -71.04
C LYS A 542 -16.58 -38.73 -70.11
N PRO A 543 -17.62 -38.09 -70.66
CA PRO A 543 -18.50 -37.24 -69.85
C PRO A 543 -19.17 -38.05 -68.76
N GLU A 544 -19.30 -37.45 -67.57
CA GLU A 544 -19.85 -38.16 -66.42
C GLU A 544 -21.37 -38.29 -66.51
N ASP A 545 -21.89 -39.43 -66.04
CA ASP A 545 -23.33 -39.69 -66.04
C ASP A 545 -24.00 -39.05 -64.82
N PRO A 546 -24.89 -38.06 -65.05
CA PRO A 546 -25.54 -37.29 -63.99
C PRO A 546 -26.23 -38.15 -62.92
N ALA A 547 -26.50 -39.42 -63.23
CA ALA A 547 -27.09 -40.32 -62.26
C ALA A 547 -26.10 -40.73 -61.18
N HIS A 548 -24.81 -40.66 -61.50
CA HIS A 548 -23.77 -40.98 -60.53
C HIS A 548 -23.25 -39.72 -59.83
N ILE A 549 -24.01 -38.64 -59.93
CA ILE A 549 -23.63 -37.37 -59.29
C ILE A 549 -24.63 -36.95 -58.23
N HIS A 550 -24.20 -37.01 -56.97
CA HIS A 550 -25.06 -36.67 -55.84
C HIS A 550 -24.38 -35.64 -54.95
N LEU A 551 -25.05 -34.50 -54.76
CA LEU A 551 -24.50 -33.44 -53.91
C LEU A 551 -25.18 -33.37 -52.55
N PRO A 552 -24.38 -33.17 -51.49
CA PRO A 552 -24.88 -33.04 -50.13
C PRO A 552 -25.93 -31.95 -50.06
N ASN A 553 -26.94 -32.14 -49.23
CA ASN A 553 -27.98 -31.13 -49.08
C ASN A 553 -27.56 -29.95 -48.23
N SER A 554 -28.12 -28.79 -48.55
CA SER A 554 -27.97 -27.61 -47.73
C SER A 554 -28.64 -27.82 -46.37
N SER A 555 -28.19 -27.06 -45.37
CA SER A 555 -28.69 -27.19 -44.02
C SER A 555 -28.50 -25.89 -43.24
N PHE A 556 -29.47 -25.58 -42.40
CA PHE A 556 -29.42 -24.37 -41.58
C PHE A 556 -28.73 -24.67 -40.25
N TRP A 557 -28.64 -25.96 -39.90
CA TRP A 557 -28.24 -26.34 -38.55
C TRP A 557 -26.78 -26.08 -38.17
N PRO A 558 -25.85 -26.21 -39.14
CA PRO A 558 -24.46 -25.85 -38.79
C PRO A 558 -24.38 -24.39 -38.34
N PHE A 559 -25.02 -23.48 -39.06
CA PHE A 559 -25.00 -22.06 -38.67
C PHE A 559 -25.71 -21.84 -37.34
N TYR A 560 -26.86 -22.48 -37.18
CA TYR A 560 -27.63 -22.32 -35.96
C TYR A 560 -26.83 -22.82 -34.75
N SER A 561 -26.15 -23.96 -34.94
CA SER A 561 -25.35 -24.56 -33.88
C SER A 561 -24.19 -23.65 -33.50
N ALA A 562 -23.48 -23.15 -34.50
CA ALA A 562 -22.40 -22.19 -34.26
C ALA A 562 -22.93 -20.94 -33.55
N ALA A 563 -24.11 -20.48 -33.95
CA ALA A 563 -24.68 -19.27 -33.38
C ALA A 563 -25.01 -19.45 -31.91
N THR A 564 -25.66 -20.54 -31.56
CA THR A 564 -26.01 -20.78 -30.17
C THR A 564 -24.77 -21.05 -29.30
N LEU A 565 -23.73 -21.63 -29.89
CA LEU A 565 -22.49 -21.87 -29.15
C LEU A 565 -21.78 -20.54 -28.93
N PHE A 566 -21.80 -19.71 -29.97
CA PHE A 566 -21.25 -18.38 -29.88
C PHE A 566 -21.88 -17.66 -28.71
N ALA A 567 -23.21 -17.73 -28.65
CA ALA A 567 -23.98 -17.05 -27.59
C ALA A 567 -23.64 -17.62 -26.22
N PHE A 568 -23.41 -18.93 -26.17
CA PHE A 568 -22.95 -19.58 -24.95
C PHE A 568 -21.64 -18.96 -24.46
N PHE A 569 -20.70 -18.75 -25.39
CA PHE A 569 -19.41 -18.17 -25.03
C PHE A 569 -19.48 -16.69 -24.69
N VAL A 570 -20.44 -15.98 -25.27
CA VAL A 570 -20.67 -14.59 -24.86
C VAL A 570 -21.13 -14.54 -23.40
N ALA A 571 -22.07 -15.41 -23.04
CA ALA A 571 -22.55 -15.47 -21.68
C ALA A 571 -21.43 -15.85 -20.70
N VAL A 572 -20.49 -16.66 -21.18
CA VAL A 572 -19.35 -17.05 -20.34
C VAL A 572 -18.37 -15.89 -20.20
N ALA A 573 -18.05 -15.24 -21.31
CA ALA A 573 -17.12 -14.12 -21.30
C ALA A 573 -17.64 -12.92 -20.51
N ALA A 574 -18.90 -12.54 -20.74
CA ALA A 574 -19.42 -11.26 -20.26
C ALA A 574 -20.00 -11.30 -18.85
N LEU A 575 -20.25 -12.49 -18.33
CA LEU A 575 -20.91 -12.62 -17.03
C LEU A 575 -20.15 -13.56 -16.09
N PRO A 576 -20.43 -13.44 -14.78
CA PRO A 576 -19.93 -14.39 -13.79
C PRO A 576 -20.42 -15.79 -14.11
N VAL A 577 -19.58 -16.79 -13.88
CA VAL A 577 -19.89 -18.17 -14.18
C VAL A 577 -20.15 -18.96 -12.89
N PRO A 578 -21.21 -19.80 -12.88
CA PRO A 578 -22.14 -20.00 -13.98
C PRO A 578 -23.28 -18.99 -13.97
N ASN A 579 -24.10 -18.99 -15.02
CA ASN A 579 -25.27 -18.12 -15.10
C ASN A 579 -26.35 -18.79 -15.93
N VAL A 580 -27.57 -18.28 -15.82
CA VAL A 580 -28.71 -18.88 -16.51
C VAL A 580 -28.54 -18.90 -18.03
N TRP A 581 -27.89 -17.87 -18.57
CA TRP A 581 -27.75 -17.75 -20.02
C TRP A 581 -26.87 -18.85 -20.61
N MET A 582 -25.82 -19.23 -19.90
CA MET A 582 -25.01 -20.35 -20.31
C MET A 582 -25.91 -21.56 -20.58
N TRP A 583 -26.83 -21.82 -19.65
CA TRP A 583 -27.69 -22.99 -19.75
C TRP A 583 -28.73 -22.85 -20.85
N VAL A 584 -29.31 -21.66 -20.97
CA VAL A 584 -30.28 -21.39 -22.02
C VAL A 584 -29.69 -21.72 -23.39
N PHE A 585 -28.51 -21.20 -23.67
CA PHE A 585 -27.92 -21.38 -24.99
C PHE A 585 -27.35 -22.78 -25.20
N LEU A 586 -26.91 -23.42 -24.12
CA LEU A 586 -26.46 -24.80 -24.25
C LEU A 586 -27.65 -25.67 -24.61
N ALA A 587 -28.80 -25.36 -24.01
CA ALA A 587 -30.02 -26.12 -24.29
C ALA A 587 -30.48 -25.91 -25.74
N LEU A 588 -30.42 -24.66 -26.21
CA LEU A 588 -30.76 -24.34 -27.59
C LEU A 588 -29.79 -25.04 -28.53
N PHE A 589 -28.53 -25.07 -28.11
CA PHE A 589 -27.47 -25.71 -28.87
C PHE A 589 -27.71 -27.22 -29.00
N ALA A 590 -28.11 -27.86 -27.90
CA ALA A 590 -28.39 -29.30 -27.91
C ALA A 590 -29.56 -29.57 -28.83
N TYR A 591 -30.58 -28.73 -28.77
CA TYR A 591 -31.73 -28.88 -29.64
C TYR A 591 -31.27 -28.84 -31.10
N GLY A 592 -30.44 -27.86 -31.44
CA GLY A 592 -29.90 -27.75 -32.78
C GLY A 592 -29.22 -29.03 -33.24
N LEU A 593 -28.41 -29.63 -32.37
CA LEU A 593 -27.68 -30.83 -32.75
C LEU A 593 -28.60 -32.02 -32.94
N VAL A 594 -29.72 -32.02 -32.21
CA VAL A 594 -30.69 -33.09 -32.38
C VAL A 594 -31.32 -33.02 -33.76
N ARG A 595 -31.67 -31.81 -34.20
CA ARG A 595 -32.24 -31.62 -35.53
C ARG A 595 -31.22 -32.04 -36.57
N TRP A 596 -29.99 -31.58 -36.38
CA TRP A 596 -28.88 -31.89 -37.28
C TRP A 596 -28.72 -33.40 -37.42
N ALA A 597 -28.71 -34.13 -36.31
CA ALA A 597 -28.58 -35.58 -36.33
C ALA A 597 -29.74 -36.31 -37.02
N LEU A 598 -30.90 -35.66 -37.09
CA LEU A 598 -32.08 -36.32 -37.66
C LEU A 598 -32.31 -35.89 -39.10
N GLU A 599 -31.37 -35.14 -39.65
CA GLU A 599 -31.49 -34.60 -40.99
C GLU A 599 -30.60 -35.36 -41.96
N ASP A 600 -31.21 -35.87 -43.03
CA ASP A 600 -30.51 -36.64 -44.04
C ASP A 600 -29.43 -35.82 -44.71
N GLU A 601 -28.30 -36.47 -45.00
CA GLU A 601 -27.22 -35.82 -45.74
C GLU A 601 -27.64 -35.62 -47.19
N TYR A 602 -28.38 -36.59 -47.74
CA TYR A 602 -28.82 -36.52 -49.13
C TYR A 602 -30.33 -36.71 -49.29
N SER A 603 -30.86 -36.27 -50.43
CA SER A 603 -32.29 -36.39 -50.71
C SER A 603 -32.69 -37.81 -51.14
N HIS A 604 -31.81 -38.45 -51.89
CA HIS A 604 -32.08 -39.80 -52.39
C HIS A 604 -31.02 -40.75 -51.88
N PRO A 605 -31.33 -42.06 -51.86
CA PRO A 605 -30.36 -43.04 -51.36
C PRO A 605 -29.06 -43.02 -52.17
N VAL A 606 -27.97 -42.65 -51.53
CA VAL A 606 -26.68 -42.57 -52.20
C VAL A 606 -25.76 -43.72 -51.79
N GLU A 607 -25.25 -44.45 -52.78
CA GLU A 607 -24.28 -45.51 -52.53
C GLU A 607 -22.90 -44.90 -52.33
N HIS A 608 -22.41 -44.95 -51.10
CA HIS A 608 -21.16 -44.28 -50.75
C HIS A 608 -20.00 -45.26 -50.49
N HIS A 609 -18.95 -45.12 -51.27
CA HIS A 609 -17.72 -45.88 -51.03
C HIS A 609 -16.57 -44.95 -50.68
N THR A 610 -15.70 -45.40 -49.78
CA THR A 610 -14.51 -44.66 -49.44
C THR A 610 -13.28 -45.47 -49.83
N VAL A 611 -12.13 -44.81 -49.91
CA VAL A 611 -10.91 -45.50 -50.26
C VAL A 611 -10.51 -46.53 -49.21
N THR A 612 -10.76 -46.21 -47.94
CA THR A 612 -10.31 -47.09 -46.87
C THR A 612 -11.36 -48.14 -46.53
N GLY A 613 -12.60 -47.89 -46.94
CA GLY A 613 -13.71 -48.75 -46.57
C GLY A 613 -14.41 -48.26 -45.29
N LYS A 614 -13.71 -47.42 -44.53
CA LYS A 614 -14.28 -46.83 -43.32
C LYS A 614 -15.13 -45.61 -43.64
N SER A 615 -16.28 -45.46 -42.98
CA SER A 615 -17.15 -44.32 -43.22
C SER A 615 -16.45 -43.00 -42.96
N ASN A 616 -17.02 -41.93 -43.48
CA ASN A 616 -16.47 -40.61 -43.25
C ASN A 616 -16.67 -40.15 -41.81
N ALA A 617 -17.76 -40.62 -41.21
CA ALA A 617 -18.03 -40.33 -39.81
C ALA A 617 -16.94 -40.97 -38.96
N TRP A 618 -16.67 -42.24 -39.23
CA TRP A 618 -15.64 -42.97 -38.50
C TRP A 618 -14.29 -42.30 -38.67
N MET A 619 -13.95 -41.97 -39.91
CA MET A 619 -12.63 -41.42 -40.22
C MET A 619 -12.46 -40.02 -39.63
N GLY A 620 -13.53 -39.24 -39.65
CA GLY A 620 -13.49 -37.92 -39.06
C GLY A 620 -13.31 -37.99 -37.55
N MET A 621 -14.00 -38.92 -36.90
CA MET A 621 -13.91 -39.08 -35.46
C MET A 621 -12.52 -39.56 -35.06
N ALA A 622 -11.97 -40.51 -35.81
CA ALA A 622 -10.68 -41.08 -35.49
C ALA A 622 -9.58 -40.00 -35.49
N TRP A 623 -9.66 -39.07 -36.43
CA TRP A 623 -8.68 -38.00 -36.46
C TRP A 623 -8.95 -36.93 -35.41
N PHE A 624 -10.22 -36.65 -35.12
CA PHE A 624 -10.52 -35.69 -34.07
C PHE A 624 -10.00 -36.20 -32.72
N ILE A 625 -10.11 -37.51 -32.51
CA ILE A 625 -9.68 -38.12 -31.25
C ILE A 625 -8.19 -37.85 -30.96
N VAL A 626 -7.42 -37.65 -32.01
CA VAL A 626 -6.02 -37.28 -31.86
C VAL A 626 -5.89 -36.03 -30.99
N SER A 627 -6.82 -35.09 -31.13
CA SER A 627 -6.78 -33.86 -30.33
C SER A 627 -7.11 -34.15 -28.87
N GLU A 628 -7.98 -35.12 -28.64
CA GLU A 628 -8.35 -35.53 -27.28
C GLU A 628 -7.16 -36.14 -26.56
N VAL A 629 -6.39 -36.95 -27.28
CA VAL A 629 -5.16 -37.52 -26.75
C VAL A 629 -4.21 -36.41 -26.33
N GLY A 630 -4.08 -35.40 -27.20
CA GLY A 630 -3.22 -34.26 -26.92
C GLY A 630 -3.64 -33.50 -25.65
N LEU A 631 -4.92 -33.17 -25.57
CA LEU A 631 -5.43 -32.39 -24.46
C LEU A 631 -5.19 -33.06 -23.11
N PHE A 632 -5.54 -34.33 -23.00
CA PHE A 632 -5.32 -35.05 -21.75
C PHE A 632 -3.85 -35.31 -21.47
N ALA A 633 -3.08 -35.54 -22.52
CA ALA A 633 -1.65 -35.74 -22.37
C ALA A 633 -0.96 -34.52 -21.74
N ILE A 634 -1.27 -33.33 -22.23
CA ILE A 634 -0.54 -32.15 -21.79
C ILE A 634 -0.95 -31.79 -20.36
N LEU A 635 -2.24 -31.86 -20.08
CA LEU A 635 -2.74 -31.61 -18.73
C LEU A 635 -2.17 -32.60 -17.72
N ILE A 636 -2.10 -33.86 -18.12
CA ILE A 636 -1.55 -34.89 -17.23
C ILE A 636 -0.05 -34.69 -17.05
N ALA A 637 0.65 -34.24 -18.09
CA ALA A 637 2.07 -33.93 -17.95
C ALA A 637 2.26 -32.84 -16.90
N GLY A 638 1.41 -31.82 -16.97
CA GLY A 638 1.47 -30.72 -16.02
C GLY A 638 1.25 -31.26 -14.61
N TYR A 639 0.22 -32.08 -14.46
CA TYR A 639 -0.11 -32.62 -13.16
C TYR A 639 1.01 -33.50 -12.61
N LEU A 640 1.55 -34.38 -13.45
CA LEU A 640 2.66 -35.22 -13.06
C LEU A 640 3.85 -34.40 -12.58
N TYR A 641 4.13 -33.33 -13.33
CA TYR A 641 5.21 -32.42 -12.98
C TYR A 641 5.00 -31.75 -11.62
N LEU A 642 3.80 -31.22 -11.38
CA LEU A 642 3.51 -30.53 -10.14
C LEU A 642 3.57 -31.48 -8.95
N ARG A 643 3.08 -32.70 -9.13
CA ARG A 643 3.06 -33.66 -8.04
C ARG A 643 4.43 -34.27 -7.77
N LEU A 644 5.14 -34.66 -8.82
CA LEU A 644 6.46 -35.27 -8.65
C LEU A 644 7.48 -34.28 -8.11
N SER A 645 7.25 -32.99 -8.34
CA SER A 645 8.14 -31.95 -7.84
C SER A 645 7.77 -31.55 -6.40
N GLY A 646 6.75 -32.18 -5.85
CA GLY A 646 6.36 -31.92 -4.46
C GLY A 646 5.36 -30.80 -4.26
N ALA A 647 4.97 -30.12 -5.34
CA ALA A 647 4.09 -28.96 -5.23
C ALA A 647 2.63 -29.34 -4.97
N ALA A 648 2.19 -30.44 -5.56
CA ALA A 648 0.81 -30.87 -5.44
C ALA A 648 0.71 -32.19 -4.69
N THR A 649 0.12 -32.15 -3.50
CA THR A 649 0.01 -33.31 -2.64
C THR A 649 -1.45 -33.47 -2.24
N PRO A 650 -1.97 -34.69 -2.35
CA PRO A 650 -3.39 -34.92 -2.07
C PRO A 650 -3.73 -34.64 -0.60
N PRO A 651 -4.89 -34.02 -0.36
CA PRO A 651 -5.41 -33.81 1.01
C PRO A 651 -5.91 -35.12 1.61
N GLU A 652 -6.19 -35.14 2.91
CA GLU A 652 -6.67 -36.36 3.58
C GLU A 652 -8.02 -36.78 3.06
N GLU A 653 -8.85 -35.80 2.71
CA GLU A 653 -10.23 -36.06 2.28
C GLU A 653 -10.38 -36.34 0.79
N ARG A 654 -9.31 -36.78 0.14
CA ARG A 654 -9.38 -37.12 -1.29
C ARG A 654 -10.50 -38.13 -1.55
N PRO A 655 -11.14 -38.06 -2.72
CA PRO A 655 -12.20 -39.01 -3.06
C PRO A 655 -11.71 -40.46 -2.96
N ALA A 656 -12.56 -41.34 -2.44
CA ALA A 656 -12.20 -42.72 -2.14
C ALA A 656 -11.96 -43.59 -3.36
N LEU A 657 -11.05 -44.54 -3.21
CA LEU A 657 -10.71 -45.47 -4.29
C LEU A 657 -11.88 -46.39 -4.66
N TRP A 658 -12.60 -46.90 -3.64
CA TRP A 658 -13.66 -47.86 -3.91
C TRP A 658 -14.72 -47.26 -4.83
N LEU A 659 -14.97 -45.97 -4.65
CA LEU A 659 -15.95 -45.27 -5.46
C LEU A 659 -15.51 -45.15 -6.92
N ALA A 660 -14.21 -45.02 -7.13
CA ALA A 660 -13.69 -44.94 -8.49
C ALA A 660 -13.66 -46.32 -9.14
N LEU A 661 -13.52 -47.37 -8.33
CA LEU A 661 -13.54 -48.73 -8.86
C LEU A 661 -14.95 -49.10 -9.28
N LEU A 662 -15.93 -48.68 -8.48
CA LEU A 662 -17.33 -48.91 -8.83
C LEU A 662 -17.63 -48.25 -10.16
N ASN A 663 -17.15 -47.03 -10.30
CA ASN A 663 -17.32 -46.29 -11.55
C ASN A 663 -16.62 -46.95 -12.72
N THR A 664 -15.44 -47.51 -12.46
CA THR A 664 -14.70 -48.22 -13.50
C THR A 664 -15.52 -49.40 -14.01
N PHE A 665 -16.18 -50.09 -13.09
CA PHE A 665 -17.04 -51.19 -13.45
C PHE A 665 -18.17 -50.71 -14.36
N LEU A 666 -18.80 -49.59 -13.96
CA LEU A 666 -19.87 -49.01 -14.76
C LEU A 666 -19.41 -48.67 -16.18
N LEU A 667 -18.30 -47.96 -16.27
CA LEU A 667 -17.83 -47.43 -17.54
C LEU A 667 -17.30 -48.53 -18.46
N VAL A 668 -16.49 -49.44 -17.93
CA VAL A 668 -16.01 -50.57 -18.71
C VAL A 668 -17.16 -51.43 -19.20
N SER A 669 -18.11 -51.72 -18.32
CA SER A 669 -19.33 -52.41 -18.73
C SER A 669 -20.00 -51.71 -19.91
N SER A 670 -20.06 -50.38 -19.86
CA SER A 670 -20.76 -49.63 -20.90
C SER A 670 -20.06 -49.77 -22.25
N SER A 671 -18.74 -49.94 -22.22
CA SER A 671 -17.99 -50.15 -23.44
C SER A 671 -18.29 -51.51 -24.05
N PHE A 672 -18.57 -52.48 -23.18
CA PHE A 672 -18.90 -53.83 -23.64
C PHE A 672 -20.23 -53.80 -24.35
N THR A 673 -21.21 -53.15 -23.73
CA THR A 673 -22.55 -53.10 -24.28
C THR A 673 -22.59 -52.33 -25.58
N VAL A 674 -21.80 -51.27 -25.69
CA VAL A 674 -21.83 -50.47 -26.92
C VAL A 674 -21.21 -51.27 -28.06
N HIS A 675 -20.22 -52.09 -27.74
CA HIS A 675 -19.60 -52.97 -28.72
C HIS A 675 -20.54 -54.08 -29.17
N PHE A 676 -21.27 -54.69 -28.23
CA PHE A 676 -22.20 -55.75 -28.57
C PHE A 676 -23.45 -55.18 -29.25
N ALA A 677 -23.85 -53.97 -28.84
CA ALA A 677 -24.96 -53.29 -29.49
C ALA A 677 -24.65 -53.05 -30.97
N HIS A 678 -23.41 -52.66 -31.24
CA HIS A 678 -22.93 -52.46 -32.60
C HIS A 678 -22.86 -53.80 -33.33
N HIS A 679 -22.40 -54.82 -32.62
CA HIS A 679 -22.31 -56.17 -33.17
C HIS A 679 -23.67 -56.64 -33.69
N ASP A 680 -24.70 -56.45 -32.87
CA ASP A 680 -26.06 -56.84 -33.24
C ASP A 680 -26.51 -56.07 -34.48
N LEU A 681 -26.19 -54.79 -34.53
CA LEU A 681 -26.53 -53.96 -35.69
C LEU A 681 -25.84 -54.47 -36.96
N ARG A 682 -24.53 -54.67 -36.87
CA ARG A 682 -23.71 -55.15 -37.97
C ARG A 682 -24.27 -56.44 -38.57
N ARG A 683 -24.91 -57.25 -37.74
CA ARG A 683 -25.48 -58.51 -38.18
C ARG A 683 -26.92 -58.34 -38.67
N GLY A 684 -27.48 -57.15 -38.43
CA GLY A 684 -28.83 -56.85 -38.84
C GLY A 684 -29.88 -57.19 -37.79
N ARG A 685 -29.47 -57.20 -36.53
CA ARG A 685 -30.38 -57.41 -35.41
C ARG A 685 -30.69 -56.05 -34.78
N PHE A 686 -31.66 -55.35 -35.35
CA PHE A 686 -31.92 -53.96 -35.00
C PHE A 686 -32.45 -53.74 -33.58
N ASN A 687 -33.47 -54.49 -33.19
CA ASN A 687 -34.06 -54.33 -31.85
C ASN A 687 -33.06 -54.50 -30.70
N PRO A 688 -32.28 -55.60 -30.70
CA PRO A 688 -31.28 -55.75 -29.65
C PRO A 688 -30.20 -54.65 -29.70
N PHE A 689 -29.79 -54.27 -30.90
CA PHE A 689 -28.86 -53.16 -31.04
C PHE A 689 -29.40 -51.92 -30.33
N ARG A 690 -30.68 -51.62 -30.53
CA ARG A 690 -31.31 -50.44 -29.93
C ARG A 690 -31.23 -50.49 -28.41
N PHE A 691 -31.26 -51.68 -27.86
CA PHE A 691 -31.25 -51.83 -26.41
C PHE A 691 -29.84 -51.84 -25.82
N GLY A 692 -28.88 -52.39 -26.56
CA GLY A 692 -27.49 -52.35 -26.14
C GLY A 692 -27.04 -50.90 -26.01
N LEU A 693 -27.59 -50.06 -26.88
CA LEU A 693 -27.28 -48.63 -26.89
C LEU A 693 -27.91 -47.91 -25.69
N LEU A 694 -29.17 -48.21 -25.38
CA LEU A 694 -29.84 -47.58 -24.26
C LEU A 694 -29.15 -47.92 -22.94
N VAL A 695 -28.80 -49.19 -22.78
CA VAL A 695 -28.11 -49.64 -21.57
C VAL A 695 -26.81 -48.86 -21.39
N THR A 696 -26.01 -48.79 -22.45
CA THR A 696 -24.79 -47.99 -22.42
C THR A 696 -25.08 -46.59 -21.88
N ILE A 697 -26.11 -45.94 -22.42
CA ILE A 697 -26.51 -44.61 -22.00
C ILE A 697 -26.83 -44.53 -20.52
N ILE A 698 -27.64 -45.47 -20.04
CA ILE A 698 -27.99 -45.52 -18.63
C ILE A 698 -26.75 -45.68 -17.76
N LEU A 699 -25.85 -46.58 -18.16
CA LEU A 699 -24.60 -46.80 -17.43
C LEU A 699 -23.78 -45.51 -17.34
N GLY A 700 -23.69 -44.78 -18.44
CA GLY A 700 -22.99 -43.51 -18.46
C GLY A 700 -23.60 -42.51 -17.51
N VAL A 701 -24.93 -42.44 -17.53
CA VAL A 701 -25.66 -41.55 -16.62
C VAL A 701 -25.34 -41.88 -15.18
N LEU A 702 -25.31 -43.17 -14.85
CA LEU A 702 -24.97 -43.60 -13.50
C LEU A 702 -23.56 -43.15 -13.14
N PHE A 703 -22.62 -43.38 -14.05
CA PHE A 703 -21.25 -42.91 -13.84
C PHE A 703 -21.27 -41.42 -13.51
N PHE A 704 -22.01 -40.65 -14.31
CA PHE A 704 -22.07 -39.20 -14.12
C PHE A 704 -22.70 -38.81 -12.77
N LEU A 705 -23.76 -39.50 -12.38
CA LEU A 705 -24.40 -39.23 -11.10
C LEU A 705 -23.46 -39.53 -9.93
N VAL A 706 -22.75 -40.66 -10.01
CA VAL A 706 -21.75 -41.01 -9.00
C VAL A 706 -20.65 -39.94 -8.91
N GLN A 707 -20.05 -39.57 -10.05
CA GLN A 707 -19.04 -38.51 -10.07
C GLN A 707 -19.57 -37.22 -9.46
N SER A 708 -20.77 -36.84 -9.85
CA SER A 708 -21.38 -35.62 -9.33
C SER A 708 -21.42 -35.60 -7.81
N TRP A 709 -21.94 -36.69 -7.21
CA TRP A 709 -22.00 -36.80 -5.76
C TRP A 709 -20.60 -36.70 -5.16
N GLU A 710 -19.65 -37.39 -5.78
CA GLU A 710 -18.28 -37.39 -5.32
C GLU A 710 -17.72 -35.97 -5.37
N PHE A 711 -17.97 -35.28 -6.47
CA PHE A 711 -17.49 -33.91 -6.63
C PHE A 711 -18.10 -32.98 -5.58
N TYR A 712 -19.40 -33.13 -5.34
CA TYR A 712 -20.08 -32.34 -4.33
C TYR A 712 -19.45 -32.55 -2.97
N GLN A 713 -19.24 -33.82 -2.62
CA GLN A 713 -18.64 -34.13 -1.32
C GLN A 713 -17.24 -33.55 -1.21
N PHE A 714 -16.42 -33.80 -2.22
CA PHE A 714 -15.01 -33.40 -2.17
C PHE A 714 -14.88 -31.88 -2.12
N TYR A 715 -15.74 -31.20 -2.88
CA TYR A 715 -15.79 -29.74 -2.87
C TYR A 715 -16.01 -29.15 -1.48
N HIS A 716 -16.75 -29.86 -0.63
CA HIS A 716 -17.06 -29.34 0.70
C HIS A 716 -16.05 -29.75 1.76
N HIS A 717 -15.01 -30.47 1.35
CA HIS A 717 -13.95 -30.88 2.27
C HIS A 717 -12.62 -30.27 1.91
N SER A 718 -12.54 -29.63 0.74
CA SER A 718 -11.28 -29.09 0.26
C SER A 718 -11.47 -28.04 -0.82
N SER A 719 -10.81 -26.91 -0.64
CA SER A 719 -10.91 -25.76 -1.55
C SER A 719 -9.86 -25.85 -2.65
N TRP A 720 -10.28 -25.70 -3.90
CA TRP A 720 -9.30 -25.66 -4.98
C TRP A 720 -8.52 -24.35 -5.00
N GLN A 721 -8.88 -23.41 -4.11
CA GLN A 721 -8.15 -22.15 -4.01
C GLN A 721 -6.99 -22.27 -3.04
N GLU A 722 -7.03 -23.27 -2.18
CA GLU A 722 -6.05 -23.42 -1.11
C GLU A 722 -5.25 -24.70 -1.23
N ASN A 723 -5.56 -25.50 -2.24
CA ASN A 723 -4.87 -26.77 -2.44
C ASN A 723 -4.69 -27.12 -3.92
N LEU A 724 -3.42 -27.18 -4.35
CA LEU A 724 -3.07 -27.35 -5.74
C LEU A 724 -3.53 -28.69 -6.32
N TRP A 725 -3.39 -29.75 -5.53
CA TRP A 725 -3.83 -31.07 -5.97
C TRP A 725 -5.33 -31.06 -6.23
N THR A 726 -6.07 -30.41 -5.34
CA THR A 726 -7.52 -30.33 -5.46
C THR A 726 -7.90 -29.59 -6.74
N ALA A 727 -7.18 -28.52 -7.03
CA ALA A 727 -7.37 -27.79 -8.28
C ALA A 727 -7.10 -28.69 -9.49
N ALA A 728 -6.02 -29.46 -9.45
CA ALA A 728 -5.69 -30.39 -10.52
C ALA A 728 -6.77 -31.45 -10.68
N PHE A 729 -7.25 -31.98 -9.56
CA PHE A 729 -8.27 -33.01 -9.60
C PHE A 729 -9.55 -32.51 -10.27
N PHE A 730 -10.07 -31.39 -9.79
CA PHE A 730 -11.27 -30.82 -10.38
C PHE A 730 -11.07 -30.45 -11.84
N THR A 731 -9.85 -30.05 -12.18
CA THR A 731 -9.59 -29.67 -13.57
C THR A 731 -9.64 -30.89 -14.50
N ILE A 732 -8.79 -31.87 -14.23
CA ILE A 732 -8.66 -33.02 -15.12
C ILE A 732 -9.83 -34.00 -15.01
N VAL A 733 -10.25 -34.32 -13.79
CA VAL A 733 -11.37 -35.24 -13.62
C VAL A 733 -12.68 -34.54 -14.01
N GLY A 734 -12.78 -33.26 -13.68
CA GLY A 734 -13.91 -32.45 -14.13
C GLY A 734 -14.01 -32.43 -15.65
N LEU A 735 -12.89 -32.18 -16.31
CA LEU A 735 -12.89 -32.14 -17.78
C LEU A 735 -13.32 -33.49 -18.34
N HIS A 736 -12.85 -34.57 -17.74
CA HIS A 736 -13.27 -35.90 -18.16
C HIS A 736 -14.78 -36.06 -17.98
N GLY A 737 -15.31 -35.51 -16.91
CA GLY A 737 -16.74 -35.54 -16.67
C GLY A 737 -17.49 -34.87 -17.80
N LEU A 738 -16.98 -33.73 -18.24
CA LEU A 738 -17.59 -33.01 -19.34
C LEU A 738 -17.59 -33.90 -20.59
N HIS A 739 -16.56 -34.72 -20.75
CA HIS A 739 -16.49 -35.65 -21.87
C HIS A 739 -17.53 -36.76 -21.79
N VAL A 740 -17.78 -37.25 -20.58
CA VAL A 740 -18.84 -38.22 -20.37
C VAL A 740 -20.19 -37.66 -20.85
N VAL A 741 -20.44 -36.40 -20.52
CA VAL A 741 -21.67 -35.72 -20.91
C VAL A 741 -21.76 -35.63 -22.44
N ILE A 742 -20.65 -35.20 -23.05
CA ILE A 742 -20.58 -35.06 -24.50
C ILE A 742 -20.73 -36.42 -25.19
N GLY A 743 -19.96 -37.40 -24.75
CA GLY A 743 -20.07 -38.73 -25.30
C GLY A 743 -21.44 -39.33 -25.06
N GLY A 744 -22.02 -39.06 -23.90
CA GLY A 744 -23.34 -39.55 -23.58
C GLY A 744 -24.35 -38.98 -24.58
N PHE A 745 -24.28 -37.67 -24.77
CA PHE A 745 -25.14 -37.00 -25.71
C PHE A 745 -24.98 -37.58 -27.12
N GLY A 746 -23.74 -37.84 -27.52
CA GLY A 746 -23.46 -38.46 -28.80
C GLY A 746 -24.17 -39.81 -28.96
N LEU A 747 -24.14 -40.62 -27.91
CA LEU A 747 -24.85 -41.89 -27.94
C LEU A 747 -26.35 -41.66 -28.03
N ILE A 748 -26.83 -40.65 -27.31
CA ILE A 748 -28.24 -40.30 -27.33
C ILE A 748 -28.70 -39.84 -28.72
N LEU A 749 -27.83 -39.15 -29.46
CA LEU A 749 -28.15 -38.78 -30.84
C LEU A 749 -28.38 -40.01 -31.70
N ALA A 750 -27.50 -41.00 -31.53
CA ALA A 750 -27.62 -42.27 -32.27
C ALA A 750 -28.91 -42.99 -31.90
N TYR A 751 -29.28 -42.92 -30.63
CA TYR A 751 -30.48 -43.58 -30.14
C TYR A 751 -31.73 -42.93 -30.73
N LEU A 752 -31.75 -41.60 -30.75
CA LEU A 752 -32.86 -40.87 -31.34
C LEU A 752 -32.96 -41.21 -32.81
N GLN A 753 -31.81 -41.38 -33.44
CA GLN A 753 -31.75 -41.83 -34.83
C GLN A 753 -32.37 -43.21 -34.98
N ALA A 754 -32.09 -44.10 -34.04
CA ALA A 754 -32.62 -45.46 -34.06
C ALA A 754 -34.14 -45.46 -33.87
N LEU A 755 -34.63 -44.54 -33.04
CA LEU A 755 -36.06 -44.45 -32.78
C LEU A 755 -36.84 -43.89 -33.97
N ARG A 756 -36.12 -43.23 -34.89
CA ARG A 756 -36.71 -42.70 -36.11
C ARG A 756 -36.42 -43.60 -37.31
N GLY A 757 -35.48 -44.52 -37.15
CA GLY A 757 -35.14 -45.45 -38.21
C GLY A 757 -34.15 -44.93 -39.23
N LYS A 758 -33.43 -43.87 -38.86
CA LYS A 758 -32.39 -43.31 -39.71
C LYS A 758 -31.18 -44.24 -39.78
N ILE A 759 -31.08 -45.14 -38.80
CA ILE A 759 -29.95 -46.07 -38.72
C ILE A 759 -30.22 -47.37 -39.48
N THR A 760 -29.31 -47.72 -40.38
CA THR A 760 -29.42 -48.95 -41.15
C THR A 760 -28.06 -49.65 -41.26
N LEU A 761 -28.05 -50.81 -41.90
CA LEU A 761 -26.86 -51.64 -42.02
C LEU A 761 -25.73 -50.94 -42.81
N HIS A 762 -26.11 -50.05 -43.72
CA HIS A 762 -25.15 -49.36 -44.58
C HIS A 762 -25.08 -47.86 -44.30
N ASN A 763 -25.77 -47.39 -43.27
CA ASN A 763 -25.81 -45.98 -42.95
C ASN A 763 -25.92 -45.73 -41.45
N HIS A 764 -24.83 -45.92 -40.72
CA HIS A 764 -24.84 -45.74 -39.27
C HIS A 764 -23.61 -44.98 -38.77
N GLY A 765 -23.31 -43.88 -39.44
CA GLY A 765 -22.11 -43.12 -39.15
C GLY A 765 -22.07 -42.50 -37.76
N THR A 766 -23.15 -41.81 -37.40
CA THR A 766 -23.25 -41.20 -36.08
C THR A 766 -22.96 -42.23 -34.98
N LEU A 767 -23.45 -43.46 -35.16
CA LEU A 767 -23.24 -44.51 -34.16
C LEU A 767 -21.77 -44.90 -34.08
N GLU A 768 -21.11 -44.95 -35.22
CA GLU A 768 -19.72 -45.39 -35.27
C GLU A 768 -18.85 -44.37 -34.59
N ALA A 769 -19.14 -43.10 -34.85
CA ALA A 769 -18.38 -42.01 -34.27
C ALA A 769 -18.60 -41.93 -32.77
N ALA A 770 -19.87 -41.93 -32.35
CA ALA A 770 -20.20 -41.80 -30.93
C ALA A 770 -19.65 -42.97 -30.13
N SER A 771 -19.76 -44.16 -30.70
CA SER A 771 -19.26 -45.38 -30.07
C SER A 771 -17.76 -45.28 -29.83
N MET A 772 -17.03 -44.86 -30.86
CA MET A 772 -15.58 -44.79 -30.76
C MET A 772 -15.14 -43.71 -29.77
N TYR A 773 -15.89 -42.61 -29.74
CA TYR A 773 -15.61 -41.54 -28.81
C TYR A 773 -15.90 -42.00 -27.39
N TRP A 774 -16.91 -42.84 -27.23
CA TRP A 774 -17.26 -43.38 -25.92
C TRP A 774 -16.16 -44.28 -25.38
N HIS A 775 -15.64 -45.17 -26.23
CA HIS A 775 -14.54 -46.04 -25.87
C HIS A 775 -13.33 -45.24 -25.40
N LEU A 776 -13.13 -44.09 -26.02
CA LEU A 776 -12.04 -43.21 -25.65
C LEU A 776 -12.26 -42.62 -24.26
N VAL A 777 -13.48 -42.17 -23.99
CA VAL A 777 -13.83 -41.70 -22.66
C VAL A 777 -13.54 -42.79 -21.62
N ASP A 778 -13.81 -44.03 -22.01
CA ASP A 778 -13.54 -45.16 -21.14
C ASP A 778 -12.04 -45.28 -20.87
N ALA A 779 -11.24 -45.20 -21.93
CA ALA A 779 -9.79 -45.37 -21.81
C ALA A 779 -9.16 -44.29 -20.91
N VAL A 780 -9.57 -43.05 -21.13
CA VAL A 780 -9.04 -41.92 -20.38
C VAL A 780 -9.35 -42.08 -18.89
N TRP A 781 -10.55 -42.57 -18.57
CA TRP A 781 -10.91 -42.85 -17.20
C TRP A 781 -9.89 -43.75 -16.53
N LEU A 782 -9.44 -44.78 -17.23
CA LEU A 782 -8.49 -45.72 -16.67
C LEU A 782 -7.18 -45.05 -16.27
N VAL A 783 -6.72 -44.09 -17.08
CA VAL A 783 -5.52 -43.33 -16.74
C VAL A 783 -5.82 -42.48 -15.51
N ILE A 784 -7.01 -41.87 -15.49
CA ILE A 784 -7.40 -41.00 -14.39
C ILE A 784 -7.48 -41.77 -13.07
N VAL A 785 -8.17 -42.91 -13.08
CA VAL A 785 -8.26 -43.74 -11.88
C VAL A 785 -6.85 -43.96 -11.35
N THR A 786 -5.94 -44.30 -12.25
CA THR A 786 -4.56 -44.60 -11.91
C THR A 786 -3.84 -43.47 -11.21
N ILE A 787 -3.91 -42.26 -11.76
CA ILE A 787 -3.09 -41.16 -11.26
C ILE A 787 -3.78 -40.27 -10.22
N PHE A 788 -5.11 -40.38 -10.13
CA PHE A 788 -5.85 -39.52 -9.21
C PHE A 788 -6.51 -40.27 -8.06
N TYR A 789 -6.75 -41.58 -8.23
CA TYR A 789 -7.35 -42.36 -7.14
C TYR A 789 -6.42 -43.43 -6.55
N VAL A 790 -5.66 -44.10 -7.41
CA VAL A 790 -4.73 -45.13 -6.95
C VAL A 790 -3.47 -44.50 -6.37
N TRP A 791 -2.70 -43.84 -7.22
CA TRP A 791 -1.54 -43.05 -6.78
C TRP A 791 -2.02 -41.96 -5.83
N ALA B 19 23.54 11.64 -25.96
CA ALA B 19 22.82 10.41 -26.25
C ALA B 19 23.55 9.16 -25.77
N HIS B 20 22.80 8.27 -25.13
CA HIS B 20 23.33 7.00 -24.69
C HIS B 20 23.61 6.12 -25.92
N ARG B 21 24.76 5.47 -25.93
CA ARG B 21 25.05 4.51 -26.98
C ARG B 21 24.75 3.11 -26.49
N VAL B 22 23.46 2.77 -26.57
CA VAL B 22 22.96 1.49 -26.14
C VAL B 22 23.13 0.45 -27.25
N ALA B 23 23.81 -0.65 -26.94
CA ALA B 23 24.05 -1.72 -27.89
C ALA B 23 24.36 -3.00 -27.15
N ILE B 24 23.78 -4.10 -27.62
CA ILE B 24 24.00 -5.40 -27.00
C ILE B 24 25.41 -5.92 -27.26
N THR B 25 26.13 -5.26 -28.15
CA THR B 25 27.50 -5.66 -28.47
C THR B 25 28.56 -4.88 -27.69
N HIS B 26 28.12 -3.84 -26.98
CA HIS B 26 29.02 -3.02 -26.17
C HIS B 26 29.71 -3.86 -25.09
N PRO B 27 31.04 -3.86 -25.08
CA PRO B 27 31.76 -4.73 -24.14
C PRO B 27 31.88 -4.12 -22.73
N GLY B 28 30.76 -3.65 -22.18
CA GLY B 28 30.74 -3.00 -20.89
C GLY B 28 30.78 -3.94 -19.70
N GLY B 29 30.34 -5.17 -19.92
CA GLY B 29 30.34 -6.17 -18.86
C GLY B 29 30.90 -7.49 -19.32
N SER B 30 31.23 -8.35 -18.36
CA SER B 30 31.84 -9.62 -18.67
C SER B 30 30.91 -10.48 -19.52
N PHE B 31 29.60 -10.26 -19.40
CA PHE B 31 28.67 -11.03 -20.21
C PHE B 31 28.82 -10.78 -21.70
N ASN B 32 28.81 -9.51 -22.11
CA ASN B 32 28.94 -9.16 -23.52
C ASN B 32 30.32 -9.51 -24.10
N GLN B 33 31.34 -9.49 -23.26
CA GLN B 33 32.68 -9.87 -23.68
C GLN B 33 32.76 -11.38 -23.90
N GLU B 34 32.07 -12.13 -23.06
CA GLU B 34 32.14 -13.59 -23.11
C GLU B 34 31.32 -14.22 -24.24
N VAL B 35 30.26 -13.56 -24.69
CA VAL B 35 29.45 -14.11 -25.76
C VAL B 35 29.88 -13.59 -27.14
N ALA B 36 30.70 -12.54 -27.15
CA ALA B 36 31.09 -11.85 -28.38
C ALA B 36 31.59 -12.78 -29.48
N PHE B 37 32.23 -13.88 -29.09
CA PHE B 37 32.86 -14.78 -30.04
C PHE B 37 31.84 -15.51 -30.91
N LEU B 38 30.58 -15.51 -30.52
CA LEU B 38 29.54 -16.20 -31.28
C LEU B 38 29.14 -15.44 -32.55
N PHE B 39 29.22 -14.12 -32.48
CA PHE B 39 28.77 -13.30 -33.60
C PHE B 39 29.53 -13.53 -34.90
N PRO B 40 30.87 -13.57 -34.85
CA PRO B 40 31.61 -13.79 -36.09
C PRO B 40 31.23 -15.11 -36.74
N TRP B 41 31.04 -16.16 -35.95
CA TRP B 41 30.63 -17.45 -36.48
C TRP B 41 29.27 -17.37 -37.16
N VAL B 42 28.33 -16.64 -36.56
CA VAL B 42 27.03 -16.45 -37.16
C VAL B 42 27.14 -15.68 -38.46
N TYR B 43 27.92 -14.60 -38.46
CA TYR B 43 28.09 -13.81 -39.67
C TYR B 43 28.74 -14.60 -40.82
N PHE B 44 29.73 -15.42 -40.47
CA PHE B 44 30.43 -16.22 -41.46
C PHE B 44 29.50 -17.23 -42.15
N PHE B 45 28.84 -18.05 -41.36
CA PHE B 45 27.96 -19.06 -41.91
C PHE B 45 26.81 -18.42 -42.70
N SER B 46 26.28 -17.32 -42.20
CA SER B 46 25.15 -16.65 -42.84
C SER B 46 25.56 -16.08 -44.17
N PHE B 47 26.76 -15.53 -44.23
CA PHE B 47 27.32 -15.00 -45.46
C PHE B 47 27.48 -16.10 -46.52
N LEU B 48 28.02 -17.25 -46.11
CA LEU B 48 28.20 -18.37 -47.04
C LEU B 48 26.86 -18.94 -47.47
N ILE B 49 25.97 -19.16 -46.51
CA ILE B 49 24.65 -19.71 -46.81
C ILE B 49 23.94 -18.76 -47.76
N PHE B 50 24.12 -17.46 -47.54
CA PHE B 50 23.50 -16.47 -48.39
C PHE B 50 24.07 -16.45 -49.81
N LEU B 51 25.39 -16.43 -49.94
CA LEU B 51 26.01 -16.49 -51.25
C LEU B 51 25.59 -17.71 -52.07
N VAL B 52 25.53 -18.87 -51.43
CA VAL B 52 25.22 -20.09 -52.13
C VAL B 52 23.74 -20.17 -52.51
N VAL B 53 22.87 -20.10 -51.51
CA VAL B 53 21.45 -20.32 -51.73
C VAL B 53 20.80 -19.17 -52.49
N ALA B 54 21.10 -17.95 -52.07
CA ALA B 54 20.52 -16.80 -52.74
C ALA B 54 21.15 -16.62 -54.13
N GLY B 55 22.45 -16.90 -54.21
CA GLY B 55 23.14 -16.87 -55.49
C GLY B 55 22.52 -17.82 -56.49
N SER B 56 22.28 -19.06 -56.05
CA SER B 56 21.67 -20.08 -56.89
C SER B 56 20.29 -19.65 -57.38
N LEU B 57 19.51 -19.04 -56.49
CA LEU B 57 18.15 -18.65 -56.85
C LEU B 57 18.19 -17.49 -57.83
N ALA B 58 19.17 -16.61 -57.66
CA ALA B 58 19.39 -15.50 -58.58
C ALA B 58 19.79 -16.02 -59.95
N TYR B 59 20.74 -16.95 -59.97
CA TYR B 59 21.14 -17.62 -61.20
C TYR B 59 19.93 -18.21 -61.91
N VAL B 60 19.15 -19.01 -61.19
CA VAL B 60 17.99 -19.67 -61.77
C VAL B 60 17.04 -18.70 -62.49
N THR B 61 16.75 -17.56 -61.86
CA THR B 61 15.80 -16.61 -62.44
C THR B 61 16.35 -15.90 -63.67
N TRP B 62 17.67 -15.73 -63.72
CA TRP B 62 18.31 -15.14 -64.89
C TRP B 62 18.46 -16.16 -66.02
N LYS B 63 18.95 -17.35 -65.67
CA LYS B 63 19.26 -18.40 -66.62
C LYS B 63 18.05 -19.06 -67.26
N PHE B 64 16.99 -19.31 -66.48
CA PHE B 64 15.89 -20.14 -66.94
C PHE B 64 14.57 -19.38 -67.22
N ARG B 65 14.66 -18.05 -67.32
CA ARG B 65 13.51 -17.23 -67.69
C ARG B 65 13.03 -17.60 -69.09
N ALA B 66 11.73 -17.68 -69.28
CA ALA B 66 11.16 -18.15 -70.54
C ALA B 66 11.10 -17.06 -71.59
N ARG B 67 11.48 -17.39 -72.82
CA ARG B 67 11.27 -16.48 -73.93
C ARG B 67 9.79 -16.52 -74.31
N PRO B 68 9.20 -15.34 -74.51
CA PRO B 68 7.75 -15.12 -74.67
C PRO B 68 7.00 -16.17 -75.51
N GLU B 69 7.56 -16.58 -76.64
CA GLU B 69 6.85 -17.48 -77.55
C GLU B 69 7.29 -18.94 -77.47
N ASP B 70 8.33 -19.22 -76.70
CA ASP B 70 8.78 -20.60 -76.52
C ASP B 70 7.63 -21.45 -75.98
N GLN B 71 7.47 -22.65 -76.53
CA GLN B 71 6.34 -23.50 -76.19
C GLN B 71 6.76 -24.93 -75.85
N GLU B 72 8.08 -25.17 -75.87
CA GLU B 72 8.62 -26.51 -75.69
C GLU B 72 8.94 -26.81 -74.22
N GLU B 73 8.40 -27.90 -73.69
CA GLU B 73 8.62 -28.26 -72.30
C GLU B 73 10.10 -28.58 -72.07
N PRO B 74 10.62 -28.18 -70.90
CA PRO B 74 12.02 -28.42 -70.55
C PRO B 74 12.23 -29.87 -70.22
N PRO B 75 13.50 -30.27 -70.07
CA PRO B 75 13.85 -31.61 -69.59
C PRO B 75 13.10 -31.87 -68.31
N GLN B 76 12.34 -32.96 -68.28
CA GLN B 76 11.48 -33.27 -67.14
C GLN B 76 12.24 -34.05 -66.08
N ILE B 77 13.23 -33.41 -65.45
CA ILE B 77 14.02 -34.07 -64.40
C ILE B 77 13.26 -34.05 -63.08
N HIS B 78 13.46 -35.09 -62.29
CA HIS B 78 12.61 -35.32 -61.13
C HIS B 78 13.34 -35.21 -59.79
N GLY B 79 14.66 -35.28 -59.83
CA GLY B 79 15.45 -35.19 -58.60
C GLY B 79 16.90 -35.59 -58.80
N ASN B 80 17.59 -35.79 -57.69
CA ASN B 80 19.01 -36.13 -57.69
C ASN B 80 19.36 -36.64 -56.30
N ASP B 81 19.28 -37.96 -56.12
CA ASP B 81 19.38 -38.56 -54.79
C ASP B 81 20.66 -38.23 -54.04
N ARG B 82 21.78 -38.15 -54.76
CA ARG B 82 23.05 -37.85 -54.13
C ARG B 82 23.04 -36.43 -53.60
N LEU B 83 22.53 -35.51 -54.41
CA LEU B 83 22.42 -34.11 -54.05
C LEU B 83 21.58 -33.91 -52.79
N GLU B 84 20.52 -34.70 -52.63
CA GLU B 84 19.65 -34.66 -51.47
C GLU B 84 20.42 -34.94 -50.19
N VAL B 85 21.35 -35.87 -50.27
CA VAL B 85 22.18 -36.22 -49.12
C VAL B 85 23.10 -35.06 -48.74
N VAL B 86 23.78 -34.51 -49.75
CA VAL B 86 24.68 -33.39 -49.50
C VAL B 86 23.94 -32.18 -48.93
N TRP B 87 22.75 -31.93 -49.48
CA TRP B 87 21.84 -30.87 -49.03
C TRP B 87 21.42 -31.01 -47.58
N THR B 88 21.47 -32.24 -47.07
CA THR B 88 20.97 -32.53 -45.74
C THR B 88 22.11 -32.50 -44.74
N LEU B 89 23.25 -33.10 -45.11
CA LEU B 89 24.39 -33.23 -44.22
C LEU B 89 25.15 -31.93 -43.96
N ILE B 90 25.30 -31.11 -44.98
CA ILE B 90 26.01 -29.84 -44.81
C ILE B 90 25.31 -28.91 -43.80
N PRO B 91 24.00 -28.69 -43.98
CA PRO B 91 23.29 -27.90 -42.96
C PRO B 91 23.41 -28.56 -41.60
N LEU B 92 23.26 -29.88 -41.55
CA LEU B 92 23.37 -30.60 -40.28
C LEU B 92 24.70 -30.33 -39.60
N ALA B 93 25.78 -30.36 -40.36
CA ALA B 93 27.11 -30.10 -39.80
C ALA B 93 27.18 -28.68 -39.24
N ILE B 94 26.65 -27.73 -39.98
CA ILE B 94 26.62 -26.34 -39.54
C ILE B 94 25.88 -26.13 -38.22
N VAL B 95 24.75 -26.79 -38.02
CA VAL B 95 24.00 -26.62 -36.78
C VAL B 95 24.73 -27.28 -35.61
N PHE B 96 25.42 -28.38 -35.88
CA PHE B 96 26.22 -29.03 -34.86
C PHE B 96 27.33 -28.09 -34.37
N VAL B 97 27.92 -27.35 -35.30
CA VAL B 97 28.97 -26.40 -34.95
C VAL B 97 28.38 -25.27 -34.12
N LEU B 98 27.31 -24.65 -34.64
CA LEU B 98 26.64 -23.56 -33.94
C LEU B 98 26.21 -24.00 -32.54
N PHE B 99 25.66 -25.19 -32.44
CA PHE B 99 25.22 -25.71 -31.15
C PHE B 99 26.39 -25.91 -30.21
N GLY B 100 27.48 -26.47 -30.72
CA GLY B 100 28.67 -26.69 -29.92
C GLY B 100 29.21 -25.40 -29.33
N LEU B 101 29.22 -24.34 -30.14
CA LEU B 101 29.68 -23.05 -29.68
C LEU B 101 28.70 -22.51 -28.65
N THR B 102 27.42 -22.72 -28.93
CA THR B 102 26.33 -22.22 -28.11
C THR B 102 26.39 -22.79 -26.70
N ALA B 103 26.53 -24.11 -26.60
CA ALA B 103 26.59 -24.77 -25.29
C ALA B 103 27.80 -24.31 -24.48
N LYS B 104 28.96 -24.19 -25.14
CA LYS B 104 30.16 -23.74 -24.45
C LYS B 104 29.95 -22.36 -23.85
N ALA B 105 29.38 -21.45 -24.64
CA ALA B 105 29.13 -20.09 -24.19
C ALA B 105 28.10 -20.04 -23.07
N LEU B 106 27.06 -20.86 -23.17
CA LEU B 106 26.00 -20.85 -22.18
C LEU B 106 26.50 -21.32 -20.84
N ILE B 107 27.27 -22.40 -20.85
CA ILE B 107 27.81 -22.96 -19.63
C ILE B 107 28.68 -21.93 -18.89
N GLN B 108 29.42 -21.13 -19.64
CA GLN B 108 30.33 -20.16 -19.04
C GLN B 108 29.62 -18.93 -18.45
N VAL B 109 28.64 -18.38 -19.14
CA VAL B 109 27.97 -17.20 -18.63
C VAL B 109 26.97 -17.53 -17.52
N ASN B 110 26.61 -18.80 -17.39
CA ASN B 110 25.72 -19.23 -16.31
C ASN B 110 26.45 -19.76 -15.09
N ARG B 111 27.77 -19.89 -15.18
CA ARG B 111 28.59 -20.35 -14.07
C ARG B 111 28.54 -19.33 -12.94
N PRO B 112 28.28 -19.78 -11.71
CA PRO B 112 28.26 -18.87 -10.57
C PRO B 112 29.67 -18.37 -10.24
N ILE B 113 29.79 -17.09 -9.91
CA ILE B 113 31.08 -16.52 -9.51
C ILE B 113 31.19 -16.41 -7.99
N PRO B 114 32.03 -17.25 -7.38
CA PRO B 114 32.22 -17.29 -5.93
C PRO B 114 32.66 -15.95 -5.34
N GLY B 115 31.96 -15.49 -4.31
CA GLY B 115 32.32 -14.27 -3.61
C GLY B 115 31.90 -12.98 -4.28
N ALA B 116 30.88 -13.06 -5.13
CA ALA B 116 30.35 -11.88 -5.78
C ALA B 116 29.38 -11.14 -4.85
N MET B 117 29.46 -9.81 -4.86
CA MET B 117 28.53 -9.00 -4.08
C MET B 117 27.10 -9.26 -4.53
N LYS B 118 26.27 -9.71 -3.61
CA LYS B 118 24.87 -9.93 -3.90
C LYS B 118 24.07 -8.63 -3.92
N VAL B 119 23.20 -8.49 -4.92
CA VAL B 119 22.27 -7.37 -4.96
C VAL B 119 20.87 -7.90 -5.22
N GLU B 120 19.95 -7.59 -4.31
CA GLU B 120 18.57 -8.02 -4.47
C GLU B 120 17.77 -7.02 -5.30
N VAL B 121 17.29 -7.50 -6.44
CA VAL B 121 16.49 -6.69 -7.35
C VAL B 121 15.02 -7.07 -7.25
N THR B 122 14.15 -6.09 -7.02
CA THR B 122 12.73 -6.38 -6.98
C THR B 122 11.93 -5.49 -7.92
N GLY B 123 11.09 -6.12 -8.74
CA GLY B 123 10.25 -5.38 -9.67
C GLY B 123 8.83 -5.15 -9.18
N TYR B 124 8.35 -3.93 -9.43
CA TYR B 124 6.98 -3.52 -9.15
C TYR B 124 6.42 -2.85 -10.39
N GLN B 125 5.10 -2.74 -10.48
CA GLN B 125 4.49 -1.86 -11.48
C GLN B 125 4.54 -0.42 -10.95
N PHE B 126 5.38 0.45 -11.51
CA PHE B 126 6.25 0.14 -12.65
C PHE B 126 7.63 0.69 -12.38
N TRP B 127 8.32 0.12 -11.39
CA TRP B 127 9.60 0.63 -10.94
C TRP B 127 10.47 -0.46 -10.32
N TRP B 128 11.73 -0.14 -10.06
CA TRP B 128 12.71 -1.12 -9.59
C TRP B 128 13.33 -0.76 -8.24
N ASP B 129 13.31 -1.73 -7.32
CA ASP B 129 13.91 -1.57 -6.01
C ASP B 129 15.21 -2.39 -5.86
N PHE B 130 16.19 -1.79 -5.19
CA PHE B 130 17.51 -2.43 -4.99
C PHE B 130 17.94 -2.49 -3.52
N HIS B 131 18.44 -3.65 -3.13
CA HIS B 131 18.92 -3.85 -1.77
C HIS B 131 20.29 -4.50 -1.80
N TYR B 132 21.25 -3.89 -1.11
CA TYR B 132 22.59 -4.47 -0.98
C TYR B 132 22.71 -5.09 0.41
N PRO B 133 22.43 -6.40 0.53
CA PRO B 133 22.32 -7.02 1.85
C PRO B 133 23.58 -6.93 2.71
N GLU B 134 24.75 -7.07 2.11
CA GLU B 134 25.99 -6.99 2.88
C GLU B 134 26.26 -5.58 3.38
N LEU B 135 25.79 -4.59 2.63
CA LEU B 135 26.00 -3.19 3.00
C LEU B 135 24.88 -2.61 3.85
N GLY B 136 23.72 -3.26 3.84
CA GLY B 136 22.57 -2.74 4.58
C GLY B 136 22.01 -1.50 3.92
N LEU B 137 22.23 -1.38 2.62
CA LEU B 137 21.83 -0.20 1.87
C LEU B 137 20.65 -0.46 0.94
N ARG B 138 19.74 0.51 0.86
CA ARG B 138 18.63 0.44 -0.09
C ARG B 138 18.62 1.67 -0.98
N ASN B 139 18.42 1.45 -2.28
CA ASN B 139 18.18 2.53 -3.22
C ASN B 139 17.19 2.04 -4.27
N SER B 140 16.72 2.94 -5.12
CA SER B 140 15.69 2.58 -6.10
C SER B 140 15.97 3.18 -7.47
N ASN B 141 15.67 2.39 -8.51
CA ASN B 141 15.66 2.85 -9.90
C ASN B 141 17.02 3.18 -10.51
N GLU B 142 18.00 3.47 -9.67
CA GLU B 142 19.38 3.59 -10.13
C GLU B 142 20.25 2.68 -9.29
N LEU B 143 20.89 1.74 -9.95
CA LEU B 143 21.70 0.73 -9.29
C LEU B 143 23.16 1.10 -9.46
N VAL B 144 23.83 1.44 -8.37
CA VAL B 144 25.23 1.80 -8.40
C VAL B 144 26.11 0.56 -8.16
N LEU B 145 27.15 0.43 -8.97
CA LEU B 145 28.01 -0.76 -8.94
C LEU B 145 29.47 -0.37 -9.16
N PRO B 146 30.39 -1.16 -8.57
CA PRO B 146 31.83 -1.00 -8.78
C PRO B 146 32.34 -1.73 -10.02
N ALA B 147 33.07 -1.02 -10.88
CA ALA B 147 33.75 -1.67 -11.99
C ALA B 147 34.82 -2.63 -11.48
N GLY B 148 34.98 -3.74 -12.19
CA GLY B 148 36.02 -4.70 -11.88
C GLY B 148 35.67 -5.65 -10.76
N VAL B 149 34.44 -5.57 -10.28
CA VAL B 149 34.00 -6.43 -9.19
C VAL B 149 32.80 -7.25 -9.60
N PRO B 150 32.88 -8.58 -9.45
CA PRO B 150 31.75 -9.44 -9.82
C PRO B 150 30.52 -9.17 -8.96
N VAL B 151 29.36 -9.12 -9.61
CA VAL B 151 28.11 -8.91 -8.90
C VAL B 151 27.14 -10.05 -9.22
N GLU B 152 26.29 -10.40 -8.27
CA GLU B 152 25.27 -11.40 -8.50
C GLU B 152 23.90 -10.80 -8.23
N LEU B 153 23.11 -10.62 -9.28
CA LEU B 153 21.78 -10.05 -9.15
C LEU B 153 20.76 -11.12 -8.76
N GLU B 154 20.06 -10.90 -7.65
CA GLU B 154 19.02 -11.82 -7.21
C GLU B 154 17.68 -11.15 -7.40
N ILE B 155 16.90 -11.69 -8.33
CA ILE B 155 15.79 -10.96 -8.92
C ILE B 155 14.45 -11.61 -8.60
N THR B 156 13.49 -10.78 -8.22
CA THR B 156 12.10 -11.22 -8.09
C THR B 156 11.11 -10.10 -8.37
N SER B 157 9.83 -10.42 -8.25
CA SER B 157 8.75 -9.48 -8.46
C SER B 157 7.73 -9.53 -7.33
N LYS B 158 7.12 -8.40 -7.02
CA LYS B 158 6.02 -8.35 -6.06
C LYS B 158 4.63 -8.39 -6.69
N ASP B 159 4.54 -8.43 -8.02
CA ASP B 159 3.21 -8.46 -8.65
C ASP B 159 3.06 -9.32 -9.92
N VAL B 160 3.47 -8.79 -11.07
CA VAL B 160 3.40 -9.57 -12.32
C VAL B 160 4.81 -9.83 -12.82
N ILE B 161 4.93 -10.58 -13.91
CA ILE B 161 6.26 -10.86 -14.43
C ILE B 161 6.90 -9.61 -15.04
N HIS B 162 8.15 -9.36 -14.66
CA HIS B 162 8.95 -8.30 -15.27
C HIS B 162 10.22 -8.93 -15.80
N SER B 163 11.09 -8.12 -16.39
CA SER B 163 12.38 -8.63 -16.88
C SER B 163 13.42 -7.53 -16.79
N PHE B 164 14.55 -7.88 -16.20
CA PHE B 164 15.59 -6.92 -15.87
C PHE B 164 16.67 -6.93 -16.94
N TRP B 165 16.76 -5.83 -17.69
CA TRP B 165 17.61 -5.78 -18.88
C TRP B 165 18.47 -4.54 -18.94
N VAL B 166 19.79 -4.74 -18.87
CA VAL B 166 20.78 -3.68 -19.08
C VAL B 166 21.65 -4.09 -20.25
N PRO B 167 21.21 -3.74 -21.47
CA PRO B 167 21.83 -4.25 -22.71
C PRO B 167 23.32 -3.97 -22.80
N GLY B 168 23.76 -2.82 -22.32
CA GLY B 168 25.16 -2.46 -22.41
C GLY B 168 26.06 -3.33 -21.55
N LEU B 169 25.45 -4.05 -20.61
CA LEU B 169 26.21 -4.91 -19.69
C LEU B 169 25.98 -6.41 -19.92
N ALA B 170 24.71 -6.81 -20.03
CA ALA B 170 24.39 -8.23 -20.04
C ALA B 170 22.99 -8.52 -20.60
N GLY B 171 22.75 -9.78 -20.92
CA GLY B 171 21.41 -10.22 -21.25
C GLY B 171 20.44 -10.09 -20.08
N LYS B 172 19.15 -10.28 -20.36
CA LYS B 172 18.11 -10.07 -19.37
C LYS B 172 17.79 -11.34 -18.58
N ARG B 173 17.14 -11.16 -17.44
CA ARG B 173 16.57 -12.29 -16.71
C ARG B 173 15.23 -11.87 -16.14
N ASP B 174 14.23 -12.74 -16.28
CA ASP B 174 12.87 -12.40 -15.86
C ASP B 174 12.71 -12.30 -14.35
N ALA B 175 11.81 -11.43 -13.91
CA ALA B 175 11.48 -11.29 -12.49
C ALA B 175 10.10 -11.90 -12.27
N ILE B 176 10.09 -13.05 -11.62
CA ILE B 176 8.88 -13.85 -11.52
C ILE B 176 8.38 -13.98 -10.07
N PRO B 177 7.14 -13.55 -9.81
CA PRO B 177 6.57 -13.62 -8.46
C PRO B 177 6.64 -15.02 -7.86
N GLY B 178 7.07 -15.10 -6.60
CA GLY B 178 7.13 -16.36 -5.90
C GLY B 178 8.43 -17.14 -6.05
N GLN B 179 9.40 -16.57 -6.75
CA GLN B 179 10.69 -17.23 -6.91
C GLN B 179 11.83 -16.24 -7.16
N THR B 180 13.04 -16.74 -7.03
CA THR B 180 14.22 -15.90 -7.22
C THR B 180 15.03 -16.41 -8.40
N THR B 181 15.26 -15.54 -9.38
CA THR B 181 16.14 -15.87 -10.49
C THR B 181 17.41 -15.06 -10.29
N ARG B 182 18.46 -15.43 -11.01
CA ARG B 182 19.74 -14.73 -10.82
C ARG B 182 20.56 -14.66 -12.09
N ILE B 183 21.43 -13.67 -12.13
CA ILE B 183 22.39 -13.54 -13.21
C ILE B 183 23.65 -12.91 -12.63
N SER B 184 24.80 -13.43 -13.04
CA SER B 184 26.08 -12.96 -12.53
C SER B 184 26.94 -12.40 -13.65
N PHE B 185 27.65 -11.33 -13.37
CA PHE B 185 28.57 -10.76 -14.33
C PHE B 185 29.45 -9.75 -13.62
N GLU B 186 30.44 -9.24 -14.34
CA GLU B 186 31.35 -8.25 -13.80
C GLU B 186 31.36 -7.03 -14.70
N PRO B 187 30.83 -5.91 -14.19
CA PRO B 187 30.91 -4.64 -14.93
C PRO B 187 32.37 -4.29 -15.12
N LYS B 188 32.73 -3.73 -16.27
CA LYS B 188 34.13 -3.43 -16.59
C LYS B 188 34.33 -1.94 -16.86
N GLU B 189 33.43 -1.38 -17.67
CA GLU B 189 33.60 -0.02 -18.16
C GLU B 189 32.69 0.95 -17.41
N PRO B 190 33.29 1.91 -16.69
CA PRO B 190 32.47 2.90 -15.97
C PRO B 190 31.55 3.63 -16.93
N GLY B 191 30.32 3.87 -16.49
CA GLY B 191 29.40 4.68 -17.28
C GLY B 191 27.99 4.68 -16.71
N LEU B 192 27.11 5.41 -17.38
CA LEU B 192 25.71 5.44 -17.00
C LEU B 192 24.92 4.59 -18.00
N TYR B 193 24.43 3.43 -17.56
CA TYR B 193 23.77 2.49 -18.47
C TYR B 193 22.25 2.52 -18.41
N TYR B 194 21.62 2.61 -19.58
CA TYR B 194 20.16 2.48 -19.69
C TYR B 194 19.71 1.08 -19.32
N GLY B 195 18.63 1.00 -18.53
CA GLY B 195 17.99 -0.26 -18.21
C GLY B 195 16.50 -0.22 -18.55
N PHE B 196 15.96 -1.38 -18.94
CA PHE B 196 14.57 -1.49 -19.39
C PHE B 196 13.89 -2.69 -18.74
N CYS B 197 12.60 -2.58 -18.45
CA CYS B 197 11.82 -3.79 -18.21
C CYS B 197 11.50 -4.44 -19.55
N ALA B 198 11.75 -5.73 -19.65
CA ALA B 198 11.61 -6.44 -20.91
C ALA B 198 10.60 -7.57 -20.82
N GLU B 199 9.53 -7.33 -20.06
CA GLU B 199 8.37 -8.23 -20.07
C GLU B 199 7.10 -7.40 -19.87
N LEU B 200 6.24 -7.39 -20.89
CA LEU B 200 5.04 -6.55 -20.87
C LEU B 200 4.29 -6.75 -19.55
N CYS B 201 4.23 -5.70 -18.76
CA CYS B 201 3.69 -5.79 -17.41
C CYS B 201 2.49 -4.85 -17.17
N GLY B 202 2.09 -4.11 -18.21
CA GLY B 202 0.94 -3.22 -18.10
C GLY B 202 1.11 -1.91 -18.85
N ALA B 203 0.25 -0.94 -18.55
CA ALA B 203 0.19 0.29 -19.33
C ALA B 203 1.50 1.09 -19.31
N SER B 204 2.29 0.92 -18.26
CA SER B 204 3.54 1.68 -18.15
C SER B 204 4.80 0.80 -18.26
N HIS B 205 4.63 -0.36 -18.88
CA HIS B 205 5.74 -1.23 -19.28
C HIS B 205 6.86 -0.42 -19.96
N ALA B 206 6.50 0.48 -20.87
CA ALA B 206 7.49 1.26 -21.60
C ALA B 206 8.08 2.38 -20.74
N ARG B 207 7.55 2.51 -19.53
CA ARG B 207 8.01 3.56 -18.61
C ARG B 207 8.59 2.96 -17.35
N MET B 208 8.96 1.69 -17.41
CA MET B 208 9.56 1.02 -16.26
C MET B 208 11.06 0.86 -16.48
N LEU B 209 11.76 1.98 -16.51
CA LEU B 209 13.17 1.94 -16.86
C LEU B 209 14.04 2.11 -15.62
N PHE B 210 15.34 2.16 -15.82
CA PHE B 210 16.28 2.35 -14.71
C PHE B 210 17.66 2.70 -15.26
N ARG B 211 18.60 2.95 -14.36
CA ARG B 211 19.98 3.19 -14.74
C ARG B 211 20.87 2.27 -13.93
N VAL B 212 21.92 1.75 -14.55
CA VAL B 212 23.02 1.16 -13.81
C VAL B 212 24.15 2.17 -13.85
N VAL B 213 24.58 2.62 -12.67
CA VAL B 213 25.71 3.53 -12.54
C VAL B 213 26.95 2.73 -12.20
N VAL B 214 27.86 2.60 -13.17
CA VAL B 214 29.11 1.87 -12.94
C VAL B 214 30.25 2.84 -12.65
N LEU B 215 30.84 2.72 -11.47
CA LEU B 215 31.89 3.62 -11.01
C LEU B 215 33.18 2.83 -10.82
N PRO B 216 34.33 3.52 -10.90
CA PRO B 216 35.58 2.89 -10.46
C PRO B 216 35.40 2.37 -9.04
N LYS B 217 35.93 1.19 -8.74
CA LYS B 217 35.75 0.58 -7.42
C LYS B 217 35.96 1.56 -6.27
N GLU B 218 37.05 2.32 -6.35
CA GLU B 218 37.39 3.28 -5.31
C GLU B 218 36.23 4.25 -5.06
N GLU B 219 35.65 4.76 -6.15
CA GLU B 219 34.53 5.69 -6.02
C GLU B 219 33.26 5.02 -5.50
N PHE B 220 33.02 3.77 -5.90
CA PHE B 220 31.85 3.05 -5.39
C PHE B 220 31.91 2.89 -3.88
N ASP B 221 33.05 2.44 -3.37
CA ASP B 221 33.23 2.26 -1.93
C ASP B 221 33.02 3.56 -1.18
N ARG B 222 33.51 4.65 -1.76
CA ARG B 222 33.34 5.99 -1.19
C ARG B 222 31.87 6.38 -1.13
N PHE B 223 31.12 6.01 -2.17
CA PHE B 223 29.71 6.36 -2.28
C PHE B 223 28.85 5.67 -1.24
N VAL B 224 29.01 4.35 -1.13
CA VAL B 224 28.28 3.55 -0.16
C VAL B 224 28.67 3.96 1.26
N GLU B 225 29.95 4.31 1.45
CA GLU B 225 30.43 4.73 2.77
C GLU B 225 29.63 5.95 3.21
N ALA B 226 29.56 6.94 2.34
CA ALA B 226 28.84 8.18 2.66
C ALA B 226 27.35 7.96 2.88
N ALA B 227 26.77 7.05 2.09
CA ALA B 227 25.36 6.71 2.19
C ALA B 227 24.98 6.21 3.58
N LYS B 228 25.81 5.34 4.13
CA LYS B 228 25.53 4.72 5.43
C LYS B 228 26.14 5.51 6.60
N ALA B 229 26.96 6.50 6.29
CA ALA B 229 27.72 7.23 7.31
C ALA B 229 26.83 8.12 8.18
N SER B 230 25.97 8.90 7.54
CA SER B 230 25.08 9.81 8.25
C SER B 230 23.70 9.84 7.60
N PRO B 231 22.69 10.36 8.32
CA PRO B 231 21.34 10.40 7.77
C PRO B 231 21.24 11.37 6.61
N ALA B 232 20.17 11.26 5.83
CA ALA B 232 19.91 12.19 4.77
C ALA B 232 19.70 13.60 5.34
N PRO B 233 20.40 14.58 4.77
CA PRO B 233 20.28 15.97 5.22
C PRO B 233 18.87 16.53 5.08
N VAL B 234 18.59 17.58 5.83
CA VAL B 234 17.33 18.31 5.72
C VAL B 234 17.64 19.71 5.19
N ALA B 235 17.52 19.87 3.88
CA ALA B 235 17.87 21.12 3.22
C ALA B 235 16.77 22.17 3.27
N ASP B 236 15.56 21.76 3.69
CA ASP B 236 14.44 22.69 3.86
C ASP B 236 13.40 22.11 4.80
N GLU B 237 13.29 22.69 5.99
CA GLU B 237 12.43 22.14 7.04
C GLU B 237 10.96 22.22 6.69
N ARG B 238 10.60 23.26 5.95
CA ARG B 238 9.24 23.38 5.45
C ARG B 238 8.97 22.26 4.46
N GLY B 239 9.90 22.04 3.55
CA GLY B 239 9.79 20.97 2.57
C GLY B 239 9.71 19.61 3.26
N GLN B 240 10.53 19.42 4.28
CA GLN B 240 10.51 18.20 5.07
C GLN B 240 9.11 17.99 5.63
N GLN B 241 8.51 19.06 6.15
CA GLN B 241 7.18 18.94 6.72
C GLN B 241 6.12 18.65 5.66
N VAL B 242 6.25 19.25 4.49
CA VAL B 242 5.31 18.98 3.41
C VAL B 242 5.41 17.50 3.09
N PHE B 243 6.65 17.01 3.03
CA PHE B 243 6.92 15.59 2.79
C PHE B 243 6.25 14.67 3.82
N GLN B 244 6.39 15.01 5.09
CA GLN B 244 5.83 14.20 6.17
C GLN B 244 4.33 14.08 6.03
N GLN B 245 3.70 15.19 5.63
CA GLN B 245 2.24 15.26 5.51
C GLN B 245 1.67 14.46 4.37
N ASN B 246 2.47 14.29 3.32
CA ASN B 246 1.93 13.81 2.05
C ASN B 246 2.64 12.60 1.44
N CYS B 247 3.89 12.36 1.82
CA CYS B 247 4.75 11.42 1.11
C CYS B 247 5.32 10.29 1.95
N ALA B 248 5.59 10.58 3.22
CA ALA B 248 6.31 9.64 4.07
C ALA B 248 5.55 8.34 4.21
N ALA B 249 4.22 8.39 4.05
CA ALA B 249 3.39 7.19 4.09
C ALA B 249 3.83 6.13 3.08
N CYS B 250 4.34 6.56 1.93
CA CYS B 250 4.69 5.62 0.87
C CYS B 250 6.21 5.56 0.62
N HIS B 251 6.97 6.54 1.14
CA HIS B 251 8.39 6.70 0.78
C HIS B 251 9.35 6.80 1.98
N GLY B 252 10.32 5.91 2.02
CA GLY B 252 11.34 5.99 3.05
C GLY B 252 12.47 6.91 2.60
N VAL B 253 13.20 7.45 3.58
CA VAL B 253 14.36 8.28 3.28
C VAL B 253 15.57 7.81 4.08
N ALA B 254 15.44 6.67 4.74
CA ALA B 254 16.50 6.15 5.60
C ALA B 254 17.58 5.31 4.88
N ARG B 255 17.40 5.06 3.57
CA ARG B 255 18.39 4.37 2.77
C ARG B 255 18.60 2.95 3.24
N SER B 256 17.54 2.37 3.77
CA SER B 256 17.55 0.99 4.23
C SER B 256 16.17 0.40 4.08
N MET B 257 16.09 -0.93 4.05
CA MET B 257 14.82 -1.62 3.87
C MET B 257 13.83 -1.30 4.98
N PRO B 258 12.68 -0.73 4.60
CA PRO B 258 11.59 -0.51 5.54
C PRO B 258 10.88 -1.83 5.80
N PRO B 259 10.05 -1.88 6.86
CA PRO B 259 9.30 -3.10 7.18
C PRO B 259 8.36 -3.50 6.05
N ALA B 260 7.72 -2.53 5.41
CA ALA B 260 6.86 -2.78 4.27
C ALA B 260 7.21 -1.78 3.16
N VAL B 261 7.50 -2.29 1.97
CA VAL B 261 7.78 -1.41 0.85
C VAL B 261 6.50 -1.01 0.13
N ILE B 262 6.31 0.28 -0.09
CA ILE B 262 5.22 0.73 -0.93
C ILE B 262 5.77 1.41 -2.17
N GLY B 263 6.52 2.48 -1.94
CA GLY B 263 7.13 3.23 -3.03
C GLY B 263 8.64 3.20 -2.98
N PRO B 264 9.28 3.77 -4.01
CA PRO B 264 10.74 3.81 -4.06
C PRO B 264 11.39 4.57 -2.90
N GLU B 265 12.63 4.19 -2.62
CA GLU B 265 13.48 4.88 -1.66
C GLU B 265 13.86 6.27 -2.16
N LEU B 266 13.75 7.28 -1.30
CA LEU B 266 14.04 8.65 -1.71
C LEU B 266 15.25 9.24 -0.97
N GLY B 267 15.86 8.45 -0.10
CA GLY B 267 17.02 8.87 0.67
C GLY B 267 18.25 9.28 -0.15
N LEU B 268 18.33 8.80 -1.39
CA LEU B 268 19.42 9.21 -2.26
C LEU B 268 18.87 9.90 -3.50
N TRP B 269 17.72 10.54 -3.36
CA TRP B 269 17.07 11.21 -4.49
C TRP B 269 17.96 12.21 -5.23
N GLY B 270 18.65 13.06 -4.48
CA GLY B 270 19.47 14.12 -5.06
C GLY B 270 20.65 13.62 -5.87
N ASN B 271 20.96 12.32 -5.76
CA ASN B 271 22.01 11.70 -6.56
C ASN B 271 21.46 11.04 -7.83
N ARG B 272 20.14 10.98 -7.92
CA ARG B 272 19.45 10.31 -9.01
C ARG B 272 19.58 11.15 -10.29
N THR B 273 19.97 10.54 -11.40
CA THR B 273 20.11 11.29 -12.66
C THR B 273 18.77 11.40 -13.36
N SER B 274 17.86 10.47 -13.06
CA SER B 274 16.58 10.39 -13.76
C SER B 274 15.41 10.26 -12.80
N LEU B 275 14.20 10.45 -13.32
CA LEU B 275 12.99 10.45 -12.51
C LEU B 275 11.86 9.61 -13.14
N GLY B 276 11.06 8.96 -12.30
CA GLY B 276 9.88 8.26 -12.77
C GLY B 276 10.22 6.88 -13.27
N ALA B 277 11.19 6.26 -12.60
CA ALA B 277 11.78 5.01 -13.07
C ALA B 277 12.45 5.24 -14.43
N GLY B 278 13.35 6.24 -14.46
CA GLY B 278 14.26 6.45 -15.56
C GLY B 278 13.70 6.96 -16.87
N ILE B 279 12.56 7.65 -16.84
CA ILE B 279 11.94 8.11 -18.08
C ILE B 279 12.22 9.58 -18.41
N VAL B 280 12.65 10.34 -17.42
CA VAL B 280 12.87 11.76 -17.57
C VAL B 280 14.04 12.20 -16.69
N GLU B 281 14.71 13.29 -17.07
CA GLU B 281 15.81 13.83 -16.27
C GLU B 281 15.30 14.33 -14.92
N ASN B 282 16.07 14.07 -13.88
CA ASN B 282 15.81 14.63 -12.55
C ASN B 282 16.18 16.11 -12.51
N THR B 283 15.17 16.97 -12.62
CA THR B 283 15.34 18.41 -12.47
C THR B 283 14.16 18.93 -11.68
N PRO B 284 14.33 20.09 -11.03
CA PRO B 284 13.25 20.64 -10.21
C PRO B 284 11.95 20.75 -10.99
N GLU B 285 12.02 21.24 -12.22
CA GLU B 285 10.82 21.41 -13.04
C GLU B 285 10.15 20.07 -13.38
N ASN B 286 10.95 19.07 -13.71
CA ASN B 286 10.39 17.75 -13.96
C ASN B 286 9.83 17.12 -12.71
N LEU B 287 10.45 17.40 -11.57
CA LEU B 287 9.98 16.86 -10.31
C LEU B 287 8.62 17.46 -9.92
N LYS B 288 8.45 18.75 -10.16
CA LYS B 288 7.17 19.42 -9.87
C LYS B 288 6.07 18.81 -10.72
N ALA B 289 6.31 18.76 -12.03
CA ALA B 289 5.34 18.20 -12.96
C ALA B 289 4.97 16.79 -12.53
N TRP B 290 5.98 16.01 -12.15
CA TRP B 290 5.75 14.64 -11.70
C TRP B 290 4.85 14.61 -10.45
N ILE B 291 5.20 15.41 -9.45
CA ILE B 291 4.45 15.44 -8.21
C ILE B 291 3.02 15.88 -8.46
N ARG B 292 2.85 16.78 -9.43
CA ARG B 292 1.53 17.31 -9.76
C ARG B 292 0.64 16.28 -10.45
N ASP B 293 1.24 15.45 -11.28
CA ASP B 293 0.46 14.46 -12.03
C ASP B 293 1.29 13.32 -12.59
N PRO B 294 1.63 12.35 -11.74
CA PRO B 294 2.46 11.23 -12.19
C PRO B 294 1.83 10.52 -13.38
N ALA B 295 0.51 10.34 -13.36
CA ALA B 295 -0.18 9.60 -14.43
C ALA B 295 -0.01 10.24 -15.80
N GLY B 296 0.19 11.55 -15.82
CA GLY B 296 0.41 12.24 -17.06
C GLY B 296 1.72 11.82 -17.69
N MET B 297 2.60 11.19 -16.91
CA MET B 297 3.87 10.69 -17.44
C MET B 297 3.90 9.16 -17.52
N LYS B 298 3.14 8.50 -16.64
CA LYS B 298 3.10 7.04 -16.60
C LYS B 298 1.66 6.58 -16.47
N PRO B 299 1.02 6.27 -17.59
CA PRO B 299 -0.34 5.74 -17.58
C PRO B 299 -0.44 4.55 -16.63
N GLY B 300 -1.43 4.57 -15.75
CA GLY B 300 -1.64 3.47 -14.83
C GLY B 300 -0.74 3.46 -13.59
N VAL B 301 0.02 4.53 -13.40
CA VAL B 301 0.96 4.62 -12.28
C VAL B 301 0.23 4.63 -10.93
N LYS B 302 0.83 4.00 -9.92
CA LYS B 302 0.16 3.84 -8.63
C LYS B 302 0.50 4.91 -7.59
N MET B 303 0.83 6.10 -8.05
CA MET B 303 1.03 7.24 -7.16
C MET B 303 0.05 8.33 -7.52
N PRO B 304 -0.67 8.85 -6.52
CA PRO B 304 -1.61 9.95 -6.76
C PRO B 304 -0.86 11.22 -7.10
N GLY B 305 -1.49 12.12 -7.84
CA GLY B 305 -0.98 13.47 -8.01
C GLY B 305 -1.30 14.35 -6.81
N PHE B 306 -0.62 15.49 -6.73
CA PHE B 306 -0.84 16.44 -5.66
C PHE B 306 -0.98 17.83 -6.27
N PRO B 307 -1.93 17.99 -7.20
CA PRO B 307 -2.08 19.28 -7.86
C PRO B 307 -2.56 20.38 -6.90
N GLN B 308 -3.04 19.99 -5.71
CA GLN B 308 -3.56 20.95 -4.74
C GLN B 308 -2.46 21.76 -4.05
N LEU B 309 -1.28 21.16 -3.93
CA LEU B 309 -0.16 21.83 -3.29
C LEU B 309 0.13 23.20 -3.90
N SER B 310 0.39 24.18 -3.05
CA SER B 310 0.71 25.53 -3.49
C SER B 310 2.12 25.57 -4.06
N GLU B 311 2.39 26.60 -4.85
CA GLU B 311 3.70 26.82 -5.45
C GLU B 311 4.81 26.92 -4.39
N GLU B 312 4.49 27.52 -3.24
CA GLU B 312 5.48 27.63 -2.17
C GLU B 312 5.75 26.29 -1.49
N ASP B 313 4.70 25.55 -1.15
CA ASP B 313 4.85 24.21 -0.56
C ASP B 313 5.65 23.31 -1.47
N LEU B 314 5.20 23.25 -2.70
CA LEU B 314 5.84 22.41 -3.69
C LEU B 314 7.31 22.77 -3.86
N ASP B 315 7.62 24.05 -3.89
CA ASP B 315 8.99 24.49 -4.03
C ASP B 315 9.81 24.09 -2.81
N ALA B 316 9.27 24.33 -1.62
CA ALA B 316 9.93 23.89 -0.40
C ALA B 316 10.16 22.38 -0.46
N LEU B 317 9.17 21.64 -0.93
CA LEU B 317 9.24 20.18 -0.98
C LEU B 317 10.32 19.73 -1.94
N VAL B 318 10.43 20.42 -3.07
CA VAL B 318 11.47 20.09 -4.04
C VAL B 318 12.88 20.38 -3.51
N ARG B 319 13.04 21.48 -2.79
CA ARG B 319 14.34 21.77 -2.18
C ARG B 319 14.73 20.65 -1.21
N TYR B 320 13.78 20.19 -0.40
CA TYR B 320 14.04 19.13 0.55
C TYR B 320 14.42 17.83 -0.18
N LEU B 321 13.61 17.46 -1.18
CA LEU B 321 13.88 16.24 -1.96
C LEU B 321 15.26 16.26 -2.62
N GLU B 322 15.61 17.37 -3.25
CA GLU B 322 16.92 17.45 -3.91
C GLU B 322 18.08 17.46 -2.91
N GLY B 323 17.78 17.72 -1.64
CA GLY B 323 18.81 17.70 -0.61
C GLY B 323 19.11 16.31 -0.09
N LEU B 324 18.22 15.36 -0.38
CA LEU B 324 18.42 13.99 0.06
C LEU B 324 19.50 13.30 -0.75
N LYS B 325 20.75 13.46 -0.33
CA LYS B 325 21.87 12.92 -1.10
C LYS B 325 23.17 12.91 -0.31
N VAL B 326 24.22 12.37 -0.94
CA VAL B 326 25.57 12.44 -0.43
C VAL B 326 26.42 13.27 -1.41
N GLU B 327 27.35 14.04 -0.86
CA GLU B 327 28.11 15.00 -1.64
C GLU B 327 29.28 14.40 -2.39
N GLY B 328 29.67 15.06 -3.47
CA GLY B 328 30.89 14.72 -4.19
C GLY B 328 30.77 13.68 -5.29
N PHE B 329 29.57 13.58 -5.88
CA PHE B 329 29.36 12.64 -6.99
C PHE B 329 28.62 13.30 -8.13
N ASP B 330 29.00 12.94 -9.35
CA ASP B 330 28.36 13.49 -10.55
C ASP B 330 28.14 12.39 -11.58
N PHE B 331 27.07 11.63 -11.39
CA PHE B 331 26.80 10.48 -12.25
C PHE B 331 26.47 10.90 -13.68
N GLY B 332 25.95 12.12 -13.84
CA GLY B 332 25.59 12.61 -15.17
C GLY B 332 26.77 12.95 -16.05
N ALA B 333 27.98 12.84 -15.51
CA ALA B 333 29.19 13.16 -16.28
C ALA B 333 29.88 11.90 -16.81
N LEU B 334 29.38 10.74 -16.41
CA LEU B 334 29.87 9.46 -16.92
C LEU B 334 29.53 9.30 -18.41
N PRO B 335 30.33 8.49 -19.13
CA PRO B 335 29.97 8.18 -20.52
C PRO B 335 28.64 7.44 -20.55
N LYS B 336 27.83 7.71 -21.57
CA LYS B 336 26.45 7.25 -21.60
C LYS B 336 26.22 6.03 -22.49
N PHE B 337 25.78 4.94 -21.86
CA PHE B 337 25.63 3.64 -22.50
C PHE B 337 24.23 3.06 -22.27
N VAL C 2 21.95 -37.93 -20.84
CA VAL C 2 21.13 -39.13 -20.79
C VAL C 2 19.63 -38.81 -20.80
N TYR C 3 19.24 -37.76 -20.07
CA TYR C 3 17.84 -37.38 -20.00
C TYR C 3 17.33 -36.77 -21.30
N ILE C 4 18.21 -36.04 -21.99
CA ILE C 4 17.85 -35.46 -23.28
C ILE C 4 17.63 -36.56 -24.32
N ALA C 5 18.45 -37.60 -24.26
CA ALA C 5 18.29 -38.75 -25.14
C ALA C 5 17.01 -39.49 -24.80
N LEU C 6 16.65 -39.50 -23.52
CA LEU C 6 15.42 -40.14 -23.07
C LEU C 6 14.20 -39.39 -23.59
N PHE C 7 14.33 -38.07 -23.68
CA PHE C 7 13.26 -37.23 -24.20
C PHE C 7 13.11 -37.48 -25.68
N ALA C 8 14.24 -37.52 -26.39
CA ALA C 8 14.23 -37.82 -27.81
C ALA C 8 13.60 -39.18 -28.07
N LEU C 9 13.97 -40.17 -27.27
CA LEU C 9 13.41 -41.51 -27.38
C LEU C 9 11.89 -41.50 -27.16
N GLY C 10 11.43 -40.72 -26.20
CA GLY C 10 10.01 -40.57 -25.97
C GLY C 10 9.27 -40.03 -27.19
N ALA C 11 9.83 -38.98 -27.80
CA ALA C 11 9.22 -38.37 -28.98
C ALA C 11 9.20 -39.34 -30.15
N ALA C 12 10.26 -40.12 -30.29
CA ALA C 12 10.34 -41.10 -31.36
C ALA C 12 9.26 -42.16 -31.19
N LEU C 13 9.03 -42.58 -29.95
CA LEU C 13 8.04 -43.62 -29.66
C LEU C 13 6.62 -43.09 -29.92
N VAL C 14 6.37 -41.86 -29.48
CA VAL C 14 5.12 -41.20 -29.76
C VAL C 14 4.92 -41.15 -31.29
N THR C 15 5.97 -40.76 -32.00
CA THR C 15 5.91 -40.69 -33.45
C THR C 15 5.60 -42.06 -34.04
N LEU C 16 6.39 -43.06 -33.64
CA LEU C 16 6.26 -44.42 -34.16
C LEU C 16 4.86 -44.98 -33.95
N PHE C 17 4.37 -44.90 -32.72
CA PHE C 17 3.05 -45.44 -32.41
C PHE C 17 1.93 -44.71 -33.14
N PHE C 18 2.10 -43.41 -33.41
CA PHE C 18 1.14 -42.70 -34.22
C PHE C 18 1.15 -43.25 -35.64
N TYR C 19 2.35 -43.49 -36.17
CA TYR C 19 2.47 -44.07 -37.50
C TYR C 19 1.82 -45.46 -37.58
N LEU C 20 2.12 -46.32 -36.61
CA LEU C 20 1.66 -47.70 -36.64
C LEU C 20 0.14 -47.82 -36.70
N ILE C 21 -0.55 -46.84 -36.11
CA ILE C 21 -2.00 -46.93 -35.96
C ILE C 21 -2.79 -46.03 -36.94
N LEU C 22 -2.12 -45.09 -37.59
CA LEU C 22 -2.82 -44.08 -38.38
C LEU C 22 -2.44 -44.00 -39.86
N ASN C 23 -1.50 -44.83 -40.29
CA ASN C 23 -1.16 -44.88 -41.71
C ASN C 23 -2.32 -45.48 -42.52
N PRO C 24 -2.39 -45.12 -43.81
CA PRO C 24 -3.51 -45.49 -44.70
C PRO C 24 -3.76 -47.00 -44.77
N ARG C 25 -2.69 -47.79 -44.78
CA ARG C 25 -2.81 -49.25 -44.90
C ARG C 25 -3.46 -49.88 -43.67
N VAL C 26 -3.03 -49.46 -42.49
CA VAL C 26 -3.57 -50.01 -41.25
C VAL C 26 -5.05 -49.60 -41.05
N LEU C 27 -5.41 -48.41 -41.52
CA LEU C 27 -6.77 -47.93 -41.34
C LEU C 27 -7.80 -48.64 -42.21
N THR C 28 -7.33 -49.37 -43.22
CA THR C 28 -8.21 -50.16 -44.07
C THR C 28 -8.56 -51.50 -43.42
N THR C 29 -7.86 -51.83 -42.33
CA THR C 29 -8.13 -53.06 -41.58
C THR C 29 -9.60 -53.14 -41.21
N GLU C 30 -10.20 -54.31 -41.37
CA GLU C 30 -11.61 -54.49 -41.06
C GLU C 30 -11.83 -55.39 -39.85
N GLY C 31 -12.97 -55.22 -39.19
CA GLY C 31 -13.30 -55.96 -37.99
C GLY C 31 -13.74 -55.05 -36.87
N GLU C 32 -14.72 -55.49 -36.09
CA GLU C 32 -15.23 -54.70 -34.98
C GLU C 32 -14.14 -54.49 -33.93
N THR C 33 -13.12 -55.34 -33.99
CA THR C 33 -12.05 -55.33 -33.00
C THR C 33 -10.98 -54.28 -33.26
N PHE C 34 -10.96 -53.73 -34.46
CA PHE C 34 -9.99 -52.70 -34.79
C PHE C 34 -10.24 -51.41 -34.01
N ASP C 35 -11.51 -51.09 -33.76
CA ASP C 35 -11.86 -49.94 -32.93
C ASP C 35 -11.20 -50.01 -31.56
N LEU C 36 -11.18 -51.21 -30.97
CA LEU C 36 -10.58 -51.39 -29.64
C LEU C 36 -9.05 -51.32 -29.71
N ARG C 37 -8.49 -51.89 -30.76
CA ARG C 37 -7.06 -51.77 -31.03
C ARG C 37 -6.65 -50.30 -31.17
N PHE C 38 -7.30 -49.59 -32.08
CA PHE C 38 -7.06 -48.17 -32.29
C PHE C 38 -7.09 -47.39 -30.97
N VAL C 39 -8.12 -47.62 -30.16
CA VAL C 39 -8.31 -46.87 -28.92
C VAL C 39 -7.26 -47.23 -27.86
N LEU C 40 -6.84 -48.49 -27.83
CA LEU C 40 -5.78 -48.93 -26.92
C LEU C 40 -4.48 -48.18 -27.21
N PHE C 41 -4.17 -48.04 -28.49
CA PHE C 41 -3.00 -47.27 -28.91
C PHE C 41 -3.05 -45.84 -28.40
N MET C 42 -4.23 -45.22 -28.50
CA MET C 42 -4.43 -43.88 -27.98
C MET C 42 -4.15 -43.84 -26.48
N LEU C 43 -4.64 -44.83 -25.76
CA LEU C 43 -4.34 -44.92 -24.33
C LEU C 43 -2.84 -44.90 -24.08
N LEU C 44 -2.12 -45.71 -24.85
CA LEU C 44 -0.67 -45.80 -24.75
C LEU C 44 0.00 -44.50 -25.18
N LEU C 45 -0.57 -43.84 -26.20
CA LEU C 45 -0.05 -42.56 -26.66
C LEU C 45 -0.18 -41.47 -25.60
N ILE C 46 -1.27 -41.49 -24.86
CA ILE C 46 -1.45 -40.53 -23.78
C ILE C 46 -0.35 -40.68 -22.74
N LEU C 47 -0.09 -41.92 -22.33
CA LEU C 47 0.98 -42.20 -21.37
C LEU C 47 2.36 -41.77 -21.90
N LEU C 48 2.67 -42.16 -23.13
CA LEU C 48 3.96 -41.83 -23.72
C LEU C 48 4.19 -40.33 -23.83
N ALA C 49 3.22 -39.63 -24.42
CA ALA C 49 3.29 -38.17 -24.55
C ALA C 49 3.37 -37.47 -23.18
N ALA C 50 2.46 -37.81 -22.27
CA ALA C 50 2.46 -37.19 -20.95
C ALA C 50 3.80 -37.35 -20.25
N GLY C 51 4.30 -38.59 -20.21
CA GLY C 51 5.57 -38.89 -19.57
C GLY C 51 6.75 -38.18 -20.22
N THR C 52 6.73 -38.10 -21.54
CA THR C 52 7.80 -37.44 -22.27
C THR C 52 7.85 -35.96 -21.90
N VAL C 53 6.69 -35.31 -21.94
CA VAL C 53 6.62 -33.89 -21.59
C VAL C 53 6.91 -33.64 -20.11
N ALA C 54 6.38 -34.51 -19.25
CA ALA C 54 6.62 -34.39 -17.82
C ALA C 54 8.12 -34.46 -17.52
N LEU C 55 8.79 -35.41 -18.17
CA LEU C 55 10.24 -35.55 -18.06
C LEU C 55 10.96 -34.21 -18.25
N MET C 56 10.67 -33.55 -19.37
CA MET C 56 11.33 -32.29 -19.70
C MET C 56 11.02 -31.17 -18.69
N LEU C 57 9.77 -31.10 -18.23
CA LEU C 57 9.39 -30.13 -17.21
C LEU C 57 10.20 -30.32 -15.92
N LEU C 58 10.38 -31.57 -15.51
CA LEU C 58 11.19 -31.86 -14.32
C LEU C 58 12.67 -31.54 -14.55
N ILE C 59 13.18 -31.83 -15.74
CA ILE C 59 14.54 -31.43 -16.08
C ILE C 59 14.68 -29.92 -15.94
N GLY C 60 13.61 -29.20 -16.24
CA GLY C 60 13.61 -27.75 -16.11
C GLY C 60 13.87 -27.27 -14.70
N LYS C 61 13.56 -28.10 -13.71
CA LYS C 61 13.76 -27.74 -12.30
C LYS C 61 15.00 -28.39 -11.69
N ALA C 62 15.69 -29.20 -12.48
CA ALA C 62 16.87 -29.90 -12.00
C ALA C 62 18.13 -29.06 -12.23
N HIS C 63 18.30 -28.03 -11.43
CA HIS C 63 19.47 -27.16 -11.53
C HIS C 63 20.74 -27.87 -11.07
N HIS C 64 21.88 -27.48 -11.64
CA HIS C 64 23.18 -28.07 -11.31
C HIS C 64 23.22 -29.57 -11.65
N TRP D 12 18.31 52.61 32.72
CA TRP D 12 19.38 51.63 32.64
C TRP D 12 19.72 51.05 34.00
N ALA D 13 19.79 51.92 35.00
CA ALA D 13 20.17 51.50 36.34
C ALA D 13 19.22 50.45 36.90
N VAL D 14 17.93 50.60 36.60
CA VAL D 14 16.92 49.66 37.07
C VAL D 14 16.99 48.34 36.31
N LEU D 15 17.41 48.41 35.04
CA LEU D 15 17.54 47.22 34.22
C LEU D 15 18.69 46.34 34.70
N TRP D 16 19.84 46.97 34.94
CA TRP D 16 21.02 46.23 35.38
C TRP D 16 20.78 45.59 36.73
N ASP D 17 20.00 46.26 37.57
CA ASP D 17 19.60 45.71 38.86
C ASP D 17 18.75 44.45 38.69
N LEU D 18 17.75 44.51 37.81
CA LEU D 18 16.86 43.36 37.58
C LEU D 18 17.60 42.19 36.92
N LEU D 19 18.53 42.50 36.01
CA LEU D 19 19.27 41.49 35.28
C LEU D 19 20.22 40.72 36.19
N THR D 20 20.51 41.28 37.35
CA THR D 20 21.54 40.72 38.22
C THR D 20 21.03 40.36 39.62
N THR D 21 19.76 40.64 39.89
CA THR D 21 19.24 40.47 41.25
C THR D 21 19.11 39.00 41.61
N VAL D 22 19.24 38.71 42.91
CA VAL D 22 18.97 37.38 43.43
C VAL D 22 18.00 37.47 44.60
N ASP D 23 17.47 38.66 44.82
CA ASP D 23 16.50 38.87 45.88
C ASP D 23 15.21 38.17 45.48
N HIS D 24 14.74 37.25 46.32
CA HIS D 24 13.52 36.48 46.03
C HIS D 24 12.28 37.35 45.84
N LYS D 25 12.27 38.54 46.44
CA LYS D 25 11.12 39.45 46.33
C LYS D 25 11.03 40.06 44.93
N LYS D 26 12.16 40.48 44.38
CA LYS D 26 12.19 41.00 43.01
C LYS D 26 11.94 39.91 41.97
N ILE D 27 12.54 38.74 42.17
CA ILE D 27 12.28 37.61 41.31
C ILE D 27 10.78 37.28 41.35
N GLY D 28 10.20 37.34 42.55
CA GLY D 28 8.78 37.06 42.72
C GLY D 28 7.90 38.06 41.98
N LEU D 29 8.30 39.32 42.02
CA LEU D 29 7.56 40.36 41.35
C LEU D 29 7.66 40.20 39.85
N MET D 30 8.82 39.80 39.38
CA MET D 30 9.00 39.59 37.94
C MET D 30 8.13 38.43 37.45
N TYR D 31 8.14 37.31 38.16
CA TYR D 31 7.27 36.19 37.83
C TYR D 31 5.80 36.64 37.81
N THR D 32 5.41 37.32 38.87
CA THR D 32 4.02 37.74 39.04
C THR D 32 3.59 38.65 37.90
N ALA D 33 4.40 39.67 37.62
CA ALA D 33 4.06 40.61 36.56
C ALA D 33 4.02 39.91 35.19
N THR D 34 4.94 38.98 34.98
CA THR D 34 5.02 38.29 33.69
C THR D 34 3.82 37.35 33.52
N ALA D 35 3.52 36.60 34.58
CA ALA D 35 2.36 35.71 34.59
C ALA D 35 1.06 36.44 34.28
N PHE D 36 0.84 37.55 34.98
CA PHE D 36 -0.40 38.32 34.78
C PHE D 36 -0.44 39.04 33.43
N PHE D 37 0.72 39.44 32.93
CA PHE D 37 0.78 39.90 31.55
C PHE D 37 0.36 38.77 30.60
N ALA D 38 0.83 37.55 30.88
CA ALA D 38 0.47 36.41 30.05
C ALA D 38 -1.05 36.23 30.02
N PHE D 39 -1.67 36.34 31.19
CA PHE D 39 -3.12 36.23 31.29
C PHE D 39 -3.83 37.28 30.42
N ALA D 40 -3.33 38.50 30.45
CA ALA D 40 -3.92 39.57 29.65
C ALA D 40 -3.74 39.32 28.14
N LEU D 41 -2.55 38.88 27.75
CA LEU D 41 -2.26 38.56 26.36
C LEU D 41 -3.19 37.45 25.86
N ALA D 42 -3.22 36.34 26.60
CA ALA D 42 -4.06 35.20 26.24
C ALA D 42 -5.55 35.52 26.34
N GLY D 43 -5.88 36.52 27.16
CA GLY D 43 -7.27 36.95 27.32
C GLY D 43 -7.72 37.66 26.05
N VAL D 44 -6.85 38.50 25.52
CA VAL D 44 -7.12 39.13 24.25
C VAL D 44 -7.33 38.05 23.18
N PHE D 45 -6.48 37.02 23.20
CA PHE D 45 -6.62 35.92 22.23
C PHE D 45 -8.02 35.32 22.33
N SER D 46 -8.52 35.19 23.55
CA SER D 46 -9.84 34.61 23.78
C SER D 46 -10.94 35.50 23.23
N LEU D 47 -10.68 36.81 23.17
CA LEU D 47 -11.64 37.75 22.59
C LEU D 47 -11.71 37.59 21.08
N LEU D 48 -10.56 37.30 20.46
CA LEU D 48 -10.55 37.03 19.03
C LEU D 48 -11.31 35.74 18.74
N ILE D 49 -11.07 34.74 19.57
CA ILE D 49 -11.78 33.46 19.44
C ILE D 49 -13.29 33.65 19.53
N ARG D 50 -13.75 34.31 20.59
CA ARG D 50 -15.19 34.46 20.82
C ARG D 50 -15.86 35.37 19.81
N THR D 51 -15.10 36.31 19.25
CA THR D 51 -15.63 37.13 18.18
C THR D 51 -15.91 36.28 16.96
N GLN D 52 -14.95 35.41 16.60
CA GLN D 52 -15.14 34.51 15.47
C GLN D 52 -16.36 33.63 15.67
N LEU D 53 -16.58 33.20 16.92
CA LEU D 53 -17.66 32.27 17.23
C LEU D 53 -19.03 32.92 17.49
N ALA D 54 -19.07 34.26 17.48
CA ALA D 54 -20.30 34.98 17.84
C ALA D 54 -21.51 34.62 16.97
N VAL D 55 -21.25 34.28 15.71
CA VAL D 55 -22.30 33.84 14.79
C VAL D 55 -21.78 32.71 13.91
N PRO D 56 -22.70 31.91 13.35
CA PRO D 56 -22.34 30.80 12.46
C PRO D 56 -21.69 31.29 11.17
N ASN D 57 -20.81 30.48 10.60
CA ASN D 57 -20.25 30.77 9.27
C ASN D 57 -19.47 32.08 9.22
N ASN D 58 -18.81 32.42 10.32
CA ASN D 58 -18.09 33.69 10.40
C ASN D 58 -16.75 33.62 9.66
N GLN D 59 -16.27 34.77 9.20
CA GLN D 59 -15.02 34.82 8.43
C GLN D 59 -14.01 35.76 9.06
N PHE D 60 -14.14 35.98 10.37
CA PHE D 60 -13.25 36.87 11.08
C PHE D 60 -11.88 36.22 11.38
N LEU D 61 -11.92 34.97 11.82
CA LEU D 61 -10.70 34.24 12.15
C LEU D 61 -10.92 32.77 11.82
N THR D 62 -10.23 32.29 10.80
CA THR D 62 -10.59 30.98 10.25
C THR D 62 -9.43 30.02 10.11
N GLY D 63 -9.78 28.74 9.98
CA GLY D 63 -8.85 27.68 9.65
C GLY D 63 -7.59 27.66 10.49
N GLU D 64 -6.45 27.60 9.80
CA GLU D 64 -5.14 27.53 10.42
C GLU D 64 -4.92 28.70 11.39
N GLN D 65 -5.34 29.90 10.98
CA GLN D 65 -5.16 31.09 11.79
C GLN D 65 -5.89 30.97 13.12
N TYR D 66 -7.12 30.45 13.06
CA TYR D 66 -7.90 30.21 14.27
C TYR D 66 -7.19 29.17 15.14
N ASN D 67 -6.80 28.06 14.54
CA ASN D 67 -6.11 27.03 15.29
C ASN D 67 -4.82 27.51 15.95
N GLN D 68 -4.19 28.50 15.33
CA GLN D 68 -2.99 29.11 15.91
C GLN D 68 -3.34 29.93 17.15
N ILE D 69 -4.32 30.82 17.01
CA ILE D 69 -4.76 31.61 18.15
C ILE D 69 -5.24 30.71 19.29
N LEU D 70 -6.00 29.67 18.95
CA LEU D 70 -6.49 28.72 19.93
C LEU D 70 -5.34 28.09 20.70
N THR D 71 -4.34 27.58 19.97
CA THR D 71 -3.19 26.96 20.59
C THR D 71 -2.42 27.93 21.50
N LEU D 72 -2.19 29.14 21.01
CA LEU D 72 -1.55 30.17 21.84
C LEU D 72 -2.38 30.53 23.06
N HIS D 73 -3.70 30.61 22.91
CA HIS D 73 -4.56 30.91 24.05
C HIS D 73 -4.36 29.91 25.17
N GLY D 74 -4.52 28.62 24.85
CA GLY D 74 -4.44 27.58 25.86
C GLY D 74 -3.06 27.41 26.49
N ALA D 75 -2.02 27.39 25.66
CA ALA D 75 -0.67 27.15 26.18
C ALA D 75 -0.19 28.31 27.02
N THR D 76 -0.52 29.52 26.59
CA THR D 76 -0.11 30.71 27.33
C THR D 76 -0.79 30.76 28.69
N MET D 77 -2.09 30.49 28.72
CA MET D 77 -2.81 30.43 29.99
C MET D 77 -2.27 29.36 30.93
N LEU D 78 -2.04 28.15 30.41
CA LEU D 78 -1.61 27.04 31.24
C LEU D 78 -0.15 27.14 31.68
N PHE D 79 0.75 27.37 30.74
CA PHE D 79 2.18 27.33 31.02
C PHE D 79 2.77 28.65 31.51
N PHE D 80 2.18 29.77 31.07
CA PHE D 80 2.79 31.07 31.35
C PHE D 80 2.03 31.90 32.39
N PHE D 81 0.81 31.51 32.71
CA PHE D 81 0.01 32.23 33.68
C PHE D 81 -0.34 31.44 34.95
N ILE D 82 -1.32 30.55 34.84
CA ILE D 82 -1.96 29.99 36.01
C ILE D 82 -1.03 29.18 36.92
N ILE D 83 -0.06 28.49 36.31
CA ILE D 83 0.83 27.61 37.07
C ILE D 83 2.04 28.38 37.58
N GLN D 84 2.02 29.69 37.33
CA GLN D 84 3.12 30.58 37.71
C GLN D 84 2.70 31.57 38.80
N ALA D 85 1.60 32.27 38.56
CA ALA D 85 1.18 33.37 39.43
C ALA D 85 1.11 32.98 40.91
N GLY D 86 0.34 31.94 41.22
CA GLY D 86 0.13 31.53 42.59
C GLY D 86 1.25 30.65 43.16
N LEU D 87 2.18 30.26 42.30
CA LEU D 87 3.28 29.40 42.71
C LEU D 87 4.63 30.11 42.66
N THR D 88 5.15 30.35 41.45
CA THR D 88 6.44 31.04 41.32
C THR D 88 6.36 32.54 41.62
N GLY D 89 5.19 33.13 41.42
CA GLY D 89 5.00 34.55 41.65
C GLY D 89 4.85 34.85 43.13
N PHE D 90 3.64 34.70 43.66
CA PHE D 90 3.39 34.92 45.08
C PHE D 90 4.34 34.08 45.94
N GLY D 91 4.55 32.82 45.56
CA GLY D 91 5.42 31.90 46.29
C GLY D 91 6.85 32.37 46.54
N ASN D 92 7.53 32.82 45.48
CA ASN D 92 8.89 33.31 45.65
C ASN D 92 8.94 34.54 46.57
N PHE D 93 7.92 35.38 46.47
CA PHE D 93 7.88 36.59 47.28
C PHE D 93 7.53 36.26 48.71
N VAL D 94 6.48 35.46 48.91
CA VAL D 94 5.87 35.30 50.21
C VAL D 94 6.42 34.15 51.05
N VAL D 95 6.75 33.01 50.41
CA VAL D 95 7.14 31.83 51.17
C VAL D 95 8.33 32.01 52.13
N PRO D 96 9.42 32.64 51.67
CA PRO D 96 10.52 32.88 52.62
C PRO D 96 10.08 33.78 53.78
N LEU D 97 9.23 34.76 53.49
CA LEU D 97 8.71 35.63 54.55
C LEU D 97 7.88 34.83 55.56
N MET D 98 7.00 33.98 55.06
CA MET D 98 6.18 33.14 55.93
C MET D 98 7.03 32.22 56.77
N LEU D 99 8.14 31.78 56.22
CA LEU D 99 9.04 30.90 56.94
C LEU D 99 9.94 31.67 57.89
N GLY D 100 9.91 33.00 57.78
CA GLY D 100 10.75 33.85 58.60
C GLY D 100 12.21 33.75 58.19
N ALA D 101 12.45 33.62 56.89
CA ALA D 101 13.80 33.53 56.35
C ALA D 101 14.20 34.81 55.63
N ARG D 102 15.49 34.93 55.32
CA ARG D 102 16.01 36.13 54.68
C ARG D 102 16.20 35.97 53.15
N ASP D 103 16.10 34.74 52.67
CA ASP D 103 16.15 34.48 51.24
C ASP D 103 15.77 33.02 50.98
N VAL D 104 15.89 32.59 49.73
CA VAL D 104 15.59 31.20 49.38
C VAL D 104 16.87 30.37 49.50
N ALA D 105 16.74 29.06 49.40
CA ALA D 105 17.90 28.17 49.56
C ALA D 105 18.96 28.39 48.47
N LEU D 106 18.51 28.70 47.27
CA LEU D 106 19.42 28.82 46.11
C LEU D 106 19.12 30.07 45.28
N PRO D 107 19.60 31.23 45.73
CA PRO D 107 19.23 32.53 45.15
C PRO D 107 19.63 32.71 43.70
N ARG D 108 20.80 32.20 43.29
CA ARG D 108 21.19 32.32 41.89
C ARG D 108 20.41 31.35 40.99
N VAL D 109 20.15 30.15 41.50
CA VAL D 109 19.33 29.19 40.77
C VAL D 109 17.92 29.75 40.58
N ASN D 110 17.40 30.38 41.62
CA ASN D 110 16.10 31.01 41.57
C ASN D 110 16.02 32.07 40.47
N ALA D 111 17.07 32.90 40.35
CA ALA D 111 17.05 33.93 39.31
C ALA D 111 17.11 33.27 37.94
N PHE D 112 17.96 32.26 37.80
CA PHE D 112 18.07 31.53 36.54
C PHE D 112 16.72 31.00 36.12
N SER D 113 15.95 30.51 37.10
CA SER D 113 14.64 29.94 36.78
C SER D 113 13.70 31.00 36.20
N TYR D 114 13.76 32.24 36.70
CA TYR D 114 12.93 33.29 36.10
C TYR D 114 13.32 33.57 34.65
N TRP D 115 14.61 33.76 34.39
CA TRP D 115 15.04 34.10 33.05
C TRP D 115 14.76 32.99 32.03
N ALA D 116 14.84 31.74 32.48
CA ALA D 116 14.51 30.62 31.60
C ALA D 116 13.03 30.64 31.28
N PHE D 117 12.23 31.03 32.28
CA PHE D 117 10.78 31.20 32.10
C PHE D 117 10.50 32.23 31.01
N LEU D 118 11.11 33.41 31.14
CA LEU D 118 10.96 34.45 30.11
C LEU D 118 11.43 33.93 28.76
N GLY D 119 12.52 33.18 28.76
CA GLY D 119 13.05 32.59 27.55
C GLY D 119 12.04 31.67 26.87
N ALA D 120 11.38 30.83 27.67
CA ALA D 120 10.38 29.93 27.14
C ALA D 120 9.24 30.70 26.45
N ILE D 121 8.82 31.80 27.06
CA ILE D 121 7.74 32.61 26.51
C ILE D 121 8.16 33.20 25.17
N VAL D 122 9.41 33.63 25.10
CA VAL D 122 9.91 34.22 23.87
C VAL D 122 10.00 33.15 22.77
N LEU D 123 10.50 31.96 23.11
CA LEU D 123 10.52 30.86 22.15
C LEU D 123 9.15 30.59 21.56
N ALA D 124 8.14 30.50 22.42
CA ALA D 124 6.80 30.15 21.97
C ALA D 124 6.21 31.21 21.05
N LEU D 125 6.37 32.48 21.43
CA LEU D 125 5.76 33.56 20.67
C LEU D 125 6.53 33.95 19.40
N MET D 126 7.85 33.76 19.41
CA MET D 126 8.65 34.16 18.26
C MET D 126 8.36 33.28 17.04
N SER D 127 7.72 32.14 17.28
CA SER D 127 7.29 31.26 16.19
C SER D 127 6.52 32.06 15.16
N TYR D 128 5.90 33.14 15.61
CA TYR D 128 5.16 34.05 14.74
C TYR D 128 5.97 34.56 13.55
N PHE D 129 7.29 34.71 13.72
CA PHE D 129 8.12 35.32 12.69
C PHE D 129 8.77 34.31 11.75
N PHE D 130 8.55 33.02 11.99
CA PHE D 130 9.16 31.99 11.17
C PHE D 130 8.15 31.34 10.24
N PRO D 131 8.63 30.61 9.23
CA PRO D 131 7.72 29.99 8.25
C PRO D 131 6.80 29.00 8.97
N GLY D 132 5.49 29.08 8.73
CA GLY D 132 4.56 28.23 9.42
C GLY D 132 3.97 28.89 10.66
N GLY D 133 4.60 29.97 11.11
CA GLY D 133 4.10 30.77 12.22
C GLY D 133 3.89 29.98 13.51
N ALA D 134 2.95 30.43 14.32
CA ALA D 134 2.65 29.79 15.59
C ALA D 134 2.20 28.34 15.41
N PRO D 135 2.49 27.49 16.39
CA PRO D 135 1.94 26.13 16.40
C PRO D 135 0.42 26.18 16.28
N SER D 136 -0.16 25.19 15.60
CA SER D 136 -1.60 25.17 15.35
C SER D 136 -2.22 23.80 15.70
N VAL D 137 -1.55 23.06 16.58
CA VAL D 137 -1.92 21.67 16.81
C VAL D 137 -2.64 21.46 18.14
N GLY D 138 -3.05 22.56 18.76
CA GLY D 138 -3.68 22.50 20.08
C GLY D 138 -2.58 22.40 21.13
N TRP D 139 -2.89 22.78 22.37
CA TRP D 139 -1.86 22.76 23.40
C TRP D 139 -1.39 21.33 23.65
N THR D 140 -2.21 20.38 23.25
CA THR D 140 -1.96 18.96 23.50
C THR D 140 -1.08 18.30 22.43
N PHE D 141 -0.86 18.99 21.32
CA PHE D 141 -0.04 18.50 20.20
C PHE D 141 -0.06 16.98 19.95
N TYR D 142 -1.26 16.43 19.76
CA TYR D 142 -1.43 15.00 19.49
C TYR D 142 -0.65 14.49 18.28
N TYR D 143 -0.08 13.30 18.45
CA TYR D 143 0.65 12.60 17.41
C TYR D 143 -0.34 11.76 16.61
N PRO D 144 -0.10 11.56 15.30
CA PRO D 144 1.05 12.06 14.51
C PRO D 144 0.82 13.45 13.92
N PHE D 145 -0.34 14.02 14.21
CA PHE D 145 -0.69 15.35 13.73
C PHE D 145 0.44 16.35 14.01
N SER D 146 0.94 16.38 15.24
CA SER D 146 2.00 17.32 15.59
C SER D 146 3.34 16.99 14.96
N ALA D 147 3.55 15.75 14.56
CA ALA D 147 4.78 15.38 13.89
C ALA D 147 4.76 15.84 12.43
N GLN D 148 3.57 15.97 11.86
CA GLN D 148 3.42 16.32 10.46
C GLN D 148 3.25 17.81 10.21
N SER D 149 2.80 18.56 11.22
CA SER D 149 2.45 19.96 10.99
C SER D 149 3.60 20.83 10.47
N GLU D 150 3.27 21.76 9.57
CA GLU D 150 4.20 22.79 9.11
C GLU D 150 4.24 23.97 10.07
N SER D 151 3.26 24.03 10.96
CA SER D 151 3.21 25.12 11.94
C SER D 151 4.40 25.07 12.90
N GLY D 152 4.56 26.12 13.69
CA GLY D 152 5.74 26.29 14.54
C GLY D 152 5.84 25.35 15.73
N VAL D 153 5.53 24.08 15.51
CA VAL D 153 5.60 23.06 16.54
C VAL D 153 6.97 22.99 17.25
N ASP D 154 8.05 23.10 16.47
CA ASP D 154 9.42 23.04 17.02
C ASP D 154 9.68 24.10 18.10
N PHE D 155 9.18 25.31 17.86
CA PHE D 155 9.30 26.40 18.83
C PHE D 155 8.49 26.10 20.08
N TYR D 156 7.29 25.56 19.87
CA TYR D 156 6.43 25.17 20.99
C TYR D 156 7.10 24.11 21.85
N LEU D 157 7.69 23.11 21.20
CA LEU D 157 8.38 22.03 21.91
C LEU D 157 9.65 22.53 22.62
N ALA D 158 10.47 23.31 21.93
CA ALA D 158 11.64 23.90 22.57
C ALA D 158 11.23 24.68 23.81
N ALA D 159 10.19 25.48 23.67
CA ALA D 159 9.69 26.32 24.74
C ALA D 159 9.32 25.48 25.96
N ILE D 160 8.60 24.40 25.72
CA ILE D 160 8.20 23.49 26.78
C ILE D 160 9.44 22.93 27.50
N LEU D 161 10.45 22.55 26.73
CA LEU D 161 11.66 21.96 27.32
C LEU D 161 12.43 22.99 28.13
N LEU D 162 12.61 24.19 27.58
CA LEU D 162 13.27 25.25 28.30
C LEU D 162 12.49 25.56 29.58
N LEU D 163 11.18 25.69 29.45
CA LEU D 163 10.31 25.93 30.60
C LEU D 163 10.47 24.86 31.68
N GLY D 164 10.65 23.61 31.26
CA GLY D 164 10.86 22.51 32.20
C GLY D 164 12.01 22.76 33.16
N PHE D 165 13.11 23.30 32.64
CA PHE D 165 14.25 23.63 33.49
C PHE D 165 13.88 24.68 34.54
N SER D 166 13.12 25.69 34.13
CA SER D 166 12.66 26.70 35.05
C SER D 166 11.86 26.07 36.19
N SER D 167 10.88 25.24 35.83
CA SER D 167 9.96 24.65 36.80
C SER D 167 10.66 23.75 37.81
N LEU D 168 11.41 22.79 37.31
CA LEU D 168 12.11 21.82 38.15
C LEU D 168 13.08 22.49 39.13
N LEU D 169 13.94 23.35 38.60
CA LEU D 169 14.85 24.10 39.45
C LEU D 169 14.06 24.92 40.49
N GLY D 170 12.97 25.52 40.05
CA GLY D 170 12.15 26.34 40.93
C GLY D 170 11.52 25.50 42.03
N ASN D 171 11.03 24.34 41.64
CA ASN D 171 10.39 23.43 42.59
C ASN D 171 11.39 22.94 43.62
N ALA D 172 12.55 22.49 43.13
CA ALA D 172 13.59 22.03 44.03
C ALA D 172 14.02 23.16 44.97
N ASN D 173 14.09 24.38 44.44
CA ASN D 173 14.41 25.52 45.27
C ASN D 173 13.38 25.72 46.39
N PHE D 174 12.10 25.65 46.05
CA PHE D 174 11.03 25.79 47.05
C PHE D 174 11.14 24.76 48.18
N VAL D 175 11.29 23.49 47.81
CA VAL D 175 11.32 22.42 48.82
C VAL D 175 12.57 22.53 49.71
N ALA D 176 13.69 22.88 49.10
CA ALA D 176 14.91 23.07 49.87
C ALA D 176 14.74 24.24 50.83
N THR D 177 14.04 25.27 50.38
CA THR D 177 13.82 26.44 51.21
C THR D 177 12.94 26.08 52.40
N ILE D 178 11.92 25.28 52.15
CA ILE D 178 11.01 24.86 53.19
C ILE D 178 11.67 23.93 54.22
N TYR D 179 12.52 23.04 53.75
CA TYR D 179 13.19 22.09 54.64
C TYR D 179 14.30 22.76 55.43
N ASN D 180 15.05 23.64 54.77
CA ASN D 180 16.29 24.16 55.34
C ASN D 180 16.23 25.51 56.03
N LEU D 181 15.22 26.34 55.74
CA LEU D 181 15.27 27.75 56.16
C LEU D 181 14.14 28.19 57.10
N ARG D 182 13.24 27.28 57.44
CA ARG D 182 12.25 27.54 58.47
C ARG D 182 12.89 28.18 59.71
N ALA D 183 12.27 29.25 60.20
CA ALA D 183 12.69 29.86 61.44
C ALA D 183 12.86 28.80 62.52
N GLN D 184 13.96 28.87 63.26
CA GLN D 184 14.21 27.96 64.37
C GLN D 184 12.98 27.89 65.27
N GLY D 185 12.53 26.67 65.56
CA GLY D 185 11.39 26.46 66.44
C GLY D 185 10.09 26.20 65.70
N MET D 186 10.10 26.48 64.40
CA MET D 186 8.93 26.25 63.56
C MET D 186 9.05 24.90 62.88
N SER D 187 8.27 23.92 63.35
CA SER D 187 8.22 22.61 62.71
C SER D 187 7.35 22.70 61.46
N LEU D 188 7.47 21.71 60.58
CA LEU D 188 6.64 21.67 59.39
C LEU D 188 5.16 21.90 59.74
N TRP D 189 4.75 21.36 60.87
CA TRP D 189 3.35 21.42 61.27
C TRP D 189 2.95 22.72 61.95
N LYS D 190 3.79 23.74 61.83
CA LYS D 190 3.45 25.09 62.31
C LYS D 190 3.54 26.09 61.17
N MET D 191 3.83 25.59 59.96
CA MET D 191 3.90 26.42 58.78
C MET D 191 2.51 26.88 58.37
N PRO D 192 2.42 28.04 57.73
CA PRO D 192 1.16 28.50 57.13
C PRO D 192 0.67 27.48 56.08
N ILE D 193 -0.65 27.31 55.96
CA ILE D 193 -1.20 26.34 55.04
C ILE D 193 -0.73 26.58 53.59
N TYR D 194 -0.53 27.85 53.22
CA TYR D 194 -0.05 28.16 51.88
C TYR D 194 1.32 27.55 51.58
N VAL D 195 2.21 27.55 52.57
CA VAL D 195 3.52 26.94 52.39
C VAL D 195 3.42 25.44 52.13
N TRP D 196 2.53 24.78 52.88
CA TRP D 196 2.25 23.37 52.66
C TRP D 196 1.79 23.15 51.23
N SER D 197 0.93 24.02 50.73
CA SER D 197 0.35 23.83 49.42
C SER D 197 1.42 24.05 48.33
N VAL D 198 2.33 24.99 48.56
CA VAL D 198 3.46 25.19 47.66
C VAL D 198 4.39 23.98 47.72
N PHE D 199 4.50 23.39 48.90
CA PHE D 199 5.29 22.19 49.12
C PHE D 199 4.71 21.04 48.29
N ALA D 200 3.42 20.80 48.48
CA ALA D 200 2.70 19.75 47.78
C ALA D 200 2.74 19.93 46.26
N ALA D 201 2.51 21.15 45.80
CA ALA D 201 2.53 21.43 44.38
C ALA D 201 3.91 21.12 43.80
N SER D 202 4.95 21.59 44.49
CA SER D 202 6.33 21.40 44.04
C SER D 202 6.74 19.93 43.93
N VAL D 203 6.32 19.13 44.90
CA VAL D 203 6.67 17.71 44.90
C VAL D 203 5.97 17.00 43.74
N LEU D 204 4.67 17.26 43.59
CA LEU D 204 3.89 16.67 42.52
C LEU D 204 4.49 17.04 41.18
N ASN D 205 4.84 18.32 41.02
CA ASN D 205 5.42 18.79 39.77
C ASN D 205 6.77 18.14 39.45
N LEU D 206 7.64 18.03 40.46
CA LEU D 206 8.96 17.41 40.28
C LEU D 206 8.88 16.00 39.73
N PHE D 207 7.95 15.22 40.26
CA PHE D 207 7.86 13.82 39.86
C PHE D 207 7.16 13.63 38.52
N SER D 208 6.10 14.38 38.28
CA SER D 208 5.24 14.08 37.15
C SER D 208 5.61 14.75 35.83
N LEU D 209 6.38 15.84 35.87
CA LEU D 209 6.73 16.58 34.65
C LEU D 209 7.35 15.66 33.58
N ALA D 210 7.98 14.60 34.06
CA ALA D 210 8.54 13.54 33.21
C ALA D 210 7.65 13.17 32.01
N GLY D 211 6.36 12.98 32.26
CA GLY D 211 5.44 12.62 31.19
C GLY D 211 5.49 13.60 30.03
N LEU D 212 5.48 14.89 30.35
CA LEU D 212 5.50 15.92 29.33
C LEU D 212 6.87 16.06 28.70
N THR D 213 7.90 15.94 29.53
CA THR D 213 9.27 15.98 29.03
C THR D 213 9.47 14.87 27.99
N ALA D 214 9.02 13.66 28.31
CA ALA D 214 9.07 12.53 27.39
C ALA D 214 8.27 12.78 26.12
N ALA D 215 7.01 13.17 26.27
CA ALA D 215 6.16 13.35 25.09
C ALA D 215 6.77 14.41 24.18
N THR D 216 7.22 15.50 24.80
CA THR D 216 7.79 16.63 24.08
C THR D 216 9.10 16.27 23.39
N LEU D 217 10.00 15.64 24.13
CA LEU D 217 11.28 15.26 23.59
C LEU D 217 11.13 14.29 22.42
N LEU D 218 10.24 13.32 22.56
CA LEU D 218 10.05 12.30 21.55
C LEU D 218 9.45 12.84 20.25
N VAL D 219 8.53 13.79 20.34
CA VAL D 219 7.99 14.36 19.12
C VAL D 219 9.05 15.22 18.43
N LEU D 220 9.86 15.90 19.24
CA LEU D 220 10.91 16.75 18.70
C LEU D 220 11.97 15.92 18.00
N LEU D 221 12.40 14.85 18.64
CA LEU D 221 13.36 13.92 18.04
C LEU D 221 12.84 13.37 16.72
N GLU D 222 11.54 13.09 16.68
CA GLU D 222 10.94 12.53 15.48
C GLU D 222 10.96 13.54 14.34
N ARG D 223 10.56 14.77 14.64
CA ARG D 223 10.55 15.81 13.63
C ARG D 223 11.97 16.14 13.14
N LYS D 224 12.94 16.06 14.04
CA LYS D 224 14.31 16.50 13.70
C LYS D 224 15.24 15.41 13.17
N ILE D 225 15.09 14.17 13.63
CA ILE D 225 16.01 13.11 13.22
C ILE D 225 15.31 11.77 12.90
N GLY D 226 13.98 11.79 12.85
CA GLY D 226 13.22 10.64 12.40
C GLY D 226 13.14 9.49 13.39
N LEU D 227 13.53 9.74 14.63
CA LEU D 227 13.45 8.71 15.66
C LEU D 227 12.06 8.71 16.29
N SER D 228 11.34 7.59 16.20
CA SER D 228 9.96 7.56 16.66
C SER D 228 9.61 6.37 17.56
N TRP D 229 8.87 6.64 18.64
CA TRP D 229 8.30 5.57 19.46
C TRP D 229 6.84 5.32 19.09
N PHE D 230 6.28 6.15 18.22
CA PHE D 230 4.82 6.23 18.05
C PHE D 230 4.33 5.81 16.67
N ASN D 231 5.25 5.71 15.71
CA ASN D 231 4.94 5.36 14.34
C ASN D 231 4.48 3.91 14.13
N PRO D 232 3.21 3.72 13.77
CA PRO D 232 2.63 2.38 13.60
C PRO D 232 3.38 1.53 12.58
N ALA D 233 4.06 2.15 11.63
CA ALA D 233 4.78 1.38 10.61
C ALA D 233 5.94 0.56 11.18
N VAL D 234 6.45 0.92 12.35
CA VAL D 234 7.50 0.10 12.97
C VAL D 234 6.98 -0.58 14.22
N GLY D 235 5.67 -0.53 14.41
CA GLY D 235 5.06 -1.15 15.56
C GLY D 235 4.92 -0.19 16.72
N GLY D 236 5.30 1.06 16.50
CA GLY D 236 5.10 2.10 17.50
C GLY D 236 3.62 2.31 17.79
N ASP D 237 3.32 2.94 18.92
CA ASP D 237 1.94 3.12 19.38
C ASP D 237 1.58 4.59 19.50
N PRO D 238 0.76 5.10 18.57
CA PRO D 238 0.39 6.53 18.61
C PRO D 238 -0.24 6.90 19.95
N VAL D 239 -0.90 5.94 20.58
CA VAL D 239 -1.58 6.19 21.82
C VAL D 239 -0.58 6.33 22.98
N LEU D 240 0.60 5.74 22.85
CA LEU D 240 1.62 5.87 23.88
C LEU D 240 1.98 7.35 24.09
N PHE D 241 1.87 8.14 23.04
CA PHE D 241 2.16 9.56 23.16
C PHE D 241 1.23 10.22 24.18
N GLN D 242 -0.05 9.87 24.11
CA GLN D 242 -1.07 10.39 25.02
C GLN D 242 -0.86 9.91 26.45
N GLN D 243 -0.48 8.64 26.61
CA GLN D 243 -0.14 8.12 27.93
C GLN D 243 0.95 8.97 28.58
N PHE D 244 2.01 9.29 27.82
CA PHE D 244 3.09 10.13 28.34
C PHE D 244 2.59 11.51 28.66
N PHE D 245 1.94 12.13 27.67
CA PHE D 245 1.50 13.50 27.81
C PHE D 245 0.61 13.69 29.03
N TRP D 246 -0.44 12.88 29.14
CA TRP D 246 -1.39 13.04 30.24
C TRP D 246 -0.82 12.60 31.58
N PHE D 247 0.23 11.78 31.55
CA PHE D 247 0.85 11.39 32.80
C PHE D 247 1.31 12.62 33.57
N TYR D 248 1.72 13.67 32.85
CA TYR D 248 1.94 14.97 33.48
C TYR D 248 0.72 15.86 33.43
N SER D 249 0.01 15.85 32.31
CA SER D 249 -0.98 16.87 32.08
C SER D 249 -2.26 16.78 32.91
N HIS D 250 -2.49 15.67 33.57
CA HIS D 250 -3.45 15.77 34.66
C HIS D 250 -2.80 16.39 35.91
N PRO D 251 -1.73 15.76 36.43
CA PRO D 251 -1.07 16.29 37.62
C PRO D 251 -0.84 17.80 37.53
N THR D 252 -0.60 18.31 36.33
CA THR D 252 -0.37 19.75 36.18
C THR D 252 -1.54 20.59 36.72
N VAL D 253 -2.77 20.13 36.51
CA VAL D 253 -3.92 20.91 36.98
C VAL D 253 -4.03 20.88 38.49
N TYR D 254 -3.51 19.84 39.13
CA TYR D 254 -3.51 19.83 40.59
C TYR D 254 -2.33 20.65 41.10
N VAL D 255 -1.27 20.72 40.31
CA VAL D 255 -0.20 21.64 40.60
C VAL D 255 -0.71 23.08 40.49
N MET D 256 -1.70 23.28 39.60
CA MET D 256 -2.34 24.58 39.42
C MET D 256 -3.40 24.88 40.46
N LEU D 257 -3.87 23.84 41.15
CA LEU D 257 -4.97 24.01 42.08
C LEU D 257 -4.49 24.19 43.52
N LEU D 258 -3.58 23.31 43.94
CA LEU D 258 -3.10 23.30 45.33
C LEU D 258 -2.71 24.67 45.93
N PRO D 259 -1.80 25.40 45.25
CA PRO D 259 -1.42 26.72 45.76
C PRO D 259 -2.62 27.66 45.94
N TYR D 260 -3.58 27.59 45.03
CA TYR D 260 -4.74 28.48 45.15
C TYR D 260 -5.67 28.08 46.30
N LEU D 261 -5.83 26.79 46.54
CA LEU D 261 -6.55 26.35 47.72
C LEU D 261 -5.83 26.85 48.97
N GLY D 262 -4.50 26.82 48.94
CA GLY D 262 -3.71 27.34 50.04
C GLY D 262 -4.02 28.81 50.29
N ILE D 263 -3.99 29.59 49.20
CA ILE D 263 -4.33 30.99 49.26
C ILE D 263 -5.74 31.20 49.79
N LEU D 264 -6.70 30.43 49.29
CA LEU D 264 -8.07 30.57 49.77
C LEU D 264 -8.12 30.41 51.27
N ALA D 265 -7.41 29.41 51.79
CA ALA D 265 -7.41 29.15 53.23
C ALA D 265 -6.77 30.30 54.00
N GLU D 266 -5.65 30.81 53.51
CA GLU D 266 -4.98 31.94 54.12
C GLU D 266 -5.89 33.17 54.20
N VAL D 267 -6.57 33.47 53.09
CA VAL D 267 -7.45 34.62 53.04
C VAL D 267 -8.63 34.43 53.99
N ALA D 268 -9.18 33.22 54.01
CA ALA D 268 -10.32 32.91 54.87
C ALA D 268 -9.97 33.18 56.34
N SER D 269 -8.83 32.67 56.78
CA SER D 269 -8.39 32.87 58.16
C SER D 269 -8.24 34.35 58.50
N THR D 270 -7.53 35.08 57.66
CA THR D 270 -7.28 36.50 57.90
C THR D 270 -8.55 37.36 57.93
N PHE D 271 -9.45 37.16 56.98
CA PHE D 271 -10.63 38.01 56.89
C PHE D 271 -11.81 37.51 57.70
N ALA D 272 -11.66 36.36 58.36
CA ALA D 272 -12.68 35.89 59.29
C ALA D 272 -12.24 36.04 60.74
N ARG D 273 -10.99 36.46 60.93
CA ARG D 273 -10.41 36.66 62.25
C ARG D 273 -10.45 35.35 63.05
N LYS D 274 -10.38 34.24 62.34
CA LYS D 274 -10.40 32.92 62.96
C LYS D 274 -9.15 32.15 62.60
N PRO D 275 -8.78 31.17 63.44
CA PRO D 275 -7.73 30.24 63.03
C PRO D 275 -8.27 29.31 61.95
N LEU D 276 -7.37 28.69 61.19
CA LEU D 276 -7.76 27.67 60.22
C LEU D 276 -8.51 26.53 60.89
N PHE D 277 -9.65 26.17 60.32
CA PHE D 277 -10.43 25.04 60.80
C PHE D 277 -9.85 23.74 60.22
N GLY D 278 -9.49 22.80 61.10
CA GLY D 278 -8.95 21.53 60.66
C GLY D 278 -7.68 21.60 59.83
N TYR D 279 -6.68 22.31 60.35
CA TYR D 279 -5.35 22.44 59.74
C TYR D 279 -4.70 21.11 59.34
N ARG D 280 -4.69 20.15 60.25
CA ARG D 280 -4.12 18.84 59.95
C ARG D 280 -4.87 18.17 58.80
N GLN D 281 -6.19 18.23 58.82
CA GLN D 281 -6.99 17.64 57.75
C GLN D 281 -6.72 18.33 56.41
N MET D 282 -6.45 19.64 56.45
CA MET D 282 -6.15 20.37 55.23
C MET D 282 -4.85 19.86 54.60
N VAL D 283 -3.87 19.57 55.44
CA VAL D 283 -2.60 19.05 54.96
C VAL D 283 -2.78 17.64 54.41
N TRP D 284 -3.50 16.81 55.15
CA TRP D 284 -3.75 15.45 54.73
C TRP D 284 -4.50 15.41 53.39
N ALA D 285 -5.39 16.37 53.20
CA ALA D 285 -6.17 16.45 51.97
C ALA D 285 -5.26 16.80 50.78
N GLN D 286 -4.33 17.72 50.99
CA GLN D 286 -3.40 18.08 49.93
C GLN D 286 -2.50 16.90 49.59
N MET D 287 -2.07 16.17 50.61
CA MET D 287 -1.29 14.95 50.39
C MET D 287 -2.10 13.94 49.58
N GLY D 288 -3.37 13.78 49.94
CA GLY D 288 -4.27 12.90 49.25
C GLY D 288 -4.41 13.25 47.78
N ILE D 289 -4.48 14.56 47.50
CA ILE D 289 -4.59 15.05 46.14
C ILE D 289 -3.32 14.78 45.34
N VAL D 290 -2.16 14.92 45.97
CA VAL D 290 -0.89 14.66 45.30
C VAL D 290 -0.77 13.20 44.85
N VAL D 291 -1.16 12.28 45.72
CA VAL D 291 -1.05 10.86 45.40
C VAL D 291 -2.02 10.46 44.30
N LEU D 292 -3.30 10.74 44.50
CA LEU D 292 -4.33 10.37 43.52
C LEU D 292 -4.11 11.08 42.19
N GLY D 293 -3.55 12.29 42.27
CA GLY D 293 -3.29 13.10 41.09
C GLY D 293 -2.42 12.45 40.04
N THR D 294 -1.70 11.40 40.40
CA THR D 294 -0.83 10.72 39.46
C THR D 294 -1.37 9.38 39.02
N MET D 295 -2.59 9.06 39.45
CA MET D 295 -3.20 7.76 39.16
C MET D 295 -4.46 7.87 38.33
N VAL D 296 -4.64 8.99 37.63
CA VAL D 296 -5.91 9.22 36.95
C VAL D 296 -5.79 9.70 35.51
N TRP D 297 -4.54 9.83 35.04
CA TRP D 297 -4.27 10.49 33.77
C TRP D 297 -5.14 9.98 32.62
N ALA D 298 -5.44 8.68 32.61
CA ALA D 298 -6.10 8.08 31.45
C ALA D 298 -7.57 8.48 31.26
N HIS D 299 -8.15 9.23 32.20
CA HIS D 299 -9.52 9.70 31.99
C HIS D 299 -9.54 10.72 30.86
N HIS D 300 -8.37 11.04 30.32
CA HIS D 300 -8.28 11.87 29.14
C HIS D 300 -8.27 11.06 27.86
N MET D 301 -8.40 9.74 28.00
CA MET D 301 -8.16 8.82 26.90
C MET D 301 -9.27 7.78 26.79
N PHE D 302 -10.46 8.12 27.27
CA PHE D 302 -11.56 7.18 27.34
C PHE D 302 -12.03 6.71 25.96
N THR D 303 -11.85 7.56 24.94
CA THR D 303 -12.39 7.25 23.61
C THR D 303 -11.37 6.66 22.63
N VAL D 304 -10.19 6.29 23.12
CA VAL D 304 -9.11 5.85 22.23
C VAL D 304 -9.04 4.33 22.05
N GLY D 305 -10.00 3.61 22.62
CA GLY D 305 -10.12 2.18 22.39
C GLY D 305 -9.29 1.27 23.30
N GLU D 306 -8.83 1.79 24.42
CA GLU D 306 -8.21 0.93 25.42
C GLU D 306 -9.26 -0.01 26.00
N SER D 307 -8.82 -1.10 26.60
CA SER D 307 -9.73 -2.07 27.20
C SER D 307 -10.68 -1.44 28.20
N THR D 308 -11.83 -2.09 28.36
CA THR D 308 -12.83 -1.64 29.32
C THR D 308 -12.31 -1.66 30.77
N LEU D 309 -11.53 -2.68 31.11
CA LEU D 309 -10.98 -2.78 32.46
C LEU D 309 -10.08 -1.59 32.78
N PHE D 310 -9.20 -1.27 31.83
CA PHE D 310 -8.34 -0.08 31.90
C PHE D 310 -9.18 1.17 32.14
N GLN D 311 -10.25 1.34 31.38
CA GLN D 311 -11.10 2.53 31.50
C GLN D 311 -11.80 2.60 32.86
N ILE D 312 -12.32 1.45 33.30
CA ILE D 312 -12.98 1.38 34.59
C ILE D 312 -12.03 1.74 35.72
N ALA D 313 -10.79 1.29 35.61
CA ALA D 313 -9.77 1.58 36.62
C ALA D 313 -9.60 3.09 36.79
N PHE D 314 -9.55 3.81 35.67
CA PHE D 314 -9.32 5.24 35.74
C PHE D 314 -10.56 6.02 36.18
N ALA D 315 -11.74 5.51 35.84
CA ALA D 315 -12.98 6.13 36.31
C ALA D 315 -13.07 6.08 37.84
N PHE D 316 -12.60 4.98 38.40
CA PHE D 316 -12.62 4.77 39.84
C PHE D 316 -11.72 5.77 40.59
N PHE D 317 -10.42 5.74 40.28
CA PHE D 317 -9.47 6.61 40.95
C PHE D 317 -9.81 8.08 40.74
N THR D 318 -10.35 8.40 39.57
CA THR D 318 -10.72 9.77 39.25
C THR D 318 -11.85 10.27 40.16
N ALA D 319 -12.86 9.43 40.38
CA ALA D 319 -13.97 9.82 41.23
C ALA D 319 -13.52 9.98 42.69
N LEU D 320 -12.53 9.19 43.11
CA LEU D 320 -11.96 9.31 44.44
C LEU D 320 -11.36 10.69 44.72
N ILE D 321 -10.75 11.30 43.70
CA ILE D 321 -10.16 12.62 43.85
C ILE D 321 -11.14 13.60 44.52
N ALA D 322 -12.44 13.40 44.29
CA ALA D 322 -13.46 14.28 44.83
C ALA D 322 -13.46 14.35 46.36
N VAL D 323 -13.01 13.27 47.00
CA VAL D 323 -13.06 13.19 48.45
C VAL D 323 -12.06 14.13 49.15
N PRO D 324 -10.76 14.00 48.83
CA PRO D 324 -9.77 14.89 49.45
C PRO D 324 -10.04 16.36 49.15
N THR D 325 -10.56 16.63 47.95
CA THR D 325 -10.82 18.00 47.53
C THR D 325 -11.99 18.59 48.29
N GLY D 326 -13.03 17.77 48.49
CA GLY D 326 -14.19 18.20 49.24
C GLY D 326 -13.78 18.56 50.65
N VAL D 327 -13.08 17.62 51.30
CA VAL D 327 -12.58 17.84 52.65
C VAL D 327 -11.84 19.17 52.76
N LYS D 328 -11.01 19.47 51.77
CA LYS D 328 -10.28 20.73 51.78
C LYS D 328 -11.24 21.93 51.72
N LEU D 329 -12.21 21.88 50.82
CA LEU D 329 -13.17 22.98 50.69
C LEU D 329 -14.03 23.16 51.96
N PHE D 330 -14.45 22.04 52.53
CA PHE D 330 -15.30 22.04 53.71
C PHE D 330 -14.57 22.71 54.86
N ASN D 331 -13.28 22.41 54.98
CA ASN D 331 -12.46 23.02 56.01
C ASN D 331 -12.25 24.51 55.79
N ILE D 332 -12.21 24.93 54.52
CA ILE D 332 -12.12 26.34 54.22
C ILE D 332 -13.40 27.05 54.63
N ILE D 333 -14.53 26.41 54.36
CA ILE D 333 -15.82 26.93 54.78
C ILE D 333 -15.94 26.96 56.29
N GLY D 334 -15.36 25.96 56.95
CA GLY D 334 -15.34 25.89 58.40
C GLY D 334 -14.53 27.02 58.99
N THR D 335 -13.52 27.46 58.25
CA THR D 335 -12.69 28.55 58.71
C THR D 335 -13.49 29.85 58.72
N LEU D 336 -14.36 30.01 57.73
CA LEU D 336 -15.21 31.19 57.64
C LEU D 336 -16.33 31.14 58.68
N TRP D 337 -16.78 29.93 59.00
CA TRP D 337 -17.93 29.73 59.88
C TRP D 337 -17.62 30.22 61.29
N GLY D 338 -18.52 31.03 61.85
CA GLY D 338 -18.34 31.57 63.18
C GLY D 338 -17.38 32.74 63.26
N GLY D 339 -16.89 33.20 62.12
CA GLY D 339 -15.93 34.28 62.08
C GLY D 339 -16.58 35.66 62.13
N LYS D 340 -15.78 36.70 61.94
CA LYS D 340 -16.29 38.05 61.78
C LYS D 340 -15.81 38.58 60.43
N LEU D 341 -16.56 38.27 59.39
CA LEU D 341 -16.08 38.44 58.03
C LEU D 341 -15.86 39.91 57.64
N GLN D 342 -14.62 40.24 57.31
CA GLN D 342 -14.28 41.53 56.73
C GLN D 342 -14.45 41.42 55.22
N MET D 343 -15.46 42.09 54.69
CA MET D 343 -15.75 42.01 53.27
C MET D 343 -14.80 42.84 52.40
N LYS D 344 -13.51 42.55 52.52
CA LYS D 344 -12.50 43.15 51.65
C LYS D 344 -12.46 42.37 50.34
N THR D 345 -11.88 42.99 49.31
CA THR D 345 -11.84 42.39 47.98
C THR D 345 -11.39 40.93 47.95
N PRO D 346 -10.28 40.61 48.63
CA PRO D 346 -9.78 39.23 48.51
C PRO D 346 -10.81 38.19 48.93
N LEU D 347 -11.66 38.54 49.90
CA LEU D 347 -12.67 37.61 50.39
C LEU D 347 -13.75 37.34 49.35
N TYR D 348 -14.03 38.37 48.54
CA TYR D 348 -15.02 38.23 47.48
C TYR D 348 -14.57 37.18 46.47
N TRP D 349 -13.31 37.27 46.05
CA TRP D 349 -12.74 36.28 45.14
C TRP D 349 -12.84 34.89 45.76
N VAL D 350 -12.57 34.79 47.06
CA VAL D 350 -12.65 33.50 47.73
C VAL D 350 -14.06 32.91 47.65
N LEU D 351 -15.07 33.72 47.97
CA LEU D 351 -16.45 33.29 47.86
C LEU D 351 -16.84 32.88 46.43
N GLY D 352 -16.43 33.70 45.46
CA GLY D 352 -16.65 33.38 44.06
C GLY D 352 -16.01 32.05 43.69
N PHE D 353 -14.77 31.85 44.12
CA PHE D 353 -14.10 30.58 43.87
C PHE D 353 -14.96 29.41 44.38
N ILE D 354 -15.30 29.44 45.66
CA ILE D 354 -15.97 28.28 46.27
C ILE D 354 -17.31 27.97 45.64
N PHE D 355 -18.18 28.97 45.50
CA PHE D 355 -19.49 28.77 44.90
C PHE D 355 -19.37 28.14 43.52
N ASN D 356 -18.44 28.67 42.71
CA ASN D 356 -18.29 28.17 41.35
C ASN D 356 -17.60 26.82 41.24
N PHE D 357 -16.64 26.58 42.13
CA PHE D 357 -15.87 25.35 42.10
C PHE D 357 -16.75 24.10 42.29
N LEU D 358 -17.82 24.25 43.05
CA LEU D 358 -18.78 23.16 43.23
C LEU D 358 -19.26 22.61 41.90
N LEU D 359 -19.72 23.50 41.02
CA LEU D 359 -20.18 23.07 39.70
C LEU D 359 -19.02 22.51 38.90
N GLY D 360 -17.88 23.18 38.97
CA GLY D 360 -16.70 22.79 38.20
C GLY D 360 -16.24 21.38 38.54
N GLY D 361 -16.22 21.08 39.83
CA GLY D 361 -15.81 19.77 40.30
C GLY D 361 -16.86 18.70 39.99
N ILE D 362 -18.14 19.09 40.08
CA ILE D 362 -19.23 18.18 39.78
C ILE D 362 -19.16 17.71 38.32
N THR D 363 -19.01 18.67 37.41
CA THR D 363 -18.96 18.35 36.00
C THR D 363 -17.70 17.54 35.70
N GLY D 364 -16.64 17.81 36.44
CA GLY D 364 -15.42 17.02 36.35
C GLY D 364 -15.72 15.55 36.64
N VAL D 365 -16.52 15.31 37.67
CA VAL D 365 -16.89 13.95 38.03
C VAL D 365 -17.81 13.32 36.97
N MET D 366 -18.66 14.15 36.38
CA MET D 366 -19.51 13.70 35.28
C MET D 366 -18.65 13.16 34.15
N LEU D 367 -17.57 13.87 33.85
CA LEU D 367 -16.63 13.45 32.82
C LEU D 367 -15.92 12.15 33.18
N SER D 368 -15.80 11.86 34.47
CA SER D 368 -15.13 10.63 34.90
C SER D 368 -16.04 9.43 34.69
N MET D 369 -17.33 9.69 34.50
CA MET D 369 -18.28 8.62 34.23
C MET D 369 -18.16 8.27 32.76
N THR D 370 -17.36 7.25 32.49
CA THR D 370 -16.91 6.89 31.15
C THR D 370 -17.99 6.88 30.07
N PRO D 371 -19.09 6.14 30.30
CA PRO D 371 -20.17 6.15 29.29
C PRO D 371 -20.58 7.56 28.89
N LEU D 372 -20.83 8.44 29.86
CA LEU D 372 -21.17 9.83 29.55
C LEU D 372 -20.03 10.57 28.84
N ASP D 373 -18.79 10.27 29.20
CA ASP D 373 -17.65 10.91 28.56
C ASP D 373 -17.53 10.58 27.08
N TYR D 374 -17.97 9.39 26.69
CA TYR D 374 -18.06 9.05 25.28
C TYR D 374 -18.81 10.13 24.49
N GLN D 375 -19.77 10.77 25.16
CA GLN D 375 -20.52 11.88 24.55
C GLN D 375 -19.82 13.21 24.77
N PHE D 376 -19.44 13.46 26.01
CA PHE D 376 -18.90 14.75 26.42
C PHE D 376 -17.52 15.05 25.86
N HIS D 377 -16.71 14.00 25.65
CA HIS D 377 -15.34 14.19 25.21
C HIS D 377 -15.20 15.05 23.96
N ASP D 378 -14.26 15.98 24.00
CA ASP D 378 -13.95 16.82 22.84
C ASP D 378 -15.14 17.69 22.41
N SER D 379 -15.98 18.02 23.38
CA SER D 379 -17.12 18.92 23.15
C SER D 379 -17.03 20.11 24.11
N TYR D 380 -17.92 21.07 23.93
CA TYR D 380 -17.89 22.27 24.76
C TYR D 380 -18.23 22.01 26.22
N PHE D 381 -18.79 20.84 26.52
CA PHE D 381 -19.01 20.49 27.92
C PHE D 381 -17.68 20.42 28.64
N VAL D 382 -16.67 19.82 28.00
CA VAL D 382 -15.34 19.75 28.59
C VAL D 382 -14.75 21.14 28.74
N VAL D 383 -14.87 21.93 27.66
CA VAL D 383 -14.37 23.30 27.67
C VAL D 383 -14.98 24.10 28.84
N ALA D 384 -16.28 23.94 29.06
CA ALA D 384 -16.93 24.62 30.16
C ALA D 384 -16.39 24.12 31.51
N HIS D 385 -16.29 22.81 31.65
CA HIS D 385 -15.71 22.24 32.86
C HIS D 385 -14.39 22.90 33.19
N PHE D 386 -13.46 22.92 32.23
CA PHE D 386 -12.11 23.35 32.62
C PHE D 386 -11.94 24.85 32.79
N HIS D 387 -12.79 25.66 32.16
CA HIS D 387 -12.79 27.09 32.44
C HIS D 387 -13.49 27.34 33.76
N ASN D 388 -14.43 26.46 34.09
CA ASN D 388 -15.08 26.50 35.39
C ASN D 388 -14.05 26.36 36.52
N VAL D 389 -13.08 25.46 36.37
CA VAL D 389 -12.10 25.23 37.43
C VAL D 389 -10.78 25.99 37.25
N LEU D 390 -10.51 26.47 36.04
CA LEU D 390 -9.28 27.20 35.76
C LEU D 390 -9.49 28.72 35.81
N MET D 391 -10.65 29.16 35.36
CA MET D 391 -10.97 30.59 35.33
C MET D 391 -11.67 31.01 36.62
N ALA D 392 -12.88 30.50 36.84
CA ALA D 392 -13.66 30.82 38.03
C ALA D 392 -13.11 30.09 39.26
N GLY D 393 -12.16 29.20 39.05
CA GLY D 393 -11.50 28.52 40.15
C GLY D 393 -10.13 29.13 40.39
N SER D 394 -9.09 28.47 39.91
CA SER D 394 -7.72 28.93 40.04
C SER D 394 -7.55 30.41 39.73
N GLY D 395 -8.15 30.86 38.63
CA GLY D 395 -8.07 32.25 38.25
C GLY D 395 -8.57 33.18 39.34
N PHE D 396 -9.74 32.87 39.88
CA PHE D 396 -10.28 33.64 40.99
C PHE D 396 -9.31 33.56 42.16
N GLY D 397 -8.74 32.37 42.36
CA GLY D 397 -7.73 32.17 43.39
C GLY D 397 -6.54 33.08 43.17
N ALA D 398 -6.13 33.22 41.92
CA ALA D 398 -4.97 34.04 41.58
C ALA D 398 -5.24 35.49 41.92
N PHE D 399 -6.45 35.97 41.60
CA PHE D 399 -6.83 37.35 41.93
C PHE D 399 -7.11 37.56 43.41
N ALA D 400 -7.56 36.52 44.11
CA ALA D 400 -7.65 36.61 45.57
C ALA D 400 -6.25 36.87 46.11
N GLY D 401 -5.28 36.15 45.56
CA GLY D 401 -3.92 36.28 46.00
C GLY D 401 -3.34 37.63 45.60
N LEU D 402 -3.67 38.09 44.41
CA LEU D 402 -3.10 39.36 43.93
C LEU D 402 -3.53 40.51 44.84
N TYR D 403 -4.81 40.54 45.17
CA TYR D 403 -5.33 41.63 45.98
C TYR D 403 -4.93 41.49 47.45
N TYR D 404 -4.79 40.25 47.90
CA TYR D 404 -4.39 39.99 49.28
C TYR D 404 -2.97 40.49 49.56
N TRP D 405 -2.03 40.14 48.69
CA TRP D 405 -0.62 40.50 48.89
C TRP D 405 -0.17 41.79 48.17
N TRP D 406 -1.07 42.38 47.40
CA TRP D 406 -0.75 43.62 46.69
C TRP D 406 -0.10 44.69 47.57
N PRO D 407 -0.72 45.02 48.71
CA PRO D 407 -0.10 46.02 49.59
C PRO D 407 1.31 45.61 50.03
N LYS D 408 1.50 44.31 50.28
CA LYS D 408 2.78 43.79 50.75
C LYS D 408 3.85 43.84 49.65
N MET D 409 3.42 43.62 48.41
CA MET D 409 4.37 43.55 47.29
C MET D 409 4.69 44.92 46.70
N THR D 410 3.71 45.81 46.72
CA THR D 410 3.81 47.10 46.04
C THR D 410 4.03 48.27 46.98
N GLY D 411 3.62 48.10 48.24
CA GLY D 411 3.71 49.18 49.21
C GLY D 411 2.56 50.17 49.05
N ARG D 412 1.60 49.84 48.19
CA ARG D 412 0.43 50.69 48.00
C ARG D 412 -0.89 49.95 48.21
N MET D 413 -1.88 50.68 48.73
CA MET D 413 -3.23 50.15 48.88
C MET D 413 -3.98 50.38 47.57
N TYR D 414 -4.90 49.49 47.24
CA TYR D 414 -5.72 49.65 46.04
C TYR D 414 -7.09 50.12 46.49
N ASP D 415 -7.87 50.67 45.56
CA ASP D 415 -9.21 51.14 45.86
C ASP D 415 -10.16 49.95 45.93
N GLU D 416 -10.68 49.70 47.14
CA GLU D 416 -11.63 48.62 47.38
C GLU D 416 -12.82 48.64 46.42
N ARG D 417 -13.27 49.84 46.08
CA ARG D 417 -14.41 50.00 45.17
C ARG D 417 -14.12 49.44 43.77
N LEU D 418 -12.91 49.70 43.28
CA LEU D 418 -12.51 49.21 41.97
C LEU D 418 -12.27 47.71 42.03
N GLY D 419 -11.69 47.25 43.15
CA GLY D 419 -11.43 45.83 43.33
C GLY D 419 -12.71 45.04 43.22
N ARG D 420 -13.78 45.59 43.81
CA ARG D 420 -15.07 44.92 43.87
C ARG D 420 -15.78 44.96 42.51
N LEU D 421 -15.55 46.05 41.78
CA LEU D 421 -16.09 46.18 40.43
C LEU D 421 -15.42 45.17 39.51
N HIS D 422 -14.11 45.03 39.63
CA HIS D 422 -13.36 43.99 38.91
C HIS D 422 -13.99 42.64 39.21
N PHE D 423 -14.23 42.37 40.48
CA PHE D 423 -14.77 41.07 40.86
C PHE D 423 -16.11 40.77 40.19
N TRP D 424 -17.07 41.67 40.35
CA TRP D 424 -18.42 41.43 39.85
C TRP D 424 -18.48 41.30 38.33
N LEU D 425 -17.61 42.03 37.66
CA LEU D 425 -17.53 41.92 36.21
C LEU D 425 -16.96 40.55 35.82
N PHE D 426 -15.94 40.10 36.54
CA PHE D 426 -15.40 38.76 36.29
C PHE D 426 -16.42 37.68 36.64
N LEU D 427 -17.16 37.87 37.73
CA LEU D 427 -18.17 36.90 38.11
C LEU D 427 -19.26 36.79 37.06
N VAL D 428 -19.88 37.93 36.75
CA VAL D 428 -20.99 37.94 35.80
C VAL D 428 -20.51 37.50 34.43
N GLY D 429 -19.39 38.06 34.00
CA GLY D 429 -18.80 37.67 32.73
C GLY D 429 -18.52 36.18 32.68
N TYR D 430 -17.95 35.64 33.74
CA TYR D 430 -17.66 34.22 33.78
C TYR D 430 -18.93 33.39 33.53
N LEU D 431 -19.99 33.68 34.28
CA LEU D 431 -21.22 32.91 34.17
C LEU D 431 -21.80 32.98 32.76
N LEU D 432 -21.81 34.18 32.18
CA LEU D 432 -22.41 34.39 30.88
C LEU D 432 -21.57 33.75 29.76
N THR D 433 -20.27 33.68 29.97
CA THR D 433 -19.39 33.11 28.97
C THR D 433 -19.49 31.58 28.94
N PHE D 434 -19.55 30.96 30.11
CA PHE D 434 -19.30 29.51 30.17
C PHE D 434 -20.49 28.62 30.51
N LEU D 435 -21.49 29.17 31.18
CA LEU D 435 -22.70 28.39 31.42
C LEU D 435 -23.33 27.97 30.09
N PRO D 436 -23.43 28.91 29.13
CA PRO D 436 -23.93 28.53 27.81
C PRO D 436 -23.09 27.43 27.15
N GLN D 437 -21.80 27.37 27.48
CA GLN D 437 -20.96 26.35 26.86
C GLN D 437 -21.27 24.93 27.35
N TYR D 438 -21.70 24.80 28.60
CA TYR D 438 -22.15 23.50 29.10
C TYR D 438 -23.32 23.03 28.24
N ALA D 439 -24.25 23.95 28.00
CA ALA D 439 -25.43 23.65 27.20
C ALA D 439 -25.02 23.27 25.78
N LEU D 440 -24.03 23.96 25.23
CA LEU D 440 -23.55 23.67 23.89
C LEU D 440 -23.04 22.23 23.78
N GLY D 441 -22.43 21.74 24.85
CA GLY D 441 -21.94 20.38 24.88
C GLY D 441 -23.08 19.39 24.80
N TYR D 442 -24.12 19.65 25.58
CA TYR D 442 -25.35 18.85 25.51
C TYR D 442 -25.94 18.88 24.09
N LEU D 443 -25.69 19.98 23.39
CA LEU D 443 -26.23 20.13 22.04
C LEU D 443 -25.23 19.65 21.00
N GLY D 444 -24.20 18.95 21.47
CA GLY D 444 -23.26 18.27 20.59
C GLY D 444 -22.24 19.13 19.86
N MET D 445 -21.93 20.31 20.40
CA MET D 445 -20.90 21.15 19.76
C MET D 445 -19.48 20.69 20.09
N PRO D 446 -18.74 20.20 19.08
CA PRO D 446 -17.35 19.81 19.28
C PRO D 446 -16.52 21.04 19.63
N ARG D 447 -15.42 20.86 20.35
CA ARG D 447 -14.51 21.95 20.63
C ARG D 447 -13.50 22.11 19.49
N ARG D 448 -12.76 23.21 19.48
CA ARG D 448 -11.69 23.40 18.50
C ARG D 448 -12.21 23.53 17.07
N TYR D 449 -13.44 24.03 16.94
CA TYR D 449 -14.07 24.31 15.65
C TYR D 449 -14.03 25.80 15.38
N TYR D 450 -13.35 26.22 14.32
CA TYR D 450 -13.26 27.66 14.05
C TYR D 450 -14.61 28.24 13.62
N THR D 451 -15.48 27.36 13.12
CA THR D 451 -16.81 27.79 12.70
C THR D 451 -17.83 26.66 12.85
N TYR D 452 -19.10 26.99 12.70
CA TYR D 452 -20.19 26.02 12.80
C TYR D 452 -21.34 26.50 11.92
N ASN D 453 -22.23 25.58 11.54
CA ASN D 453 -23.34 25.93 10.66
C ASN D 453 -24.51 26.60 11.37
N ALA D 454 -25.46 27.08 10.56
CA ALA D 454 -26.60 27.84 11.06
C ALA D 454 -27.86 26.97 11.22
N ASP D 455 -27.76 25.71 10.80
CA ASP D 455 -28.91 24.81 10.84
C ASP D 455 -28.81 23.79 11.97
N ILE D 456 -28.22 24.22 13.08
CA ILE D 456 -28.18 23.41 14.29
C ILE D 456 -28.80 24.20 15.43
N ALA D 457 -29.95 23.73 15.93
CA ALA D 457 -30.74 24.46 16.91
C ALA D 457 -29.97 24.77 18.20
N GLY D 458 -30.10 26.03 18.66
CA GLY D 458 -29.47 26.47 19.89
C GLY D 458 -28.06 27.04 19.75
N TRP D 459 -27.29 26.54 18.79
CA TRP D 459 -25.90 26.97 18.64
C TRP D 459 -25.69 28.49 18.50
N PRO D 460 -26.44 29.14 17.59
CA PRO D 460 -26.21 30.58 17.37
C PRO D 460 -26.51 31.41 18.60
N GLU D 461 -27.62 31.11 19.25
CA GLU D 461 -28.03 31.84 20.45
C GLU D 461 -27.03 31.67 21.58
N LEU D 462 -26.70 30.42 21.89
CA LEU D 462 -25.79 30.14 22.99
C LEU D 462 -24.38 30.68 22.73
N ASN D 463 -23.92 30.58 21.49
CA ASN D 463 -22.61 31.13 21.14
C ASN D 463 -22.58 32.64 21.23
N LEU D 464 -23.68 33.29 20.87
CA LEU D 464 -23.75 34.74 20.96
C LEU D 464 -23.71 35.17 22.42
N LEU D 465 -24.47 34.50 23.26
CA LEU D 465 -24.45 34.80 24.69
C LEU D 465 -23.04 34.66 25.23
N SER D 466 -22.40 33.56 24.89
CA SER D 466 -21.03 33.28 25.34
C SER D 466 -20.10 34.43 24.99
N THR D 467 -20.19 34.90 23.75
CA THR D 467 -19.38 36.01 23.29
C THR D 467 -19.68 37.33 24.03
N ILE D 468 -20.94 37.58 24.34
CA ILE D 468 -21.28 38.76 25.13
C ILE D 468 -20.62 38.68 26.51
N GLY D 469 -20.70 37.51 27.12
CA GLY D 469 -20.01 37.28 28.38
C GLY D 469 -18.54 37.61 28.25
N ALA D 470 -17.90 37.11 27.19
CA ALA D 470 -16.47 37.30 27.02
C ALA D 470 -16.12 38.78 26.93
N TYR D 471 -16.98 39.56 26.28
CA TYR D 471 -16.75 40.99 26.23
C TYR D 471 -16.90 41.66 27.61
N ILE D 472 -17.75 41.09 28.45
CA ILE D 472 -17.91 41.62 29.81
C ILE D 472 -16.65 41.34 30.63
N LEU D 473 -16.03 40.19 30.40
CA LEU D 473 -14.75 39.88 31.01
C LEU D 473 -13.69 40.87 30.52
N GLY D 474 -13.76 41.20 29.23
CA GLY D 474 -12.90 42.21 28.67
C GLY D 474 -12.97 43.50 29.48
N LEU D 475 -14.18 43.99 29.71
CA LEU D 475 -14.40 45.18 30.53
C LEU D 475 -13.76 45.00 31.90
N GLY D 476 -14.07 43.88 32.55
CA GLY D 476 -13.44 43.54 33.82
C GLY D 476 -11.94 43.74 33.74
N GLY D 477 -11.35 43.32 32.62
CA GLY D 477 -9.92 43.41 32.40
C GLY D 477 -9.43 44.85 32.42
N LEU D 478 -10.15 45.71 31.72
CA LEU D 478 -9.84 47.13 31.73
C LEU D 478 -9.91 47.67 33.16
N VAL D 479 -10.96 47.31 33.88
CA VAL D 479 -11.14 47.76 35.26
C VAL D 479 -10.00 47.29 36.15
N TRP D 480 -9.57 46.05 35.94
CA TRP D 480 -8.43 45.48 36.66
C TRP D 480 -7.16 46.29 36.41
N ILE D 481 -6.84 46.56 35.15
CA ILE D 481 -5.64 47.32 34.80
C ILE D 481 -5.66 48.72 35.41
N TYR D 482 -6.80 49.40 35.28
CA TYR D 482 -6.95 50.72 35.84
C TYR D 482 -6.69 50.70 37.34
N THR D 483 -7.29 49.71 38.01
CA THR D 483 -7.16 49.57 39.46
C THR D 483 -5.71 49.50 39.92
N MET D 484 -4.92 48.69 39.23
CA MET D 484 -3.51 48.55 39.56
C MET D 484 -2.76 49.84 39.26
N TRP D 485 -3.06 50.45 38.12
CA TRP D 485 -2.40 51.67 37.70
C TRP D 485 -2.65 52.78 38.73
N LYS D 486 -3.92 53.00 39.03
CA LYS D 486 -4.31 54.00 40.01
C LYS D 486 -3.62 53.76 41.35
N SER D 487 -3.60 52.51 41.79
CA SER D 487 -2.99 52.17 43.05
C SER D 487 -1.51 52.57 43.07
N LEU D 488 -0.81 52.26 41.99
CA LEU D 488 0.63 52.53 41.94
C LEU D 488 0.95 54.03 41.87
N ARG D 489 0.05 54.82 41.28
CA ARG D 489 0.35 56.23 41.07
C ARG D 489 -0.14 57.13 42.20
N SER D 490 -1.33 56.87 42.73
CA SER D 490 -1.96 57.75 43.71
C SER D 490 -2.50 57.01 44.94
N GLY D 491 -2.15 55.73 45.07
CA GLY D 491 -2.64 54.92 46.16
C GLY D 491 -2.05 55.33 47.49
N PRO D 492 -2.82 55.14 48.57
CA PRO D 492 -2.38 55.43 49.94
C PRO D 492 -1.32 54.44 50.39
N LYS D 493 -0.24 54.93 51.00
CA LYS D 493 0.88 54.08 51.37
C LYS D 493 0.48 52.96 52.34
N ALA D 494 1.04 51.77 52.11
CA ALA D 494 0.58 50.57 52.81
C ALA D 494 1.34 50.36 54.11
N PRO D 495 0.60 50.01 55.17
CA PRO D 495 1.18 49.64 56.46
C PRO D 495 1.73 48.22 56.44
N ASP D 496 2.46 47.86 57.49
CA ASP D 496 3.03 46.52 57.61
C ASP D 496 1.99 45.41 57.50
N ASN D 497 0.87 45.58 58.20
CA ASN D 497 -0.14 44.53 58.31
C ASN D 497 -1.56 45.09 58.13
N PRO D 498 -1.92 45.44 56.88
CA PRO D 498 -3.18 46.13 56.58
C PRO D 498 -4.45 45.33 56.94
N TRP D 499 -4.40 44.02 56.84
CA TRP D 499 -5.60 43.20 57.05
C TRP D 499 -5.69 42.61 58.47
N GLY D 500 -4.60 42.72 59.23
CA GLY D 500 -4.53 42.09 60.54
C GLY D 500 -4.20 40.60 60.46
N GLY D 501 -3.36 40.23 59.50
CA GLY D 501 -2.93 38.84 59.34
C GLY D 501 -2.12 38.31 60.52
N TYR D 502 -1.99 36.99 60.59
CA TYR D 502 -1.33 36.36 61.73
C TYR D 502 -0.05 35.65 61.35
N THR D 503 0.28 35.61 60.06
CA THR D 503 1.47 34.91 59.60
C THR D 503 2.63 35.88 59.38
N LEU D 504 3.84 35.34 59.29
CA LEU D 504 5.05 36.17 59.34
C LEU D 504 5.24 37.21 58.23
N GLU D 505 4.62 37.01 57.07
CA GLU D 505 4.81 37.99 55.99
C GLU D 505 4.28 39.36 56.40
N TRP D 506 3.43 39.38 57.42
CA TRP D 506 2.85 40.64 57.87
C TRP D 506 3.67 41.29 58.98
N LEU D 507 4.77 40.65 59.37
CA LEU D 507 5.66 41.21 60.37
C LEU D 507 6.75 42.06 59.75
N THR D 508 6.71 42.19 58.42
CA THR D 508 7.71 42.94 57.69
C THR D 508 7.12 44.28 57.25
N ALA D 509 7.96 45.13 56.68
CA ALA D 509 7.48 46.40 56.14
C ALA D 509 6.80 46.15 54.81
N SER D 510 6.14 47.18 54.28
CA SER D 510 5.48 47.06 52.97
C SER D 510 5.96 48.12 51.98
N PRO D 511 6.78 47.72 50.99
CA PRO D 511 7.26 46.34 50.85
C PRO D 511 8.39 46.09 51.83
N PRO D 512 8.83 44.83 51.95
CA PRO D 512 9.87 44.51 52.94
C PRO D 512 11.22 45.11 52.57
N LYS D 513 12.02 45.43 53.59
CA LYS D 513 13.43 45.75 53.38
C LYS D 513 14.12 44.54 52.75
N ALA D 514 15.27 44.78 52.12
CA ALA D 514 15.96 43.71 51.39
C ALA D 514 16.14 42.44 52.22
N HIS D 515 16.46 42.61 53.50
CA HIS D 515 16.69 41.48 54.39
C HIS D 515 15.43 40.98 55.11
N ASN D 516 14.27 41.58 54.79
CA ASN D 516 12.97 41.05 55.24
C ASN D 516 12.58 41.38 56.67
N PHE D 517 13.37 40.91 57.63
CA PHE D 517 13.05 41.12 59.05
C PHE D 517 14.08 41.98 59.78
N ASP D 518 13.60 43.10 60.32
CA ASP D 518 14.44 43.97 61.13
C ASP D 518 14.57 43.46 62.56
N VAL D 519 13.72 42.50 62.92
CA VAL D 519 13.67 42.00 64.29
C VAL D 519 14.17 40.58 64.39
N LYS D 520 14.59 40.19 65.58
CA LYS D 520 14.94 38.80 65.85
C LYS D 520 13.63 38.07 66.18
N LEU D 521 13.44 36.89 65.61
CA LEU D 521 12.23 36.13 65.85
C LEU D 521 12.35 35.25 67.10
N PRO D 522 11.26 35.13 67.87
CA PRO D 522 11.21 34.17 68.97
C PRO D 522 11.34 32.75 68.41
N THR D 523 11.77 31.80 69.25
CA THR D 523 11.98 30.42 68.83
C THR D 523 10.85 29.51 69.30
N GLU D 524 9.72 30.11 69.68
CA GLU D 524 8.58 29.34 70.14
C GLU D 524 7.35 29.58 69.26
N PHE D 525 6.89 28.51 68.62
CA PHE D 525 5.73 28.57 67.74
C PHE D 525 4.66 27.59 68.21
N PRO D 526 3.72 28.07 69.03
CA PRO D 526 2.62 27.24 69.55
C PRO D 526 1.64 26.83 68.46
N SER D 527 1.55 27.62 67.40
CA SER D 527 0.60 27.34 66.32
C SER D 527 1.07 27.92 64.98
N GLU D 528 0.19 27.87 63.98
CA GLU D 528 0.56 28.39 62.67
C GLU D 528 0.19 29.87 62.53
N ARG D 529 -0.11 30.51 63.65
CA ARG D 529 -0.38 31.95 63.68
C ARG D 529 0.52 32.67 64.70
N PRO D 530 1.82 32.75 64.40
CA PRO D 530 2.79 33.34 65.33
C PRO D 530 2.44 34.76 65.76
N LEU D 531 1.99 35.60 64.84
CA LEU D 531 1.64 36.97 65.23
C LEU D 531 0.52 37.01 66.26
N TYR D 532 -0.31 35.96 66.27
CA TYR D 532 -1.39 35.90 67.24
C TYR D 532 -0.90 35.47 68.62
N ASP D 533 -0.03 34.45 68.63
CA ASP D 533 0.43 33.86 69.88
C ASP D 533 1.38 34.78 70.61
N TRP D 534 2.22 35.48 69.85
CA TRP D 534 3.23 36.38 70.40
C TRP D 534 2.59 37.63 71.00
N LYS D 535 1.57 38.15 70.32
CA LYS D 535 0.85 39.32 70.82
C LYS D 535 0.15 39.04 72.15
N LYS D 536 -0.39 37.83 72.32
CA LYS D 536 -1.04 37.44 73.58
C LYS D 536 -0.04 37.29 74.72
N LYS D 537 1.14 36.75 74.41
CA LYS D 537 2.19 36.58 75.40
C LYS D 537 2.94 37.88 75.69
N GLY D 538 2.57 38.94 74.98
CA GLY D 538 3.25 40.22 75.13
C GLY D 538 4.72 40.14 74.78
N VAL D 539 5.09 39.11 74.01
CA VAL D 539 6.47 38.93 73.58
C VAL D 539 6.99 40.19 72.89
N GLU D 540 8.01 40.82 73.48
CA GLU D 540 8.63 41.99 72.87
C GLU D 540 9.73 41.53 71.92
N LEU D 541 9.64 41.97 70.67
CA LEU D 541 10.60 41.53 69.65
C LEU D 541 11.80 42.47 69.59
N LYS D 542 12.99 41.89 69.66
CA LYS D 542 14.21 42.67 69.74
C LYS D 542 14.76 42.90 68.35
N PRO D 543 15.44 44.04 68.14
CA PRO D 543 15.99 44.32 66.81
C PRO D 543 17.07 43.30 66.45
N GLU D 544 17.25 43.07 65.16
CA GLU D 544 18.30 42.19 64.70
C GLU D 544 19.62 42.95 64.71
N ASP D 545 20.70 42.24 65.03
CA ASP D 545 22.05 42.79 64.92
C ASP D 545 22.49 42.73 63.47
N PRO D 546 22.74 43.90 62.86
CA PRO D 546 23.10 43.96 61.43
C PRO D 546 24.34 43.11 61.11
N ALA D 547 25.06 42.71 62.15
CA ALA D 547 26.26 41.89 62.00
C ALA D 547 25.92 40.46 61.63
N HIS D 548 24.73 40.02 62.02
CA HIS D 548 24.25 38.68 61.69
C HIS D 548 23.40 38.68 60.42
N ILE D 549 23.32 39.83 59.76
CA ILE D 549 22.55 39.95 58.53
C ILE D 549 23.43 39.97 57.28
N HIS D 550 23.35 38.88 56.51
CA HIS D 550 24.15 38.74 55.29
C HIS D 550 23.26 38.42 54.11
N LEU D 551 23.31 39.27 53.08
CA LEU D 551 22.53 39.04 51.87
C LEU D 551 23.39 38.51 50.72
N PRO D 552 22.83 37.54 49.98
CA PRO D 552 23.48 36.95 48.81
C PRO D 552 23.86 38.03 47.82
N ASN D 553 25.00 37.87 47.16
CA ASN D 553 25.43 38.83 46.16
C ASN D 553 24.70 38.74 44.84
N SER D 554 24.54 39.89 44.20
CA SER D 554 24.03 39.97 42.85
C SER D 554 24.99 39.28 41.91
N SER D 555 24.46 38.84 40.76
CA SER D 555 25.24 38.11 39.76
C SER D 555 24.61 38.23 38.38
N PHE D 556 25.46 38.33 37.37
CA PHE D 556 25.02 38.44 36.00
C PHE D 556 24.87 37.05 35.38
N TRP D 557 25.49 36.05 36.01
CA TRP D 557 25.59 34.73 35.38
C TRP D 557 24.30 33.93 35.21
N PRO D 558 23.37 34.04 36.17
CA PRO D 558 22.08 33.36 35.93
C PRO D 558 21.39 33.85 34.66
N PHE D 559 21.36 35.16 34.43
CA PHE D 559 20.75 35.71 33.23
C PHE D 559 21.52 35.31 31.98
N TYR D 560 22.85 35.37 32.07
CA TYR D 560 23.69 35.02 30.93
C TYR D 560 23.49 33.57 30.56
N SER D 561 23.38 32.72 31.57
CA SER D 561 23.23 31.28 31.38
C SER D 561 21.89 30.98 30.72
N ALA D 562 20.83 31.61 31.23
CA ALA D 562 19.51 31.47 30.63
C ALA D 562 19.51 31.99 29.18
N ALA D 563 20.22 33.08 28.95
CA ALA D 563 20.26 33.66 27.62
C ALA D 563 20.93 32.74 26.61
N THR D 564 22.08 32.18 26.97
CA THR D 564 22.79 31.29 26.07
C THR D 564 22.03 29.97 25.86
N LEU D 565 21.30 29.52 26.87
CA LEU D 565 20.50 28.30 26.74
C LEU D 565 19.30 28.58 25.84
N PHE D 566 18.70 29.75 26.04
CA PHE D 566 17.63 30.20 25.18
C PHE D 566 18.07 30.14 23.72
N ALA D 567 19.24 30.69 23.45
CA ALA D 567 19.79 30.75 22.10
C ALA D 567 20.08 29.35 21.57
N PHE D 568 20.52 28.46 22.45
CA PHE D 568 20.69 27.05 22.10
C PHE D 568 19.37 26.46 21.60
N PHE D 569 18.27 26.74 22.30
CA PHE D 569 16.97 26.22 21.93
C PHE D 569 16.39 26.86 20.68
N VAL D 570 16.76 28.11 20.42
CA VAL D 570 16.38 28.74 19.16
C VAL D 570 17.06 28.03 17.99
N ALA D 571 18.36 27.74 18.15
CA ALA D 571 19.11 27.03 17.12
C ALA D 571 18.53 25.64 16.89
N VAL D 572 18.00 25.03 17.94
CA VAL D 572 17.39 23.72 17.82
C VAL D 572 16.03 23.82 17.13
N ALA D 573 15.21 24.79 17.55
CA ALA D 573 13.89 24.96 16.98
C ALA D 573 13.94 25.38 15.52
N ALA D 574 14.79 26.35 15.20
CA ALA D 574 14.71 27.02 13.90
C ALA D 574 15.51 26.36 12.77
N LEU D 575 16.38 25.42 13.12
CA LEU D 575 17.28 24.82 12.15
C LEU D 575 17.27 23.30 12.26
N PRO D 576 17.73 22.62 11.18
CA PRO D 576 17.96 21.17 11.20
C PRO D 576 19.00 20.81 12.26
N VAL D 577 18.80 19.70 12.94
CA VAL D 577 19.67 19.25 14.02
C VAL D 577 20.53 18.07 13.57
N PRO D 578 21.82 18.09 13.90
CA PRO D 578 22.49 19.15 14.66
C PRO D 578 22.99 20.28 13.76
N ASN D 579 23.46 21.37 14.36
CA ASN D 579 24.04 22.47 13.61
C ASN D 579 25.10 23.18 14.43
N VAL D 580 25.93 23.97 13.78
CA VAL D 580 27.04 24.63 14.45
C VAL D 580 26.59 25.56 15.58
N TRP D 581 25.45 26.20 15.41
CA TRP D 581 24.96 27.15 16.39
C TRP D 581 24.59 26.50 17.74
N MET D 582 24.03 25.29 17.68
CA MET D 582 23.78 24.54 18.89
C MET D 582 25.07 24.46 19.70
N TRP D 583 26.17 24.14 19.03
CA TRP D 583 27.44 23.95 19.73
C TRP D 583 28.05 25.27 20.20
N VAL D 584 27.95 26.29 19.38
CA VAL D 584 28.44 27.61 19.78
C VAL D 584 27.82 28.06 21.10
N PHE D 585 26.49 27.98 21.18
CA PHE D 585 25.78 28.47 22.37
C PHE D 585 25.92 27.51 23.56
N LEU D 586 26.08 26.23 23.30
CA LEU D 586 26.32 25.29 24.39
C LEU D 586 27.69 25.60 25.00
N ALA D 587 28.64 25.95 24.15
CA ALA D 587 29.97 26.29 24.60
C ALA D 587 29.96 27.58 25.42
N LEU D 588 29.20 28.57 24.95
CA LEU D 588 29.07 29.83 25.66
C LEU D 588 28.39 29.60 27.00
N PHE D 589 27.44 28.67 26.98
CA PHE D 589 26.66 28.33 28.15
C PHE D 589 27.55 27.68 29.19
N ALA D 590 28.43 26.78 28.73
CA ALA D 590 29.34 26.08 29.63
C ALA D 590 30.28 27.10 30.27
N TYR D 591 30.76 28.03 29.45
CA TYR D 591 31.62 29.07 29.95
C TYR D 591 30.93 29.84 31.07
N GLY D 592 29.67 30.23 30.83
CA GLY D 592 28.90 30.92 31.84
C GLY D 592 28.80 30.17 33.15
N LEU D 593 28.58 28.85 33.07
CA LEU D 593 28.46 28.05 34.28
C LEU D 593 29.77 27.95 35.04
N VAL D 594 30.88 28.01 34.32
CA VAL D 594 32.19 27.97 34.95
C VAL D 594 32.40 29.23 35.78
N ARG D 595 32.04 30.37 35.23
CA ARG D 595 32.14 31.65 35.94
C ARG D 595 31.21 31.68 37.14
N TRP D 596 30.01 31.16 36.95
CA TRP D 596 29.03 31.03 38.01
C TRP D 596 29.59 30.18 39.16
N ALA D 597 30.18 29.03 38.83
CA ALA D 597 30.75 28.14 39.85
C ALA D 597 31.94 28.73 40.61
N LEU D 598 32.62 29.70 40.00
CA LEU D 598 33.80 30.27 40.64
C LEU D 598 33.49 31.59 41.35
N GLU D 599 32.20 31.92 41.42
CA GLU D 599 31.76 33.18 41.98
C GLU D 599 31.17 32.95 43.38
N ASP D 600 31.73 33.66 44.35
CA ASP D 600 31.27 33.56 45.73
C ASP D 600 29.81 33.94 45.87
N GLU D 601 29.09 33.21 46.71
CA GLU D 601 27.73 33.56 47.04
C GLU D 601 27.68 34.86 47.87
N TYR D 602 28.66 35.02 48.77
CA TYR D 602 28.72 36.20 49.65
C TYR D 602 30.07 36.93 49.59
N SER D 603 30.07 38.17 50.03
CA SER D 603 31.28 38.99 50.02
C SER D 603 32.18 38.67 51.21
N HIS D 604 31.55 38.43 52.35
CA HIS D 604 32.28 38.14 53.59
C HIS D 604 32.10 36.67 53.94
N PRO D 605 32.85 36.19 54.95
CA PRO D 605 32.62 34.83 55.45
C PRO D 605 31.28 34.74 56.15
N VAL D 606 30.63 33.59 56.07
CA VAL D 606 29.28 33.42 56.60
C VAL D 606 29.11 32.06 57.26
N GLU D 607 28.35 32.03 58.35
CA GLU D 607 28.04 30.76 59.01
C GLU D 607 26.80 30.12 58.39
N HIS D 608 26.99 28.98 57.73
CA HIS D 608 25.89 28.26 57.10
C HIS D 608 25.29 27.26 58.07
N HIS D 609 24.11 27.57 58.59
CA HIS D 609 23.38 26.60 59.38
C HIS D 609 21.97 26.42 58.85
N THR D 610 21.60 25.17 58.58
CA THR D 610 20.29 24.84 58.08
C THR D 610 19.54 24.05 59.12
N VAL D 611 18.23 23.90 58.94
CA VAL D 611 17.43 23.18 59.92
C VAL D 611 17.81 21.70 59.95
N THR D 612 18.14 21.16 58.78
CA THR D 612 18.41 19.73 58.68
C THR D 612 19.87 19.41 58.91
N GLY D 613 20.73 20.42 58.81
CA GLY D 613 22.16 20.19 58.90
C GLY D 613 22.79 19.96 57.53
N LYS D 614 21.97 19.61 56.55
CA LYS D 614 22.44 19.42 55.18
C LYS D 614 22.51 20.76 54.43
N SER D 615 23.54 20.94 53.62
CA SER D 615 23.70 22.18 52.86
C SER D 615 22.52 22.42 51.91
N ASN D 616 22.38 23.66 51.47
CA ASN D 616 21.33 24.00 50.54
C ASN D 616 21.59 23.40 49.17
N ALA D 617 22.87 23.26 48.84
CA ALA D 617 23.27 22.63 47.60
C ALA D 617 22.85 21.18 47.62
N TRP D 618 23.12 20.50 48.73
CA TRP D 618 22.75 19.10 48.87
C TRP D 618 21.25 18.93 48.80
N MET D 619 20.54 19.78 49.55
CA MET D 619 19.09 19.68 49.66
C MET D 619 18.41 19.98 48.33
N GLY D 620 18.96 20.95 47.60
CA GLY D 620 18.40 21.33 46.32
C GLY D 620 18.59 20.21 45.30
N MET D 621 19.74 19.57 45.33
CA MET D 621 20.05 18.47 44.44
C MET D 621 19.20 17.24 44.74
N ALA D 622 19.03 16.94 46.02
CA ALA D 622 18.23 15.79 46.42
C ALA D 622 16.78 15.90 45.93
N TRP D 623 16.22 17.10 45.97
CA TRP D 623 14.87 17.26 45.47
C TRP D 623 14.81 17.29 43.93
N PHE D 624 15.83 17.86 43.28
CA PHE D 624 15.84 17.87 41.83
C PHE D 624 15.93 16.45 41.28
N ILE D 625 16.66 15.61 41.99
CA ILE D 625 16.86 14.22 41.58
C ILE D 625 15.54 13.46 41.51
N VAL D 626 14.55 13.90 42.29
CA VAL D 626 13.19 13.34 42.18
C VAL D 626 12.69 13.42 40.75
N SER D 627 13.02 14.50 40.05
CA SER D 627 12.55 14.66 38.68
C SER D 627 13.27 13.71 37.73
N GLU D 628 14.51 13.38 38.05
CA GLU D 628 15.31 12.42 37.27
C GLU D 628 14.73 11.01 37.39
N VAL D 629 14.30 10.67 38.59
CA VAL D 629 13.67 9.38 38.83
C VAL D 629 12.42 9.31 37.96
N GLY D 630 11.65 10.39 37.95
CA GLY D 630 10.43 10.46 37.17
C GLY D 630 10.69 10.25 35.68
N LEU D 631 11.64 10.99 35.14
CA LEU D 631 11.92 10.96 33.70
C LEU D 631 12.32 9.56 33.23
N PHE D 632 13.26 8.93 33.93
CA PHE D 632 13.67 7.59 33.55
C PHE D 632 12.57 6.56 33.82
N ALA D 633 11.78 6.77 34.88
CA ALA D 633 10.71 5.84 35.18
C ALA D 633 9.67 5.78 34.05
N ILE D 634 9.28 6.95 33.54
CA ILE D 634 8.19 6.97 32.59
C ILE D 634 8.67 6.43 31.23
N LEU D 635 9.85 6.84 30.82
CA LEU D 635 10.44 6.32 29.59
C LEU D 635 10.65 4.80 29.64
N ILE D 636 11.10 4.30 30.79
CA ILE D 636 11.31 2.87 30.93
C ILE D 636 9.97 2.13 30.94
N ALA D 637 8.95 2.73 31.54
CA ALA D 637 7.61 2.14 31.52
C ALA D 637 7.13 1.99 30.08
N GLY D 638 7.37 3.01 29.28
CA GLY D 638 6.97 2.98 27.88
C GLY D 638 7.71 1.87 27.17
N TYR D 639 9.01 1.79 27.41
CA TYR D 639 9.83 0.77 26.78
C TYR D 639 9.40 -0.63 27.20
N LEU D 640 9.19 -0.82 28.50
CA LEU D 640 8.73 -2.11 29.01
C LEU D 640 7.41 -2.53 28.35
N TYR D 641 6.52 -1.56 28.22
CA TYR D 641 5.23 -1.78 27.57
C TYR D 641 5.36 -2.20 26.11
N LEU D 642 6.19 -1.49 25.34
CA LEU D 642 6.37 -1.78 23.93
C LEU D 642 7.04 -3.14 23.73
N ARG D 643 7.99 -3.47 24.58
CA ARG D 643 8.70 -4.74 24.45
C ARG D 643 7.87 -5.93 24.90
N LEU D 644 7.24 -5.81 26.07
CA LEU D 644 6.42 -6.90 26.61
C LEU D 644 5.19 -7.18 25.76
N SER D 645 4.73 -6.16 25.03
CA SER D 645 3.58 -6.34 24.14
C SER D 645 4.00 -6.87 22.75
N GLY D 646 5.29 -7.12 22.56
CA GLY D 646 5.78 -7.71 21.33
C GLY D 646 6.15 -6.72 20.24
N ALA D 647 5.95 -5.43 20.49
CA ALA D 647 6.18 -4.42 19.47
C ALA D 647 7.66 -4.10 19.24
N ALA D 648 8.44 -4.15 20.32
CA ALA D 648 9.85 -3.80 20.23
C ALA D 648 10.71 -5.02 20.56
N THR D 649 11.43 -5.49 19.56
CA THR D 649 12.26 -6.67 19.71
C THR D 649 13.66 -6.33 19.24
N PRO D 650 14.68 -6.72 20.02
CA PRO D 650 16.06 -6.34 19.70
C PRO D 650 16.51 -6.97 18.39
N PRO D 651 17.27 -6.24 17.58
CA PRO D 651 17.89 -6.77 16.37
C PRO D 651 19.08 -7.68 16.72
N GLU D 652 19.61 -8.41 15.74
CA GLU D 652 20.73 -9.32 15.98
C GLU D 652 21.99 -8.57 16.36
N GLU D 653 22.17 -7.37 15.82
CA GLU D 653 23.38 -6.59 16.03
C GLU D 653 23.33 -5.70 17.27
N ARG D 654 22.51 -6.06 18.25
CA ARG D 654 22.40 -5.24 19.46
C ARG D 654 23.78 -5.11 20.12
N PRO D 655 24.04 -3.97 20.79
CA PRO D 655 25.34 -3.77 21.45
C PRO D 655 25.64 -4.90 22.46
N ALA D 656 26.88 -5.34 22.50
CA ALA D 656 27.28 -6.52 23.26
C ALA D 656 27.24 -6.32 24.78
N LEU D 657 26.93 -7.40 25.48
CA LEU D 657 26.88 -7.40 26.94
C LEU D 657 28.24 -7.13 27.59
N TRP D 658 29.30 -7.74 27.06
CA TRP D 658 30.61 -7.59 27.69
C TRP D 658 31.02 -6.11 27.74
N LEU D 659 30.65 -5.36 26.72
CA LEU D 659 31.00 -3.95 26.62
C LEU D 659 30.25 -3.13 27.69
N ALA D 660 29.05 -3.56 28.04
CA ALA D 660 28.27 -2.87 29.06
C ALA D 660 28.77 -3.24 30.45
N LEU D 661 29.31 -4.43 30.59
CA LEU D 661 29.87 -4.85 31.87
C LEU D 661 31.19 -4.11 32.13
N LEU D 662 32.01 -3.97 31.10
CA LEU D 662 33.23 -3.17 31.21
C LEU D 662 32.86 -1.76 31.66
N ASN D 663 31.82 -1.20 31.05
CA ASN D 663 31.37 0.13 31.39
C ASN D 663 30.82 0.21 32.81
N THR D 664 30.12 -0.83 33.23
CA THR D 664 29.63 -0.91 34.60
C THR D 664 30.80 -0.86 35.60
N PHE D 665 31.88 -1.57 35.27
CA PHE D 665 33.07 -1.54 36.09
C PHE D 665 33.61 -0.12 36.19
N LEU D 666 33.70 0.56 35.05
CA LEU D 666 34.18 1.94 35.02
C LEU D 666 33.35 2.85 35.91
N LEU D 667 32.04 2.78 35.73
CA LEU D 667 31.12 3.71 36.38
C LEU D 667 30.99 3.44 37.87
N VAL D 668 30.87 2.18 38.25
CA VAL D 668 30.80 1.82 39.66
C VAL D 668 32.09 2.20 40.36
N SER D 669 33.23 1.91 39.73
CA SER D 669 34.51 2.37 40.26
C SER D 669 34.51 3.89 40.49
N SER D 670 33.95 4.63 39.54
CA SER D 670 33.96 6.09 39.65
C SER D 670 33.14 6.56 40.85
N SER D 671 32.13 5.80 41.22
CA SER D 671 31.32 6.16 42.37
C SER D 671 32.11 5.93 43.64
N PHE D 672 33.04 4.98 43.60
CA PHE D 672 33.89 4.70 44.74
C PHE D 672 35.06 5.68 44.84
N THR D 673 35.68 6.01 43.71
CA THR D 673 36.69 7.07 43.75
C THR D 673 36.09 8.39 44.24
N VAL D 674 34.86 8.73 43.82
CA VAL D 674 34.32 10.01 44.24
C VAL D 674 33.94 10.00 45.72
N HIS D 675 33.42 8.87 46.19
CA HIS D 675 33.04 8.72 47.59
C HIS D 675 34.23 8.90 48.51
N PHE D 676 35.33 8.27 48.15
CA PHE D 676 36.54 8.35 48.96
C PHE D 676 37.21 9.71 48.82
N ALA D 677 37.06 10.33 47.65
CA ALA D 677 37.51 11.70 47.44
C ALA D 677 36.82 12.66 48.42
N HIS D 678 35.51 12.47 48.60
CA HIS D 678 34.73 13.27 49.54
C HIS D 678 35.18 12.95 50.97
N HIS D 679 35.42 11.66 51.21
CA HIS D 679 35.85 11.21 52.54
C HIS D 679 37.13 11.92 52.96
N ASP D 680 38.09 11.99 52.04
CA ASP D 680 39.34 12.69 52.31
C ASP D 680 39.11 14.16 52.60
N LEU D 681 38.22 14.79 51.83
CA LEU D 681 37.89 16.18 52.05
C LEU D 681 37.40 16.36 53.49
N ARG D 682 36.68 15.37 53.98
CA ARG D 682 36.15 15.40 55.33
C ARG D 682 37.27 15.21 56.37
N ARG D 683 38.45 14.80 55.89
CA ARG D 683 39.61 14.55 56.75
C ARG D 683 40.68 15.63 56.59
N GLY D 684 40.45 16.57 55.68
CA GLY D 684 41.41 17.63 55.43
C GLY D 684 42.57 17.25 54.53
N ARG D 685 42.51 16.07 53.92
CA ARG D 685 43.56 15.65 52.99
C ARG D 685 43.22 16.08 51.56
N PHE D 686 43.77 17.22 51.14
CA PHE D 686 43.33 17.87 49.90
C PHE D 686 43.91 17.30 48.61
N ASN D 687 45.18 16.93 48.63
CA ASN D 687 45.79 16.30 47.45
C ASN D 687 45.16 14.95 47.09
N PRO D 688 44.92 14.09 48.10
CA PRO D 688 44.18 12.85 47.85
C PRO D 688 42.77 13.13 47.31
N PHE D 689 42.17 14.23 47.75
CA PHE D 689 40.83 14.61 47.31
C PHE D 689 40.85 15.07 45.85
N ARG D 690 41.72 16.03 45.55
CA ARG D 690 41.90 16.47 44.17
C ARG D 690 42.09 15.26 43.28
N PHE D 691 42.92 14.33 43.72
CA PHE D 691 43.27 13.18 42.90
C PHE D 691 42.08 12.25 42.64
N GLY D 692 41.33 11.92 43.68
CA GLY D 692 40.15 11.08 43.53
C GLY D 692 39.08 11.72 42.64
N LEU D 693 38.86 13.01 42.83
CA LEU D 693 37.89 13.74 42.00
C LEU D 693 38.29 13.63 40.54
N LEU D 694 39.56 13.90 40.27
CA LEU D 694 40.06 13.85 38.91
C LEU D 694 39.93 12.45 38.32
N VAL D 695 40.26 11.44 39.13
CA VAL D 695 40.13 10.05 38.70
C VAL D 695 38.68 9.74 38.31
N THR D 696 37.74 10.13 39.18
CA THR D 696 36.32 9.98 38.88
C THR D 696 36.00 10.54 37.48
N ILE D 697 36.47 11.76 37.23
CA ILE D 697 36.24 12.45 35.96
C ILE D 697 36.81 11.66 34.79
N ILE D 698 38.04 11.19 34.93
CA ILE D 698 38.66 10.41 33.87
C ILE D 698 37.88 9.13 33.59
N LEU D 699 37.46 8.45 34.66
CA LEU D 699 36.65 7.23 34.51
C LEU D 699 35.35 7.53 33.75
N GLY D 700 34.70 8.63 34.07
CA GLY D 700 33.47 9.03 33.38
C GLY D 700 33.75 9.25 31.91
N VAL D 701 34.82 9.95 31.62
CA VAL D 701 35.21 10.23 30.24
C VAL D 701 35.38 8.92 29.48
N LEU D 702 36.04 7.96 30.11
CA LEU D 702 36.23 6.64 29.50
C LEU D 702 34.90 5.96 29.23
N PHE D 703 34.01 5.98 30.21
CA PHE D 703 32.66 5.46 30.01
C PHE D 703 32.04 6.13 28.77
N PHE D 704 32.16 7.44 28.68
CA PHE D 704 31.56 8.18 27.56
C PHE D 704 32.18 7.78 26.21
N LEU D 705 33.49 7.64 26.18
CA LEU D 705 34.17 7.27 24.94
C LEU D 705 33.77 5.86 24.51
N VAL D 706 33.70 4.94 25.45
CA VAL D 706 33.19 3.60 25.17
C VAL D 706 31.75 3.63 24.62
N GLN D 707 30.83 4.30 25.30
CA GLN D 707 29.47 4.43 24.80
C GLN D 707 29.44 5.01 23.39
N SER D 708 30.24 6.04 23.15
CA SER D 708 30.27 6.72 21.87
C SER D 708 30.62 5.74 20.76
N TRP D 709 31.66 4.95 20.96
CA TRP D 709 32.06 3.97 19.97
C TRP D 709 30.96 2.95 19.76
N GLU D 710 30.38 2.48 20.85
CA GLU D 710 29.28 1.54 20.79
C GLU D 710 28.11 2.13 19.99
N PHE D 711 27.79 3.39 20.26
CA PHE D 711 26.67 4.05 19.56
C PHE D 711 26.98 4.17 18.07
N TYR D 712 28.22 4.51 17.74
CA TYR D 712 28.63 4.66 16.35
C TYR D 712 28.47 3.32 15.64
N GLN D 713 28.96 2.27 16.27
CA GLN D 713 28.88 0.95 15.68
C GLN D 713 27.43 0.52 15.49
N PHE D 714 26.63 0.66 16.54
CA PHE D 714 25.25 0.18 16.50
C PHE D 714 24.45 0.96 15.45
N TYR D 715 24.74 2.25 15.34
CA TYR D 715 24.04 3.10 14.39
C TYR D 715 24.27 2.63 12.94
N HIS D 716 25.45 2.06 12.69
CA HIS D 716 25.80 1.54 11.37
C HIS D 716 25.24 0.15 11.06
N HIS D 717 24.62 -0.48 12.04
CA HIS D 717 24.08 -1.82 11.83
C HIS D 717 22.56 -1.87 11.93
N SER D 718 21.96 -0.77 12.36
CA SER D 718 20.53 -0.75 12.60
C SER D 718 19.97 0.67 12.62
N SER D 719 18.90 0.88 11.87
CA SER D 719 18.24 2.17 11.74
C SER D 719 17.15 2.36 12.79
N TRP D 720 17.18 3.47 13.51
CA TRP D 720 16.10 3.75 14.46
C TRP D 720 14.81 4.14 13.75
N GLN D 721 14.87 4.28 12.43
CA GLN D 721 13.67 4.57 11.63
C GLN D 721 12.92 3.32 11.22
N GLU D 722 13.63 2.19 11.23
CA GLU D 722 13.06 0.93 10.76
C GLU D 722 12.86 -0.11 11.88
N ASN D 723 13.37 0.21 13.07
CA ASN D 723 13.35 -0.71 14.21
C ASN D 723 13.05 0.00 15.55
N LEU D 724 11.92 -0.37 16.16
CA LEU D 724 11.41 0.29 17.34
C LEU D 724 12.34 0.13 18.55
N TRP D 725 12.87 -1.07 18.75
CA TRP D 725 13.78 -1.31 19.86
C TRP D 725 15.00 -0.40 19.72
N THR D 726 15.52 -0.28 18.51
CA THR D 726 16.70 0.53 18.26
C THR D 726 16.42 1.97 18.61
N ALA D 727 15.23 2.44 18.26
CA ALA D 727 14.79 3.77 18.62
C ALA D 727 14.73 3.96 20.15
N ALA D 728 14.18 2.97 20.84
CA ALA D 728 14.11 3.00 22.30
C ALA D 728 15.50 3.01 22.93
N PHE D 729 16.39 2.19 22.39
CA PHE D 729 17.76 2.10 22.90
C PHE D 729 18.47 3.45 22.79
N PHE D 730 18.50 4.02 21.59
CA PHE D 730 19.12 5.32 21.40
C PHE D 730 18.47 6.39 22.25
N THR D 731 17.17 6.28 22.47
CA THR D 731 16.48 7.29 23.24
C THR D 731 16.91 7.24 24.71
N ILE D 732 16.72 6.09 25.34
CA ILE D 732 16.95 5.97 26.78
C ILE D 732 18.44 5.87 27.14
N VAL D 733 19.20 5.09 26.37
CA VAL D 733 20.63 4.98 26.63
C VAL D 733 21.35 6.26 26.19
N GLY D 734 20.88 6.85 25.09
CA GLY D 734 21.37 8.15 24.68
C GLY D 734 21.13 9.22 25.74
N LEU D 735 19.91 9.24 26.27
CA LEU D 735 19.57 10.24 27.28
C LEU D 735 20.48 10.04 28.50
N HIS D 736 20.71 8.78 28.87
CA HIS D 736 21.62 8.52 29.98
C HIS D 736 23.00 9.07 29.67
N GLY D 737 23.43 8.90 28.43
CA GLY D 737 24.72 9.42 28.00
C GLY D 737 24.81 10.92 28.19
N LEU D 738 23.73 11.62 27.89
CA LEU D 738 23.69 13.05 28.09
C LEU D 738 23.86 13.36 29.57
N HIS D 739 23.30 12.52 30.43
CA HIS D 739 23.45 12.68 31.87
C HIS D 739 24.90 12.51 32.32
N VAL D 740 25.60 11.53 31.73
CA VAL D 740 27.01 11.35 32.04
C VAL D 740 27.80 12.63 31.74
N VAL D 741 27.49 13.24 30.60
CA VAL D 741 28.12 14.50 30.22
C VAL D 741 27.83 15.61 31.22
N ILE D 742 26.56 15.74 31.59
CA ILE D 742 26.13 16.74 32.57
C ILE D 742 26.78 16.49 33.93
N GLY D 743 26.67 15.27 34.43
CA GLY D 743 27.28 14.89 35.70
C GLY D 743 28.79 15.08 35.65
N GLY D 744 29.39 14.74 34.52
CA GLY D 744 30.82 14.90 34.36
C GLY D 744 31.21 16.36 34.48
N PHE D 745 30.45 17.20 33.80
CA PHE D 745 30.68 18.63 33.85
C PHE D 745 30.52 19.16 35.27
N GLY D 746 29.50 18.67 35.97
CA GLY D 746 29.30 19.02 37.36
C GLY D 746 30.52 18.69 38.23
N LEU D 747 31.11 17.51 38.00
CA LEU D 747 32.31 17.14 38.74
C LEU D 747 33.48 18.04 38.36
N ILE D 748 33.54 18.41 37.08
CA ILE D 748 34.57 19.30 36.60
C ILE D 748 34.48 20.70 37.19
N LEU D 749 33.26 21.18 37.42
CA LEU D 749 33.06 22.45 38.10
C LEU D 749 33.67 22.40 39.51
N ALA D 750 33.40 21.32 40.24
CA ALA D 750 33.95 21.13 41.57
C ALA D 750 35.47 21.10 41.53
N TYR D 751 36.02 20.49 40.48
CA TYR D 751 37.46 20.36 40.34
C TYR D 751 38.12 21.72 40.06
N LEU D 752 37.50 22.49 39.19
CA LEU D 752 37.96 23.86 38.94
C LEU D 752 37.90 24.68 40.22
N GLN D 753 36.85 24.45 41.02
CA GLN D 753 36.73 25.08 42.31
C GLN D 753 37.91 24.69 43.21
N ALA D 754 38.27 23.42 43.18
CA ALA D 754 39.36 22.92 44.01
C ALA D 754 40.69 23.52 43.60
N LEU D 755 40.86 23.74 42.29
CA LEU D 755 42.10 24.31 41.77
C LEU D 755 42.28 25.79 42.08
N ARG D 756 41.20 26.46 42.43
CA ARG D 756 41.26 27.89 42.74
C ARG D 756 41.16 28.10 44.25
N GLY D 757 41.15 26.99 45.00
CA GLY D 757 41.05 27.04 46.44
C GLY D 757 39.67 27.39 46.96
N LYS D 758 38.67 27.25 46.11
CA LYS D 758 37.30 27.55 46.50
C LYS D 758 36.66 26.41 47.29
N ILE D 759 37.24 25.21 47.17
CA ILE D 759 36.80 24.08 47.97
C ILE D 759 37.53 24.03 49.29
N THR D 760 36.78 24.12 50.38
CA THR D 760 37.32 24.07 51.72
C THR D 760 36.45 23.15 52.57
N LEU D 761 36.89 22.87 53.79
CA LEU D 761 36.09 22.13 54.77
C LEU D 761 34.79 22.89 55.02
N HIS D 762 34.90 24.21 54.96
CA HIS D 762 33.77 25.10 55.12
C HIS D 762 32.81 24.95 53.93
N ASN D 763 33.26 25.37 52.75
CA ASN D 763 32.42 25.40 51.57
C ASN D 763 32.76 24.35 50.52
N HIS D 764 31.82 23.43 50.30
CA HIS D 764 31.96 22.46 49.22
C HIS D 764 30.62 21.96 48.70
N GLY D 765 29.63 22.86 48.64
CA GLY D 765 28.29 22.53 48.20
C GLY D 765 28.21 21.96 46.79
N THR D 766 28.88 22.63 45.85
CA THR D 766 28.92 22.18 44.47
C THR D 766 29.39 20.73 44.40
N LEU D 767 30.36 20.37 45.25
CA LEU D 767 30.88 19.01 45.28
C LEU D 767 29.84 18.02 45.80
N GLU D 768 29.07 18.44 46.80
CA GLU D 768 28.07 17.55 47.38
C GLU D 768 26.98 17.26 46.37
N ALA D 769 26.58 18.30 45.64
CA ALA D 769 25.53 18.19 44.66
C ALA D 769 25.99 17.32 43.48
N ALA D 770 27.14 17.67 42.92
CA ALA D 770 27.68 16.97 41.76
C ALA D 770 27.94 15.49 42.06
N SER D 771 28.46 15.23 43.26
CA SER D 771 28.75 13.89 43.70
C SER D 771 27.47 13.07 43.77
N MET D 772 26.43 13.64 44.36
CA MET D 772 25.18 12.93 44.52
C MET D 772 24.52 12.65 43.19
N TYR D 773 24.63 13.63 42.28
CA TYR D 773 24.06 13.50 40.95
C TYR D 773 24.83 12.43 40.17
N TRP D 774 26.13 12.34 40.42
CA TRP D 774 26.96 11.32 39.78
C TRP D 774 26.56 9.91 40.21
N HIS D 775 26.37 9.72 41.52
CA HIS D 775 25.90 8.44 42.04
C HIS D 775 24.60 8.04 41.41
N LEU D 776 23.74 9.02 41.16
CA LEU D 776 22.47 8.76 40.51
C LEU D 776 22.66 8.27 39.07
N VAL D 777 23.56 8.91 38.33
CA VAL D 777 23.90 8.47 36.99
C VAL D 777 24.38 7.02 37.04
N ASP D 778 25.14 6.69 38.08
CA ASP D 778 25.62 5.33 38.26
C ASP D 778 24.46 4.35 38.45
N ALA D 779 23.52 4.71 39.32
CA ALA D 779 22.37 3.84 39.62
C ALA D 779 21.52 3.57 38.37
N VAL D 780 21.24 4.62 37.61
CA VAL D 780 20.39 4.53 36.44
C VAL D 780 21.04 3.62 35.40
N TRP D 781 22.35 3.70 35.27
CA TRP D 781 23.09 2.79 34.40
C TRP D 781 22.78 1.33 34.72
N LEU D 782 22.75 0.99 36.00
CA LEU D 782 22.49 -0.38 36.42
C LEU D 782 21.13 -0.88 35.94
N VAL D 783 20.12 -0.01 35.96
CA VAL D 783 18.81 -0.38 35.44
C VAL D 783 18.89 -0.55 33.93
N ILE D 784 19.63 0.35 33.28
CA ILE D 784 19.79 0.30 31.84
C ILE D 784 20.50 -0.97 31.37
N VAL D 785 21.61 -1.30 32.03
CA VAL D 785 22.32 -2.53 31.69
C VAL D 785 21.33 -3.67 31.73
N THR D 786 20.50 -3.67 32.77
CA THR D 786 19.57 -4.75 33.02
C THR D 786 18.56 -4.92 31.90
N ILE D 787 17.94 -3.82 31.47
CA ILE D 787 16.83 -3.91 30.53
C ILE D 787 17.22 -3.74 29.05
N PHE D 788 18.40 -3.19 28.80
CA PHE D 788 18.84 -3.01 27.42
C PHE D 788 20.01 -3.91 26.98
N TYR D 789 20.79 -4.42 27.93
CA TYR D 789 21.90 -5.31 27.55
C TYR D 789 21.73 -6.75 28.02
N VAL D 790 21.19 -6.93 29.22
CA VAL D 790 21.00 -8.27 29.77
C VAL D 790 19.75 -8.89 29.16
N TRP D 791 18.61 -8.32 29.48
CA TRP D 791 17.35 -8.72 28.87
C TRP D 791 17.41 -8.51 27.36
N ALA E 19 -33.98 23.03 10.82
CA ALA E 19 -32.87 22.99 11.78
C ALA E 19 -32.72 21.61 12.40
N HIS E 20 -31.48 21.15 12.50
CA HIS E 20 -31.18 19.86 13.09
C HIS E 20 -31.27 19.95 14.61
N ARG E 21 -31.94 18.98 15.23
CA ARG E 21 -32.07 18.95 16.69
C ARG E 21 -31.03 18.01 17.29
N VAL E 22 -29.79 18.45 17.24
CA VAL E 22 -28.66 17.67 17.73
C VAL E 22 -28.58 17.75 19.26
N ALA E 23 -28.59 16.59 19.92
CA ALA E 23 -28.47 16.51 21.36
C ALA E 23 -27.98 15.14 21.79
N ILE E 24 -27.08 15.11 22.76
CA ILE E 24 -26.51 13.86 23.24
C ILE E 24 -27.52 13.05 24.03
N THR E 25 -28.65 13.68 24.36
CA THR E 25 -29.71 13.02 25.12
C THR E 25 -30.81 12.44 24.23
N HIS E 26 -30.77 12.74 22.94
CA HIS E 26 -31.75 12.23 21.98
C HIS E 26 -31.71 10.71 21.92
N PRO E 27 -32.85 10.05 22.17
CA PRO E 27 -32.86 8.59 22.23
C PRO E 27 -32.94 7.94 20.84
N GLY E 28 -32.06 8.35 19.93
CA GLY E 28 -32.07 7.85 18.57
C GLY E 28 -31.40 6.51 18.39
N GLY E 29 -30.50 6.16 19.29
CA GLY E 29 -29.79 4.90 19.21
C GLY E 29 -29.78 4.19 20.54
N SER E 30 -29.46 2.90 20.51
CA SER E 30 -29.42 2.09 21.72
C SER E 30 -28.42 2.64 22.74
N PHE E 31 -27.38 3.32 22.27
CA PHE E 31 -26.39 3.88 23.16
C PHE E 31 -26.98 4.94 24.08
N ASN E 32 -27.65 5.94 23.49
CA ASN E 32 -28.23 7.02 24.28
C ASN E 32 -29.36 6.57 25.19
N GLN E 33 -30.07 5.53 24.78
CA GLN E 33 -31.13 4.96 25.61
C GLN E 33 -30.53 4.22 26.80
N GLU E 34 -29.40 3.55 26.59
CA GLU E 34 -28.80 2.71 27.63
C GLU E 34 -28.07 3.52 28.70
N VAL E 35 -27.56 4.69 28.36
CA VAL E 35 -26.84 5.50 29.34
C VAL E 35 -27.76 6.51 30.05
N ALA E 36 -28.95 6.70 29.50
CA ALA E 36 -29.88 7.74 29.97
C ALA E 36 -30.11 7.71 31.47
N PHE E 37 -30.06 6.53 32.08
CA PHE E 37 -30.37 6.38 33.49
C PHE E 37 -29.35 7.03 34.41
N LEU E 38 -28.18 7.37 33.88
CA LEU E 38 -27.13 7.99 34.69
C LEU E 38 -27.45 9.44 34.99
N PHE E 39 -28.10 10.12 34.06
CA PHE E 39 -28.34 11.55 34.19
C PHE E 39 -29.18 11.94 35.42
N PRO E 40 -30.28 11.23 35.66
CA PRO E 40 -31.09 11.58 36.84
C PRO E 40 -30.28 11.46 38.13
N TRP E 41 -29.47 10.42 38.25
CA TRP E 41 -28.60 10.25 39.42
C TRP E 41 -27.63 11.41 39.58
N VAL E 42 -27.04 11.85 38.48
CA VAL E 42 -26.14 13.00 38.52
C VAL E 42 -26.90 14.26 38.96
N TYR E 43 -28.06 14.50 38.36
CA TYR E 43 -28.84 15.68 38.69
C TYR E 43 -29.27 15.69 40.17
N PHE E 44 -29.64 14.52 40.69
CA PHE E 44 -30.09 14.39 42.07
C PHE E 44 -28.99 14.75 43.06
N PHE E 45 -27.86 14.06 42.95
CA PHE E 45 -26.74 14.29 43.85
C PHE E 45 -26.23 15.73 43.75
N SER E 46 -26.19 16.26 42.54
CA SER E 46 -25.67 17.61 42.33
C SER E 46 -26.58 18.64 42.97
N PHE E 47 -27.88 18.39 42.87
CA PHE E 47 -28.88 19.26 43.48
C PHE E 47 -28.72 19.27 45.00
N LEU E 48 -28.57 18.10 45.60
CA LEU E 48 -28.39 18.00 47.05
C LEU E 48 -27.08 18.61 47.49
N ILE E 49 -26.01 18.28 46.78
CA ILE E 49 -24.69 18.82 47.10
C ILE E 49 -24.69 20.33 47.00
N PHE E 50 -25.33 20.87 45.98
CA PHE E 50 -25.39 22.31 45.84
C PHE E 50 -26.19 22.93 47.00
N LEU E 51 -27.38 22.38 47.25
CA LEU E 51 -28.25 22.90 48.29
C LEU E 51 -27.49 23.02 49.59
N VAL E 52 -26.84 21.93 49.98
CA VAL E 52 -26.15 21.88 51.26
C VAL E 52 -24.92 22.79 51.30
N VAL E 53 -23.99 22.57 50.38
CA VAL E 53 -22.72 23.28 50.41
C VAL E 53 -22.86 24.75 50.02
N ALA E 54 -23.58 25.01 48.94
CA ALA E 54 -23.80 26.40 48.51
C ALA E 54 -24.72 27.12 49.51
N GLY E 55 -25.72 26.40 50.02
CA GLY E 55 -26.61 26.96 51.02
C GLY E 55 -25.85 27.38 52.26
N SER E 56 -24.99 26.49 52.75
CA SER E 56 -24.17 26.77 53.91
C SER E 56 -23.28 28.01 53.72
N LEU E 57 -22.69 28.13 52.54
CA LEU E 57 -21.81 29.25 52.25
C LEU E 57 -22.60 30.55 52.16
N ALA E 58 -23.81 30.46 51.62
CA ALA E 58 -24.71 31.61 51.55
C ALA E 58 -25.11 32.04 52.96
N TYR E 59 -25.45 31.06 53.80
CA TYR E 59 -25.79 31.33 55.19
C TYR E 59 -24.64 32.05 55.88
N VAL E 60 -23.45 31.48 55.77
CA VAL E 60 -22.27 32.06 56.40
C VAL E 60 -22.07 33.55 56.05
N THR E 61 -22.19 33.91 54.77
CA THR E 61 -21.97 35.29 54.35
C THR E 61 -23.04 36.26 54.87
N TRP E 62 -24.26 35.76 55.02
CA TRP E 62 -25.34 36.57 55.57
C TRP E 62 -25.24 36.69 57.10
N LYS E 63 -25.02 35.54 57.74
CA LYS E 63 -25.00 35.44 59.20
C LYS E 63 -23.79 36.08 59.88
N PHE E 64 -22.62 35.92 59.29
CA PHE E 64 -21.38 36.29 59.97
C PHE E 64 -20.67 37.52 59.42
N ARG E 65 -21.34 38.27 58.56
CA ARG E 65 -20.81 39.56 58.16
C ARG E 65 -20.51 40.33 59.45
N ALA E 66 -19.53 41.22 59.41
CA ALA E 66 -19.15 41.96 60.61
C ALA E 66 -19.49 43.44 60.51
N ARG E 67 -20.18 43.96 61.52
CA ARG E 67 -20.42 45.38 61.61
C ARG E 67 -19.06 46.07 61.80
N PRO E 68 -18.83 47.16 61.06
CA PRO E 68 -17.52 47.83 60.97
C PRO E 68 -16.95 48.26 62.33
N GLU E 69 -17.83 48.57 63.28
CA GLU E 69 -17.39 49.01 64.60
C GLU E 69 -16.83 47.85 65.43
N ASP E 70 -17.32 46.65 65.17
CA ASP E 70 -16.93 45.46 65.93
C ASP E 70 -15.42 45.22 65.90
N GLN E 71 -14.82 45.09 67.09
CA GLN E 71 -13.39 44.88 67.22
C GLN E 71 -13.12 43.64 68.07
N GLU E 72 -14.19 43.07 68.61
CA GLU E 72 -14.08 41.87 69.43
C GLU E 72 -13.94 40.65 68.54
N GLU E 73 -12.78 40.02 68.60
CA GLU E 73 -12.53 38.78 67.88
C GLU E 73 -13.58 37.73 68.22
N PRO E 74 -13.96 36.91 67.24
CA PRO E 74 -14.95 35.84 67.43
C PRO E 74 -14.33 34.69 68.22
N PRO E 75 -15.11 33.65 68.58
CA PRO E 75 -14.53 32.49 69.28
C PRO E 75 -13.53 31.68 68.44
N GLN E 76 -12.31 31.57 68.94
CA GLN E 76 -11.22 30.90 68.22
C GLN E 76 -11.32 29.37 68.24
N ILE E 77 -12.23 28.82 67.44
CA ILE E 77 -12.37 27.37 67.35
C ILE E 77 -11.42 26.80 66.29
N HIS E 78 -10.86 25.63 66.56
CA HIS E 78 -9.84 25.07 65.68
C HIS E 78 -10.34 23.88 64.86
N GLY E 79 -11.61 23.53 65.00
CA GLY E 79 -12.13 22.41 64.24
C GLY E 79 -13.22 21.62 64.93
N ASN E 80 -13.48 20.44 64.40
CA ASN E 80 -14.54 19.56 64.89
C ASN E 80 -14.29 18.17 64.32
N ASP E 81 -13.56 17.35 65.07
CA ASP E 81 -13.10 16.07 64.57
C ASP E 81 -14.19 15.12 64.07
N ARG E 82 -15.34 15.12 64.74
CA ARG E 82 -16.44 14.26 64.33
C ARG E 82 -16.96 14.70 62.97
N LEU E 83 -17.13 16.02 62.82
CA LEU E 83 -17.61 16.61 61.59
C LEU E 83 -16.70 16.29 60.41
N GLU E 84 -15.40 16.23 60.66
CA GLU E 84 -14.41 15.90 59.63
C GLU E 84 -14.66 14.51 59.06
N VAL E 85 -15.07 13.59 59.93
CA VAL E 85 -15.34 12.23 59.49
C VAL E 85 -16.60 12.19 58.64
N VAL E 86 -17.66 12.84 59.10
CA VAL E 86 -18.90 12.85 58.35
C VAL E 86 -18.72 13.47 56.98
N TRP E 87 -17.92 14.53 56.89
CA TRP E 87 -17.80 15.18 55.60
C TRP E 87 -16.66 14.60 54.77
N THR E 88 -16.18 13.44 55.20
CA THR E 88 -15.31 12.63 54.38
C THR E 88 -16.07 11.40 53.87
N LEU E 89 -16.84 10.79 54.77
CA LEU E 89 -17.56 9.56 54.45
C LEU E 89 -18.75 9.76 53.52
N ILE E 90 -19.49 10.85 53.69
CA ILE E 90 -20.66 11.09 52.85
C ILE E 90 -20.30 11.28 51.38
N PRO E 91 -19.31 12.13 51.09
CA PRO E 91 -18.84 12.24 49.71
C PRO E 91 -18.33 10.90 49.20
N LEU E 92 -17.59 10.19 50.04
CA LEU E 92 -17.07 8.88 49.66
C LEU E 92 -18.20 7.93 49.24
N ALA E 93 -19.27 7.91 50.02
CA ALA E 93 -20.40 7.04 49.71
C ALA E 93 -20.99 7.42 48.36
N ILE E 94 -21.12 8.73 48.13
CA ILE E 94 -21.66 9.23 46.87
C ILE E 94 -20.85 8.79 45.65
N VAL E 95 -19.53 8.85 45.74
CA VAL E 95 -18.70 8.47 44.60
C VAL E 95 -18.77 6.97 44.36
N PHE E 96 -18.90 6.19 45.43
CA PHE E 96 -19.07 4.75 45.31
C PHE E 96 -20.35 4.40 44.54
N VAL E 97 -21.40 5.18 44.79
CA VAL E 97 -22.67 4.98 44.10
C VAL E 97 -22.53 5.35 42.63
N LEU E 98 -22.00 6.54 42.38
CA LEU E 98 -21.79 7.01 41.02
C LEU E 98 -20.92 6.04 40.23
N PHE E 99 -19.86 5.56 40.87
CA PHE E 99 -18.96 4.60 40.23
C PHE E 99 -19.66 3.28 39.92
N GLY E 100 -20.45 2.79 40.87
CA GLY E 100 -21.19 1.56 40.70
C GLY E 100 -22.13 1.62 39.51
N LEU E 101 -22.83 2.75 39.37
CA LEU E 101 -23.71 2.99 38.23
C LEU E 101 -22.89 3.08 36.95
N THR E 102 -21.75 3.77 37.06
CA THR E 102 -20.88 4.00 35.91
C THR E 102 -20.35 2.69 35.33
N ALA E 103 -19.84 1.81 36.18
CA ALA E 103 -19.30 0.54 35.72
C ALA E 103 -20.36 -0.33 35.06
N LYS E 104 -21.55 -0.38 35.65
CA LYS E 104 -22.64 -1.17 35.10
C LYS E 104 -22.98 -0.69 33.68
N ALA E 105 -23.10 0.62 33.53
CA ALA E 105 -23.42 1.20 32.23
C ALA E 105 -22.31 0.98 31.21
N LEU E 106 -21.05 1.10 31.63
CA LEU E 106 -19.93 0.97 30.72
C LEU E 106 -19.84 -0.45 30.19
N ILE E 107 -20.01 -1.42 31.08
CA ILE E 107 -19.95 -2.83 30.71
C ILE E 107 -21.01 -3.16 29.66
N GLN E 108 -22.19 -2.55 29.78
CA GLN E 108 -23.28 -2.85 28.87
C GLN E 108 -23.12 -2.23 27.48
N VAL E 109 -22.68 -0.98 27.42
CA VAL E 109 -22.54 -0.32 26.11
C VAL E 109 -21.30 -0.79 25.35
N ASN E 110 -20.38 -1.46 26.04
CA ASN E 110 -19.17 -1.97 25.40
C ASN E 110 -19.27 -3.44 25.05
N ARG E 111 -20.37 -4.07 25.47
CA ARG E 111 -20.61 -5.47 25.15
C ARG E 111 -20.81 -5.63 23.64
N PRO E 112 -20.10 -6.58 23.03
CA PRO E 112 -20.27 -6.83 21.60
C PRO E 112 -21.62 -7.46 21.32
N ILE E 113 -22.25 -7.03 20.21
CA ILE E 113 -23.54 -7.57 19.79
C ILE E 113 -23.35 -8.58 18.66
N PRO E 114 -23.56 -9.88 18.98
CA PRO E 114 -23.37 -10.97 18.00
C PRO E 114 -24.25 -10.82 16.77
N GLY E 115 -23.62 -10.89 15.59
CA GLY E 115 -24.35 -10.87 14.33
C GLY E 115 -24.74 -9.49 13.85
N ALA E 116 -24.03 -8.48 14.31
CA ALA E 116 -24.27 -7.11 13.87
C ALA E 116 -23.59 -6.85 12.54
N MET E 117 -24.26 -6.13 11.65
CA MET E 117 -23.69 -5.76 10.36
C MET E 117 -22.45 -4.92 10.58
N LYS E 118 -21.32 -5.39 10.05
CA LYS E 118 -20.07 -4.65 10.17
C LYS E 118 -20.00 -3.53 9.14
N VAL E 119 -19.54 -2.36 9.58
CA VAL E 119 -19.28 -1.24 8.67
C VAL E 119 -17.90 -0.67 8.93
N GLU E 120 -17.04 -0.70 7.92
CA GLU E 120 -15.69 -0.17 8.06
C GLU E 120 -15.66 1.34 7.82
N VAL E 121 -15.29 2.08 8.86
CA VAL E 121 -15.19 3.53 8.79
C VAL E 121 -13.73 3.97 8.74
N THR E 122 -13.39 4.80 7.76
CA THR E 122 -12.02 5.26 7.62
C THR E 122 -11.97 6.77 7.52
N GLY E 123 -11.12 7.38 8.35
CA GLY E 123 -10.94 8.82 8.34
C GLY E 123 -9.73 9.30 7.56
N TYR E 124 -9.92 10.39 6.83
CA TYR E 124 -8.89 11.08 6.08
C TYR E 124 -9.02 12.57 6.36
N GLN E 125 -7.96 13.32 6.09
CA GLN E 125 -8.07 14.78 6.10
C GLN E 125 -8.66 15.21 4.75
N PHE E 126 -9.91 15.69 4.73
CA PHE E 126 -10.75 15.83 5.91
C PHE E 126 -12.15 15.29 5.60
N TRP E 127 -12.24 13.98 5.43
CA TRP E 127 -13.51 13.37 5.02
C TRP E 127 -13.60 11.93 5.52
N TRP E 128 -14.78 11.32 5.33
CA TRP E 128 -15.03 9.98 5.85
C TRP E 128 -15.41 8.96 4.77
N ASP E 129 -14.78 7.79 4.82
CA ASP E 129 -15.05 6.72 3.86
C ASP E 129 -15.75 5.54 4.56
N PHE E 130 -16.74 4.96 3.87
CA PHE E 130 -17.53 3.84 4.40
C PHE E 130 -17.55 2.61 3.50
N HIS E 131 -17.36 1.44 4.11
CA HIS E 131 -17.36 0.20 3.38
C HIS E 131 -18.23 -0.82 4.10
N TYR E 132 -19.19 -1.40 3.39
CA TYR E 132 -20.03 -2.46 3.94
C TYR E 132 -19.53 -3.79 3.40
N PRO E 133 -18.65 -4.47 4.15
CA PRO E 133 -17.96 -5.66 3.63
C PRO E 133 -18.90 -6.80 3.19
N GLU E 134 -19.96 -7.04 3.95
CA GLU E 134 -20.89 -8.11 3.59
C GLU E 134 -21.66 -7.78 2.31
N LEU E 135 -21.91 -6.49 2.08
CA LEU E 135 -22.67 -6.04 0.91
C LEU E 135 -21.78 -5.76 -0.30
N GLY E 136 -20.49 -5.57 -0.07
CA GLY E 136 -19.56 -5.21 -1.14
C GLY E 136 -19.80 -3.80 -1.64
N LEU E 137 -20.32 -2.96 -0.75
CA LEU E 137 -20.72 -1.60 -1.11
C LEU E 137 -19.80 -0.56 -0.51
N ARG E 138 -19.51 0.48 -1.28
CA ARG E 138 -18.74 1.62 -0.80
C ARG E 138 -19.51 2.92 -0.99
N ASN E 139 -19.51 3.76 0.03
CA ASN E 139 -20.01 5.12 -0.09
C ASN E 139 -19.17 6.02 0.80
N SER E 140 -19.38 7.33 0.69
CA SER E 140 -18.56 8.29 1.42
C SER E 140 -19.35 9.43 2.05
N ASN E 141 -18.96 9.81 3.26
CA ASN E 141 -19.48 11.01 3.94
C ASN E 141 -20.93 10.95 4.40
N GLU E 142 -21.72 10.08 3.79
CA GLU E 142 -23.05 9.80 4.30
C GLU E 142 -23.20 8.30 4.48
N LEU E 143 -23.46 7.90 5.73
CA LEU E 143 -23.53 6.50 6.10
C LEU E 143 -24.99 6.11 6.24
N VAL E 144 -25.46 5.23 5.36
CA VAL E 144 -26.84 4.78 5.40
C VAL E 144 -26.98 3.51 6.25
N LEU E 145 -27.98 3.49 7.12
CA LEU E 145 -28.16 2.40 8.08
C LEU E 145 -29.63 2.06 8.27
N PRO E 146 -29.92 0.77 8.54
CA PRO E 146 -31.28 0.32 8.86
C PRO E 146 -31.66 0.48 10.32
N ALA E 147 -32.79 1.12 10.59
CA ALA E 147 -33.32 1.19 11.95
C ALA E 147 -33.68 -0.21 12.45
N GLY E 148 -33.48 -0.44 13.74
CA GLY E 148 -33.83 -1.69 14.37
C GLY E 148 -32.83 -2.82 14.16
N VAL E 149 -31.72 -2.50 13.51
CA VAL E 149 -30.69 -3.50 13.26
C VAL E 149 -29.36 -3.11 13.89
N PRO E 150 -28.79 -4.00 14.71
CA PRO E 150 -27.49 -3.71 15.34
C PRO E 150 -26.37 -3.54 14.31
N VAL E 151 -25.56 -2.51 14.49
CA VAL E 151 -24.42 -2.26 13.63
C VAL E 151 -23.14 -2.22 14.45
N GLU E 152 -22.04 -2.68 13.86
CA GLU E 152 -20.73 -2.58 14.50
C GLU E 152 -19.78 -1.78 13.62
N LEU E 153 -19.43 -0.58 14.09
CA LEU E 153 -18.52 0.28 13.36
C LEU E 153 -17.07 -0.11 13.64
N GLU E 154 -16.32 -0.38 12.58
CA GLU E 154 -14.90 -0.68 12.69
C GLU E 154 -14.13 0.48 12.11
N ILE E 155 -13.42 1.19 12.98
CA ILE E 155 -12.94 2.52 12.68
C ILE E 155 -11.42 2.60 12.66
N THR E 156 -10.88 3.28 11.65
CA THR E 156 -9.46 3.58 11.60
C THR E 156 -9.21 4.88 10.83
N SER E 157 -7.94 5.23 10.69
CA SER E 157 -7.50 6.42 9.98
C SER E 157 -6.36 6.09 9.03
N LYS E 158 -6.28 6.83 7.93
CA LYS E 158 -5.16 6.72 6.99
C LYS E 158 -4.08 7.79 7.19
N ASP E 159 -4.27 8.69 8.16
CA ASP E 159 -3.27 9.74 8.36
C ASP E 159 -3.04 10.15 9.82
N VAL E 160 -3.86 11.08 10.34
CA VAL E 160 -3.71 11.52 11.73
C VAL E 160 -4.90 11.02 12.54
N ILE E 161 -4.89 11.29 13.85
CA ILE E 161 -6.01 10.84 14.66
C ILE E 161 -7.28 11.65 14.38
N HIS E 162 -8.39 10.95 14.19
CA HIS E 162 -9.70 11.57 14.06
C HIS E 162 -10.61 10.97 15.10
N SER E 163 -11.85 11.41 15.14
CA SER E 163 -12.83 10.83 16.06
C SER E 163 -14.23 10.88 15.46
N PHE E 164 -14.90 9.73 15.49
CA PHE E 164 -16.17 9.55 14.78
C PHE E 164 -17.33 9.74 15.74
N TRP E 165 -18.07 10.83 15.57
CA TRP E 165 -19.08 11.26 16.53
C TRP E 165 -20.44 11.59 15.92
N VAL E 166 -21.44 10.78 16.24
CA VAL E 166 -22.83 11.04 15.85
C VAL E 166 -23.65 11.18 17.11
N PRO E 167 -23.73 12.41 17.64
CA PRO E 167 -24.26 12.66 18.98
C PRO E 167 -25.69 12.17 19.16
N GLY E 168 -26.49 12.27 18.11
CA GLY E 168 -27.87 11.86 18.17
C GLY E 168 -28.04 10.36 18.37
N LEU E 169 -26.98 9.61 18.06
CA LEU E 169 -27.03 8.15 18.16
C LEU E 169 -26.18 7.56 19.30
N ALA E 170 -24.93 8.02 19.40
CA ALA E 170 -24.00 7.38 20.32
C ALA E 170 -22.78 8.26 20.63
N GLY E 171 -22.04 7.88 21.66
CA GLY E 171 -20.77 8.53 21.94
C GLY E 171 -19.76 8.28 20.84
N LYS E 172 -18.64 8.98 20.90
CA LYS E 172 -17.62 8.90 19.86
C LYS E 172 -16.58 7.82 20.13
N ARG E 173 -15.85 7.44 19.08
CA ARG E 173 -14.68 6.59 19.23
C ARG E 173 -13.60 7.10 18.28
N ASP E 174 -12.37 7.20 18.77
CA ASP E 174 -11.28 7.76 17.98
C ASP E 174 -10.87 6.87 16.80
N ALA E 175 -10.41 7.50 15.73
CA ALA E 175 -9.88 6.79 14.58
C ALA E 175 -8.36 6.95 14.58
N ILE E 176 -7.65 5.87 14.90
CA ILE E 176 -6.23 5.93 15.14
C ILE E 176 -5.44 5.14 14.08
N PRO E 177 -4.52 5.80 13.38
CA PRO E 177 -3.70 5.11 12.37
C PRO E 177 -2.98 3.88 12.94
N GLY E 178 -3.04 2.78 12.21
CA GLY E 178 -2.30 1.58 12.59
C GLY E 178 -3.10 0.61 13.44
N GLN E 179 -4.34 0.97 13.76
CA GLN E 179 -5.18 0.08 14.55
C GLN E 179 -6.67 0.24 14.26
N THR E 180 -7.45 -0.72 14.75
CA THR E 180 -8.89 -0.66 14.55
C THR E 180 -9.60 -0.56 15.88
N THR E 181 -10.41 0.49 16.03
CA THR E 181 -11.28 0.63 17.17
C THR E 181 -12.72 0.33 16.74
N ARG E 182 -13.59 0.11 17.70
CA ARG E 182 -14.94 -0.25 17.35
C ARG E 182 -15.96 0.25 18.35
N ILE E 183 -17.19 0.42 17.85
CA ILE E 183 -18.31 0.76 18.70
C ILE E 183 -19.55 0.12 18.11
N SER E 184 -20.38 -0.44 18.98
CA SER E 184 -21.58 -1.14 18.56
C SER E 184 -22.81 -0.48 19.15
N PHE E 185 -23.87 -0.40 18.35
CA PHE E 185 -25.14 0.13 18.81
C PHE E 185 -26.22 -0.21 17.79
N GLU E 186 -27.46 0.09 18.15
CA GLU E 186 -28.57 -0.15 17.26
C GLU E 186 -29.36 1.14 17.06
N PRO E 187 -29.31 1.68 15.82
CA PRO E 187 -30.14 2.84 15.49
C PRO E 187 -31.60 2.46 15.67
N LYS E 188 -32.41 3.38 16.19
CA LYS E 188 -33.81 3.09 16.48
C LYS E 188 -34.75 4.03 15.70
N GLU E 189 -34.44 5.31 15.72
CA GLU E 189 -35.31 6.33 15.16
C GLU E 189 -34.82 6.80 13.80
N PRO E 190 -35.64 6.59 12.76
CA PRO E 190 -35.22 7.03 11.41
C PRO E 190 -34.98 8.54 11.41
N GLY E 191 -33.96 8.97 10.67
CA GLY E 191 -33.71 10.39 10.51
C GLY E 191 -32.39 10.68 9.83
N LEU E 192 -32.12 11.96 9.65
CA LEU E 192 -30.85 12.41 9.10
C LEU E 192 -29.99 12.98 10.24
N TYR E 193 -28.96 12.25 10.64
CA TYR E 193 -28.13 12.66 11.79
C TYR E 193 -26.84 13.38 11.41
N TYR E 194 -26.59 14.51 12.06
CA TYR E 194 -25.31 15.21 11.95
C TYR E 194 -24.18 14.39 12.56
N GLY E 195 -23.06 14.33 11.84
CA GLY E 195 -21.84 13.73 12.36
C GLY E 195 -20.67 14.69 12.30
N PHE E 196 -19.78 14.60 13.28
CA PHE E 196 -18.61 15.48 13.38
C PHE E 196 -17.32 14.69 13.62
N CYS E 197 -16.21 15.18 13.09
CA CYS E 197 -14.91 14.71 13.60
C CYS E 197 -14.65 15.39 14.94
N ALA E 198 -14.30 14.58 15.94
CA ALA E 198 -14.08 15.12 17.27
C ALA E 198 -12.66 14.91 17.78
N GLU E 199 -11.69 15.07 16.89
CA GLU E 199 -10.27 15.12 17.26
C GLU E 199 -9.54 16.05 16.32
N LEU E 200 -9.07 17.18 16.86
CA LEU E 200 -8.39 18.20 16.04
C LEU E 200 -7.38 17.54 15.12
N CYS E 201 -7.65 17.63 13.82
CA CYS E 201 -6.86 16.93 12.81
C CYS E 201 -6.22 17.88 11.79
N GLY E 202 -6.44 19.18 11.96
CA GLY E 202 -5.85 20.17 11.07
C GLY E 202 -6.77 21.32 10.74
N ALA E 203 -6.40 22.10 9.72
CA ALA E 203 -7.11 23.34 9.42
C ALA E 203 -8.60 23.14 9.10
N SER E 204 -8.97 21.96 8.61
CA SER E 204 -10.36 21.72 8.25
C SER E 204 -11.06 20.72 9.18
N HIS E 205 -10.52 20.57 10.38
CA HIS E 205 -11.15 19.80 11.44
C HIS E 205 -12.64 20.14 11.57
N ALA E 206 -12.95 21.44 11.57
CA ALA E 206 -14.33 21.89 11.72
C ALA E 206 -15.15 21.66 10.46
N ARG E 207 -14.50 21.19 9.41
CA ARG E 207 -15.18 20.94 8.14
C ARG E 207 -15.12 19.46 7.77
N MET E 208 -14.88 18.61 8.76
CA MET E 208 -14.81 17.17 8.52
C MET E 208 -16.06 16.53 9.09
N LEU E 209 -17.19 16.82 8.45
CA LEU E 209 -18.45 16.37 9.00
C LEU E 209 -19.00 15.21 8.17
N PHE E 210 -20.18 14.73 8.55
CA PHE E 210 -20.82 13.66 7.80
C PHE E 210 -22.30 13.57 8.20
N ARG E 211 -23.01 12.64 7.58
CA ARG E 211 -24.40 12.37 7.94
C ARG E 211 -24.55 10.88 8.15
N VAL E 212 -25.34 10.51 9.17
CA VAL E 212 -25.85 9.16 9.26
C VAL E 212 -27.32 9.20 8.80
N VAL E 213 -27.62 8.44 7.75
CA VAL E 213 -28.98 8.33 7.26
C VAL E 213 -29.59 7.05 7.80
N VAL E 214 -30.52 7.19 8.74
CA VAL E 214 -31.21 6.04 9.32
C VAL E 214 -32.58 5.84 8.67
N LEU E 215 -32.75 4.70 8.00
CA LEU E 215 -33.98 4.40 7.29
C LEU E 215 -34.67 3.21 7.91
N PRO E 216 -35.99 3.08 7.69
CA PRO E 216 -36.67 1.83 8.07
C PRO E 216 -35.97 0.66 7.40
N LYS E 217 -35.81 -0.46 8.10
CA LYS E 217 -35.07 -1.59 7.56
C LYS E 217 -35.46 -1.91 6.12
N GLU E 218 -36.76 -1.96 5.87
CA GLU E 218 -37.26 -2.28 4.53
C GLU E 218 -36.68 -1.34 3.48
N GLU E 219 -36.66 -0.06 3.78
CA GLU E 219 -36.13 0.93 2.85
C GLU E 219 -34.60 0.81 2.71
N PHE E 220 -33.90 0.48 3.80
CA PHE E 220 -32.46 0.32 3.72
C PHE E 220 -32.09 -0.82 2.77
N ASP E 221 -32.75 -1.97 2.93
CA ASP E 221 -32.51 -3.12 2.06
C ASP E 221 -32.72 -2.77 0.59
N ARG E 222 -33.62 -1.83 0.32
CA ARG E 222 -33.89 -1.40 -1.05
C ARG E 222 -32.74 -0.56 -1.60
N PHE E 223 -32.30 0.42 -0.83
CA PHE E 223 -31.21 1.30 -1.23
C PHE E 223 -29.94 0.53 -1.60
N VAL E 224 -29.59 -0.43 -0.75
CA VAL E 224 -28.40 -1.24 -0.99
C VAL E 224 -28.55 -2.14 -2.20
N GLU E 225 -29.74 -2.73 -2.35
CA GLU E 225 -30.01 -3.58 -3.51
C GLU E 225 -29.89 -2.79 -4.80
N ALA E 226 -30.56 -1.64 -4.88
CA ALA E 226 -30.47 -0.80 -6.07
C ALA E 226 -29.03 -0.35 -6.34
N ALA E 227 -28.30 -0.04 -5.27
CA ALA E 227 -26.91 0.39 -5.38
C ALA E 227 -26.04 -0.65 -6.08
N LYS E 228 -26.20 -1.91 -5.71
CA LYS E 228 -25.42 -3.00 -6.28
C LYS E 228 -26.07 -3.63 -7.53
N ALA E 229 -27.31 -3.27 -7.82
CA ALA E 229 -28.07 -3.90 -8.91
C ALA E 229 -27.52 -3.57 -10.29
N SER E 230 -27.29 -2.28 -10.54
CA SER E 230 -26.80 -1.82 -11.83
C SER E 230 -25.77 -0.71 -11.65
N PRO E 231 -25.00 -0.42 -12.70
CA PRO E 231 -23.97 0.62 -12.61
C PRO E 231 -24.59 1.99 -12.46
N ALA E 232 -23.78 2.96 -12.07
CA ALA E 232 -24.24 4.34 -11.99
C ALA E 232 -24.59 4.86 -13.38
N PRO E 233 -25.79 5.45 -13.52
CA PRO E 233 -26.24 5.99 -14.79
C PRO E 233 -25.30 7.07 -15.37
N VAL E 234 -25.40 7.28 -16.68
CA VAL E 234 -24.70 8.38 -17.34
C VAL E 234 -25.72 9.38 -17.86
N ALA E 235 -25.98 10.42 -17.06
CA ALA E 235 -27.02 11.39 -17.38
C ALA E 235 -26.56 12.47 -18.35
N ASP E 236 -25.26 12.53 -18.60
CA ASP E 236 -24.70 13.48 -19.55
C ASP E 236 -23.32 13.02 -20.01
N GLU E 237 -23.24 12.61 -21.27
CA GLU E 237 -22.03 12.01 -21.82
C GLU E 237 -20.85 12.97 -21.93
N ARG E 238 -21.09 14.21 -22.31
CA ARG E 238 -20.02 15.18 -22.35
C ARG E 238 -19.46 15.27 -20.93
N GLY E 239 -20.34 15.08 -19.95
CA GLY E 239 -19.99 15.14 -18.56
C GLY E 239 -19.11 13.98 -18.13
N GLN E 240 -19.43 12.78 -18.62
CA GLN E 240 -18.66 11.60 -18.26
C GLN E 240 -17.21 11.72 -18.74
N GLN E 241 -17.02 12.36 -19.89
CA GLN E 241 -15.68 12.53 -20.46
C GLN E 241 -14.88 13.57 -19.69
N VAL E 242 -15.54 14.65 -19.31
CA VAL E 242 -14.89 15.70 -18.54
C VAL E 242 -14.44 15.11 -17.19
N PHE E 243 -15.30 14.27 -16.63
CA PHE E 243 -15.01 13.57 -15.38
C PHE E 243 -13.81 12.64 -15.52
N GLN E 244 -13.71 12.01 -16.67
CA GLN E 244 -12.62 11.08 -16.95
C GLN E 244 -11.30 11.80 -17.14
N GLN E 245 -11.37 13.01 -17.69
CA GLN E 245 -10.17 13.81 -17.95
C GLN E 245 -9.68 14.58 -16.72
N ASN E 246 -10.56 14.83 -15.76
CA ASN E 246 -10.20 15.67 -14.62
C ASN E 246 -10.37 15.08 -13.23
N CYS E 247 -11.25 14.09 -13.09
CA CYS E 247 -11.70 13.65 -11.76
C CYS E 247 -11.47 12.18 -11.47
N ALA E 248 -11.63 11.35 -12.50
CA ALA E 248 -11.57 9.90 -12.33
C ALA E 248 -10.27 9.45 -11.67
N ALA E 249 -9.20 10.21 -11.89
CA ALA E 249 -7.91 9.92 -11.25
C ALA E 249 -8.03 9.79 -9.72
N CYS E 250 -8.90 10.58 -9.10
CA CYS E 250 -9.00 10.58 -7.65
C CYS E 250 -10.34 9.99 -7.15
N HIS E 251 -11.32 9.86 -8.03
CA HIS E 251 -12.68 9.48 -7.63
C HIS E 251 -13.27 8.26 -8.36
N GLY E 252 -13.68 7.25 -7.60
CA GLY E 252 -14.39 6.12 -8.18
C GLY E 252 -15.89 6.38 -8.28
N VAL E 253 -16.54 5.69 -9.20
CA VAL E 253 -18.00 5.79 -9.33
C VAL E 253 -18.65 4.41 -9.33
N ALA E 254 -17.84 3.40 -9.02
CA ALA E 254 -18.31 2.01 -9.07
C ALA E 254 -19.01 1.52 -7.80
N ARG E 255 -19.06 2.36 -6.77
CA ARG E 255 -19.76 2.03 -5.52
C ARG E 255 -19.16 0.81 -4.84
N SER E 256 -17.86 0.64 -5.04
CA SER E 256 -17.15 -0.45 -4.40
C SER E 256 -15.70 -0.02 -4.14
N MET E 257 -15.02 -0.74 -3.26
CA MET E 257 -13.65 -0.39 -2.90
C MET E 257 -12.69 -0.48 -4.08
N PRO E 258 -12.08 0.65 -4.44
CA PRO E 258 -11.04 0.67 -5.47
C PRO E 258 -9.75 0.08 -4.90
N PRO E 259 -8.79 -0.26 -5.77
CA PRO E 259 -7.50 -0.79 -5.32
C PRO E 259 -6.75 0.20 -4.43
N ALA E 260 -6.78 1.48 -4.78
CA ALA E 260 -6.21 2.52 -3.94
C ALA E 260 -7.21 3.66 -3.78
N VAL E 261 -7.50 4.02 -2.54
CA VAL E 261 -8.40 5.15 -2.26
C VAL E 261 -7.64 6.47 -2.28
N ILE E 262 -8.12 7.43 -3.05
CA ILE E 262 -7.58 8.77 -2.97
C ILE E 262 -8.65 9.72 -2.46
N GLY E 263 -9.74 9.83 -3.20
CA GLY E 263 -10.84 10.68 -2.81
C GLY E 263 -12.09 9.91 -2.49
N PRO E 264 -13.13 10.61 -2.05
CA PRO E 264 -14.42 9.97 -1.77
C PRO E 264 -15.07 9.29 -2.99
N GLU E 265 -15.91 8.31 -2.70
CA GLU E 265 -16.75 7.63 -3.69
C GLU E 265 -17.82 8.59 -4.19
N LEU E 266 -18.01 8.63 -5.51
CA LEU E 266 -19.00 9.53 -6.12
C LEU E 266 -20.14 8.79 -6.81
N GLY E 267 -20.11 7.46 -6.76
CA GLY E 267 -21.13 6.63 -7.38
C GLY E 267 -22.54 6.83 -6.85
N LEU E 268 -22.67 7.34 -5.63
CA LEU E 268 -23.97 7.63 -5.07
C LEU E 268 -24.09 9.11 -4.76
N TRP E 269 -23.39 9.94 -5.53
CA TRP E 269 -23.41 11.38 -5.31
C TRP E 269 -24.80 12.02 -5.31
N GLY E 270 -25.62 11.67 -6.31
CA GLY E 270 -26.94 12.23 -6.44
C GLY E 270 -27.88 11.94 -5.28
N ASN E 271 -27.50 10.99 -4.44
CA ASN E 271 -28.29 10.68 -3.25
C ASN E 271 -27.79 11.41 -2.00
N ARG E 272 -26.66 12.09 -2.15
CA ARG E 272 -25.99 12.79 -1.06
C ARG E 272 -26.78 14.06 -0.70
N THR E 273 -27.07 14.27 0.58
CA THR E 273 -27.82 15.47 0.97
C THR E 273 -26.88 16.65 1.12
N SER E 274 -25.61 16.36 1.36
CA SER E 274 -24.63 17.40 1.69
C SER E 274 -23.37 17.25 0.87
N LEU E 275 -22.53 18.28 0.89
CA LEU E 275 -21.31 18.33 0.08
C LEU E 275 -20.10 18.83 0.90
N GLY E 276 -18.92 18.29 0.57
CA GLY E 276 -17.67 18.75 1.16
C GLY E 276 -17.43 18.14 2.53
N ALA E 277 -17.82 16.87 2.66
CA ALA E 277 -17.85 16.23 3.97
C ALA E 277 -18.85 16.94 4.90
N GLY E 278 -20.08 17.09 4.40
CA GLY E 278 -21.21 17.50 5.20
C GLY E 278 -21.27 18.94 5.67
N ILE E 279 -20.63 19.86 4.94
CA ILE E 279 -20.57 21.24 5.42
C ILE E 279 -21.55 22.16 4.70
N VAL E 280 -22.05 21.71 3.57
CA VAL E 280 -22.94 22.53 2.75
C VAL E 280 -23.94 21.62 2.04
N GLU E 281 -25.11 22.16 1.71
CA GLU E 281 -26.11 21.41 0.95
C GLU E 281 -25.62 21.01 -0.44
N ASN E 282 -25.95 19.79 -0.84
CA ASN E 282 -25.69 19.34 -2.21
C ASN E 282 -26.69 19.96 -3.19
N THR E 283 -26.23 20.99 -3.91
CA THR E 283 -27.04 21.65 -4.92
C THR E 283 -26.09 21.97 -6.05
N PRO E 284 -26.63 22.10 -7.27
CA PRO E 284 -25.79 22.37 -8.44
C PRO E 284 -24.90 23.60 -8.24
N GLU E 285 -25.45 24.67 -7.67
CA GLU E 285 -24.69 25.88 -7.43
C GLU E 285 -23.56 25.69 -6.42
N ASN E 286 -23.85 24.97 -5.34
CA ASN E 286 -22.82 24.66 -4.35
C ASN E 286 -21.76 23.73 -4.93
N LEU E 287 -22.18 22.83 -5.81
CA LEU E 287 -21.25 21.89 -6.42
C LEU E 287 -20.27 22.59 -7.36
N LYS E 288 -20.77 23.58 -8.10
CA LYS E 288 -19.94 24.37 -9.00
C LYS E 288 -18.90 25.15 -8.20
N ALA E 289 -19.37 25.89 -7.21
CA ALA E 289 -18.48 26.66 -6.35
C ALA E 289 -17.40 25.76 -5.77
N TRP E 290 -17.81 24.58 -5.31
CA TRP E 290 -16.87 23.61 -4.75
C TRP E 290 -15.82 23.20 -5.79
N ILE E 291 -16.28 22.76 -6.95
CA ILE E 291 -15.39 22.33 -8.02
C ILE E 291 -14.41 23.43 -8.45
N ARG E 292 -14.89 24.66 -8.49
CA ARG E 292 -14.04 25.80 -8.85
C ARG E 292 -12.98 26.12 -7.79
N ASP E 293 -13.30 25.92 -6.51
CA ASP E 293 -12.35 26.26 -5.43
C ASP E 293 -12.67 25.60 -4.09
N PRO E 294 -12.35 24.32 -3.95
CA PRO E 294 -12.60 23.59 -2.70
C PRO E 294 -12.00 24.32 -1.49
N ALA E 295 -10.76 24.83 -1.64
CA ALA E 295 -10.06 25.44 -0.50
C ALA E 295 -10.81 26.63 0.06
N GLY E 296 -11.60 27.29 -0.78
CA GLY E 296 -12.41 28.41 -0.34
C GLY E 296 -13.46 27.97 0.66
N MET E 297 -13.74 26.67 0.70
CA MET E 297 -14.71 26.13 1.67
C MET E 297 -14.03 25.30 2.77
N LYS E 298 -12.90 24.69 2.44
CA LYS E 298 -12.14 23.89 3.39
C LYS E 298 -10.66 24.25 3.32
N PRO E 299 -10.23 25.14 4.21
CA PRO E 299 -8.82 25.48 4.32
C PRO E 299 -7.99 24.20 4.41
N GLY E 300 -6.94 24.10 3.61
CA GLY E 300 -6.04 22.95 3.66
C GLY E 300 -6.54 21.70 2.98
N VAL E 301 -7.66 21.81 2.25
CA VAL E 301 -8.24 20.64 1.58
C VAL E 301 -7.34 20.10 0.48
N LYS E 302 -7.35 18.78 0.30
CA LYS E 302 -6.41 18.14 -0.62
C LYS E 302 -6.99 17.88 -2.01
N MET E 303 -7.91 18.74 -2.43
CA MET E 303 -8.40 18.67 -3.80
C MET E 303 -8.16 20.00 -4.47
N PRO E 304 -7.56 19.97 -5.67
CA PRO E 304 -7.32 21.21 -6.42
C PRO E 304 -8.63 21.78 -6.92
N GLY E 305 -8.66 23.08 -7.14
CA GLY E 305 -9.78 23.70 -7.83
C GLY E 305 -9.67 23.54 -9.34
N PHE E 306 -10.76 23.80 -10.04
CA PHE E 306 -10.76 23.71 -11.50
C PHE E 306 -11.36 24.95 -12.15
N PRO E 307 -10.62 26.08 -12.08
CA PRO E 307 -11.08 27.38 -12.59
C PRO E 307 -11.02 27.50 -14.11
N GLN E 308 -10.20 26.69 -14.78
CA GLN E 308 -10.07 26.76 -16.23
C GLN E 308 -11.29 26.22 -16.98
N LEU E 309 -11.84 25.09 -16.51
CA LEU E 309 -13.00 24.46 -17.15
C LEU E 309 -13.97 25.48 -17.71
N SER E 310 -14.44 25.25 -18.94
CA SER E 310 -15.43 26.13 -19.53
C SER E 310 -16.75 25.96 -18.79
N GLU E 311 -17.56 27.02 -18.77
CA GLU E 311 -18.86 26.95 -18.14
C GLU E 311 -19.66 25.79 -18.70
N GLU E 312 -19.57 25.60 -20.01
CA GLU E 312 -20.27 24.51 -20.69
C GLU E 312 -19.86 23.14 -20.13
N ASP E 313 -18.56 22.95 -19.93
CA ASP E 313 -18.06 21.72 -19.35
C ASP E 313 -18.51 21.52 -17.90
N LEU E 314 -18.46 22.59 -17.10
CA LEU E 314 -18.83 22.51 -15.69
C LEU E 314 -20.29 22.11 -15.53
N ASP E 315 -21.16 22.71 -16.34
CA ASP E 315 -22.59 22.42 -16.25
C ASP E 315 -22.83 20.97 -16.66
N ALA E 316 -22.23 20.57 -17.79
CA ALA E 316 -22.32 19.19 -18.23
C ALA E 316 -21.81 18.23 -17.15
N LEU E 317 -20.68 18.58 -16.53
CA LEU E 317 -20.11 17.79 -15.45
C LEU E 317 -21.04 17.67 -14.24
N VAL E 318 -21.70 18.78 -13.89
CA VAL E 318 -22.64 18.76 -12.78
C VAL E 318 -23.85 17.87 -13.08
N ARG E 319 -24.34 17.93 -14.31
CA ARG E 319 -25.47 17.07 -14.68
C ARG E 319 -25.09 15.60 -14.52
N TYR E 320 -23.91 15.25 -15.00
CA TYR E 320 -23.41 13.88 -14.87
C TYR E 320 -23.26 13.47 -13.40
N LEU E 321 -22.60 14.30 -12.59
CA LEU E 321 -22.46 14.03 -11.17
C LEU E 321 -23.80 13.81 -10.47
N GLU E 322 -24.76 14.70 -10.72
CA GLU E 322 -26.06 14.58 -10.04
C GLU E 322 -26.85 13.37 -10.52
N GLY E 323 -26.44 12.80 -11.66
CA GLY E 323 -27.06 11.59 -12.18
C GLY E 323 -26.54 10.31 -11.57
N LEU E 324 -25.42 10.39 -10.85
CA LEU E 324 -24.86 9.22 -10.18
C LEU E 324 -25.64 8.87 -8.91
N LYS E 325 -26.70 8.08 -9.09
CA LYS E 325 -27.57 7.76 -7.96
C LYS E 325 -28.49 6.60 -8.24
N VAL E 326 -29.27 6.22 -7.23
CA VAL E 326 -30.36 5.28 -7.39
C VAL E 326 -31.67 5.99 -7.11
N GLU E 327 -32.72 5.60 -7.85
CA GLU E 327 -33.99 6.30 -7.80
C GLU E 327 -34.87 5.90 -6.62
N GLY E 328 -35.77 6.81 -6.23
CA GLY E 328 -36.80 6.50 -5.26
C GLY E 328 -36.45 6.74 -3.79
N PHE E 329 -35.52 7.65 -3.54
CA PHE E 329 -35.11 7.98 -2.18
C PHE E 329 -35.06 9.48 -1.95
N ASP E 330 -35.48 9.92 -0.77
CA ASP E 330 -35.46 11.33 -0.42
C ASP E 330 -34.99 11.52 1.01
N PHE E 331 -33.67 11.46 1.19
CA PHE E 331 -33.09 11.53 2.53
C PHE E 331 -33.30 12.89 3.19
N GLY E 332 -33.46 13.93 2.38
CA GLY E 332 -33.70 15.27 2.88
C GLY E 332 -35.06 15.49 3.53
N ALA E 333 -35.93 14.49 3.44
CA ALA E 333 -37.27 14.61 4.01
C ALA E 333 -37.38 13.95 5.38
N LEU E 334 -36.31 13.26 5.79
CA LEU E 334 -36.27 12.63 7.11
C LEU E 334 -36.21 13.70 8.21
N PRO E 335 -36.69 13.35 9.42
CA PRO E 335 -36.54 14.28 10.54
C PRO E 335 -35.05 14.53 10.79
N LYS E 336 -34.72 15.76 11.17
CA LYS E 336 -33.33 16.16 11.26
C LYS E 336 -32.78 16.19 12.68
N PHE E 337 -31.75 15.36 12.89
CA PHE E 337 -31.15 15.15 14.21
C PHE E 337 -29.63 15.32 14.18
N VAL F 2 -8.03 -7.71 40.29
CA VAL F 2 -6.73 -8.07 40.86
C VAL F 2 -5.61 -7.16 40.36
N TYR F 3 -5.65 -6.84 39.07
CA TYR F 3 -4.61 -6.01 38.46
C TYR F 3 -4.73 -4.55 38.90
N ILE F 4 -5.97 -4.08 39.09
CA ILE F 4 -6.18 -2.72 39.57
C ILE F 4 -5.67 -2.56 40.99
N ALA F 5 -5.86 -3.59 41.81
CA ALA F 5 -5.34 -3.61 43.17
C ALA F 5 -3.82 -3.65 43.15
N LEU F 6 -3.27 -4.34 42.16
CA LEU F 6 -1.81 -4.43 42.00
C LEU F 6 -1.24 -3.06 41.64
N PHE F 7 -1.99 -2.32 40.82
CA PHE F 7 -1.59 -0.98 40.43
C PHE F 7 -1.63 -0.05 41.64
N ALA F 8 -2.71 -0.16 42.42
CA ALA F 8 -2.84 0.62 43.64
C ALA F 8 -1.69 0.31 44.58
N LEU F 9 -1.39 -0.98 44.75
CA LEU F 9 -0.28 -1.41 45.60
C LEU F 9 1.05 -0.82 45.14
N GLY F 10 1.26 -0.78 43.82
CA GLY F 10 2.45 -0.17 43.25
C GLY F 10 2.57 1.30 43.62
N ALA F 11 1.48 2.04 43.45
CA ALA F 11 1.47 3.46 43.79
C ALA F 11 1.74 3.70 45.27
N ALA F 12 1.20 2.82 46.12
CA ALA F 12 1.39 2.94 47.55
C ALA F 12 2.86 2.72 47.90
N LEU F 13 3.50 1.78 47.23
CA LEU F 13 4.90 1.46 47.51
C LEU F 13 5.80 2.58 47.04
N VAL F 14 5.49 3.14 45.87
CA VAL F 14 6.20 4.32 45.37
C VAL F 14 6.07 5.45 46.39
N THR F 15 4.85 5.65 46.89
CA THR F 15 4.59 6.69 47.87
C THR F 15 5.38 6.42 49.15
N LEU F 16 5.25 5.21 49.69
CA LEU F 16 5.92 4.83 50.92
C LEU F 16 7.44 5.00 50.84
N PHE F 17 8.05 4.49 49.78
CA PHE F 17 9.50 4.61 49.64
C PHE F 17 9.98 6.05 49.45
N PHE F 18 9.17 6.88 48.80
CA PHE F 18 9.48 8.31 48.75
C PHE F 18 9.47 8.91 50.15
N TYR F 19 8.46 8.55 50.94
CA TYR F 19 8.38 9.05 52.30
C TYR F 19 9.58 8.61 53.14
N LEU F 20 9.90 7.32 53.10
CA LEU F 20 10.99 6.77 53.92
C LEU F 20 12.33 7.47 53.72
N ILE F 21 12.55 7.98 52.52
CA ILE F 21 13.87 8.51 52.17
C ILE F 21 13.92 10.04 52.08
N LEU F 22 12.76 10.70 52.06
CA LEU F 22 12.71 12.14 51.82
C LEU F 22 12.06 12.99 52.92
N ASN F 23 11.59 12.35 53.99
CA ASN F 23 11.05 13.10 55.12
C ASN F 23 12.16 13.85 55.85
N PRO F 24 11.82 14.95 56.53
CA PRO F 24 12.77 15.84 57.20
C PRO F 24 13.70 15.14 58.19
N ARG F 25 13.16 14.20 58.96
CA ARG F 25 13.96 13.50 59.97
C ARG F 25 15.05 12.62 59.36
N VAL F 26 14.70 11.88 58.31
CA VAL F 26 15.66 11.00 57.67
C VAL F 26 16.76 11.79 56.96
N LEU F 27 16.41 12.96 56.42
CA LEU F 27 17.37 13.75 55.68
C LEU F 27 18.43 14.42 56.58
N THR F 28 18.18 14.45 57.89
CA THR F 28 19.16 14.97 58.83
C THR F 28 20.23 13.93 59.18
N THR F 29 20.01 12.68 58.77
CA THR F 29 20.96 11.60 58.96
C THR F 29 22.34 12.00 58.44
N GLU F 30 23.39 11.72 59.22
CA GLU F 30 24.74 12.07 58.82
C GLU F 30 25.60 10.86 58.50
N GLY F 31 26.62 11.06 57.67
CA GLY F 31 27.48 9.98 57.23
C GLY F 31 27.64 9.99 55.72
N GLU F 32 28.84 9.67 55.25
CA GLU F 32 29.11 9.63 53.81
C GLU F 32 28.28 8.54 53.14
N THR F 33 27.80 7.60 53.95
CA THR F 33 27.08 6.42 53.46
C THR F 33 25.59 6.70 53.17
N PHE F 34 25.08 7.81 53.69
CA PHE F 34 23.68 8.17 53.44
C PHE F 34 23.44 8.50 51.98
N ASP F 35 24.42 9.12 51.32
CA ASP F 35 24.34 9.42 49.90
C ASP F 35 24.08 8.15 49.09
N LEU F 36 24.77 7.08 49.46
CA LEU F 36 24.59 5.80 48.77
C LEU F 36 23.21 5.21 49.07
N ARG F 37 22.82 5.24 50.34
CA ARG F 37 21.48 4.81 50.74
C ARG F 37 20.40 5.55 49.94
N PHE F 38 20.45 6.89 49.98
CA PHE F 38 19.51 7.74 49.26
C PHE F 38 19.41 7.32 47.79
N VAL F 39 20.55 7.15 47.15
CA VAL F 39 20.60 6.85 45.72
C VAL F 39 20.08 5.45 45.38
N LEU F 40 20.36 4.47 46.23
CA LEU F 40 19.82 3.13 46.04
C LEU F 40 18.29 3.07 46.17
N PHE F 41 17.72 3.92 47.03
CA PHE F 41 16.27 4.06 47.09
C PHE F 41 15.72 4.58 45.76
N MET F 42 16.40 5.57 45.18
CA MET F 42 16.02 6.11 43.87
C MET F 42 16.05 5.00 42.82
N LEU F 43 17.08 4.16 42.87
CA LEU F 43 17.15 3.03 41.95
C LEU F 43 15.90 2.17 42.07
N LEU F 44 15.53 1.86 43.31
CA LEU F 44 14.35 1.06 43.58
C LEU F 44 13.06 1.78 43.17
N LEU F 45 13.03 3.09 43.34
CA LEU F 45 11.88 3.90 42.97
C LEU F 45 11.67 3.90 41.45
N ILE F 46 12.76 3.92 40.69
CA ILE F 46 12.66 3.84 39.24
C ILE F 46 11.98 2.52 38.84
N LEU F 47 12.45 1.42 39.40
CA LEU F 47 11.86 0.12 39.12
C LEU F 47 10.38 0.06 39.50
N LEU F 48 10.06 0.50 40.72
CA LEU F 48 8.68 0.47 41.20
C LEU F 48 7.76 1.30 40.32
N ALA F 49 8.14 2.56 40.10
CA ALA F 49 7.35 3.46 39.26
C ALA F 49 7.20 2.94 37.81
N ALA F 50 8.30 2.54 37.19
CA ALA F 50 8.25 2.04 35.81
C ALA F 50 7.31 0.84 35.71
N GLY F 51 7.50 -0.13 36.61
CA GLY F 51 6.69 -1.34 36.60
C GLY F 51 5.21 -1.05 36.85
N THR F 52 4.94 -0.11 37.74
CA THR F 52 3.55 0.23 38.06
C THR F 52 2.87 0.82 36.83
N VAL F 53 3.54 1.76 36.17
CA VAL F 53 2.99 2.39 34.98
C VAL F 53 2.91 1.40 33.79
N ALA F 54 3.93 0.59 33.63
CA ALA F 54 3.94 -0.41 32.57
C ALA F 54 2.76 -1.36 32.73
N LEU F 55 2.51 -1.78 33.97
CA LEU F 55 1.38 -2.65 34.28
C LEU F 55 0.08 -2.09 33.69
N MET F 56 -0.22 -0.83 34.01
CA MET F 56 -1.44 -0.21 33.54
C MET F 56 -1.51 -0.08 32.01
N LEU F 57 -0.40 0.26 31.37
CA LEU F 57 -0.35 0.33 29.90
C LEU F 57 -0.70 -1.02 29.28
N LEU F 58 -0.17 -2.11 29.85
CA LEU F 58 -0.49 -3.44 29.36
C LEU F 58 -1.95 -3.81 29.60
N ILE F 59 -2.48 -3.47 30.77
CA ILE F 59 -3.91 -3.63 31.03
C ILE F 59 -4.73 -2.92 29.95
N GLY F 60 -4.21 -1.80 29.47
CA GLY F 60 -4.88 -1.04 28.41
C GLY F 60 -5.07 -1.83 27.13
N LYS F 61 -4.21 -2.82 26.90
CA LYS F 61 -4.28 -3.65 25.69
C LYS F 61 -4.90 -5.01 25.95
N ALA F 62 -5.26 -5.27 27.19
CA ALA F 62 -5.85 -6.56 27.55
C ALA F 62 -7.37 -6.54 27.43
N HIS F 63 -7.86 -6.55 26.20
CA HIS F 63 -9.30 -6.54 25.94
C HIS F 63 -9.95 -7.85 26.34
#